data_6SFW
#
_entry.id   6SFW
#
_cell.length_a   1.00
_cell.length_b   1.00
_cell.length_c   1.00
_cell.angle_alpha   90.00
_cell.angle_beta   90.00
_cell.angle_gamma   90.00
#
_symmetry.space_group_name_H-M   'P 1'
#
_entity_poly.entity_id   1
_entity_poly.type   'polypeptide(L)'
_entity_poly.pdbx_seq_one_letter_code
;MFKFNDEKVQLKCSFCGKTQDQVRKLVAGPGVYICDECIELCNEIIEEELGISEFVDFGEVPKPQEIRHILSDYVIGQER
AKKALAVAVYNHYKRINSNETKEDEVELSKSNICLIGPTGSGKTLLAQTLARILNVPFAIADATSLTEAGYVGEDVENIL
LKLIQSADYDVEKAEKGIIYIDQIDKVARKSENPSITRDVSGEGVQQALLKILEGTVASVPPQGGRKHPHQELIQIDTGN
ILFIVGGAFDGIEQIVKNRMGEKVIGFGTDNAKLKDDETYLSRVVPEDLLKFGLIPEFIGRLPVIATLEQLDEAALVSIL
TEPKNALVKQYKRMLELDDVELEFEPTALIEIAKEAIERKTGARGLRSIIEQIMLEVMFEIPSRDDITKCIITEKAARGE
EEPQLQLEDGSIIPIKTSA
;
_entity_poly.pdbx_strand_id   O,P,Q,R,S,T
#
# COMPACT_ATOMS: atom_id res chain seq x y z
N GLU A 60 -24.89 36.37 35.62
CA GLU A 60 -23.70 35.62 36.10
C GLU A 60 -23.32 34.59 35.05
N VAL A 61 -22.12 34.03 35.20
CA VAL A 61 -21.72 32.95 34.28
C VAL A 61 -22.42 31.65 34.68
N PRO A 62 -23.06 30.93 33.72
CA PRO A 62 -23.84 29.73 34.05
C PRO A 62 -23.06 28.68 34.85
N LYS A 63 -23.67 28.25 35.94
CA LYS A 63 -22.97 27.44 36.96
C LYS A 63 -22.69 26.02 36.42
N PRO A 64 -21.61 25.37 36.87
CA PRO A 64 -21.42 23.96 36.49
C PRO A 64 -22.56 23.07 36.95
N GLN A 65 -23.10 23.37 38.12
CA GLN A 65 -24.20 22.57 38.69
C GLN A 65 -25.46 22.68 37.82
N GLU A 66 -25.87 23.90 37.43
CA GLU A 66 -27.10 24.00 36.63
C GLU A 66 -26.89 23.49 35.21
N ILE A 67 -25.67 23.60 34.68
CA ILE A 67 -25.33 22.93 33.42
C ILE A 67 -25.43 21.41 33.56
N ARG A 68 -24.79 20.83 34.58
CA ARG A 68 -24.90 19.38 34.80
C ARG A 68 -26.35 18.98 35.07
N HIS A 69 -27.10 19.80 35.79
CA HIS A 69 -28.54 19.56 35.99
C HIS A 69 -29.30 19.51 34.65
N ILE A 70 -29.23 20.56 33.83
CA ILE A 70 -30.08 20.57 32.62
C ILE A 70 -29.56 19.57 31.57
N LEU A 71 -28.26 19.32 31.52
CA LEU A 71 -27.81 18.22 30.64
C LEU A 71 -28.16 16.84 31.18
N SER A 72 -28.29 16.67 32.50
CA SER A 72 -28.86 15.43 33.03
C SER A 72 -30.37 15.36 32.79
N ASP A 73 -31.00 16.47 32.37
CA ASP A 73 -32.33 16.37 31.79
C ASP A 73 -32.26 15.76 30.39
N TYR A 74 -31.26 16.15 29.61
CA TYR A 74 -31.19 15.63 28.22
C TYR A 74 -30.62 14.22 28.10
N VAL A 75 -29.46 13.98 28.70
CA VAL A 75 -28.87 12.63 28.75
C VAL A 75 -28.75 12.26 30.21
N ILE A 76 -29.54 11.27 30.60
CA ILE A 76 -29.51 10.78 31.98
C ILE A 76 -28.23 9.94 32.17
N GLY A 77 -27.58 10.11 33.32
CA GLY A 77 -26.32 9.40 33.59
C GLY A 77 -25.12 10.13 32.96
N GLN A 78 -23.94 9.53 33.10
CA GLN A 78 -22.67 10.16 32.66
C GLN A 78 -22.43 11.51 33.38
N GLU A 79 -22.68 11.51 34.69
CA GLU A 79 -22.46 12.70 35.50
C GLU A 79 -21.00 13.15 35.55
N ARG A 80 -20.02 12.22 35.54
CA ARG A 80 -18.61 12.62 35.41
C ARG A 80 -18.38 13.54 34.21
N ALA A 81 -18.85 13.14 33.03
CA ALA A 81 -18.60 13.96 31.85
C ALA A 81 -19.28 15.32 31.98
N LYS A 82 -20.54 15.35 32.44
CA LYS A 82 -21.18 16.65 32.70
C LYS A 82 -20.43 17.48 33.73
N LYS A 83 -20.02 16.88 34.85
CA LYS A 83 -19.34 17.66 35.90
C LYS A 83 -18.02 18.24 35.40
N ALA A 84 -17.28 17.49 34.58
CA ALA A 84 -16.00 17.98 34.05
C ALA A 84 -16.21 19.04 32.95
N LEU A 85 -17.13 18.79 32.01
CA LEU A 85 -17.35 19.79 30.96
C LEU A 85 -17.97 21.06 31.56
N ALA A 86 -18.86 20.90 32.55
CA ALA A 86 -19.48 22.04 33.21
C ALA A 86 -18.46 22.88 33.99
N VAL A 87 -17.49 22.24 34.62
CA VAL A 87 -16.40 22.99 35.27
C VAL A 87 -15.51 23.65 34.23
N ALA A 88 -15.17 22.94 33.16
CA ALA A 88 -14.37 23.56 32.10
C ALA A 88 -15.09 24.79 31.55
N VAL A 89 -16.33 24.63 31.08
CA VAL A 89 -17.04 25.75 30.47
C VAL A 89 -17.33 26.87 31.46
N TYR A 90 -17.69 26.57 32.71
CA TYR A 90 -17.85 27.67 33.68
C TYR A 90 -16.52 28.39 33.93
N ASN A 91 -15.43 27.65 34.06
CA ASN A 91 -14.13 28.29 34.25
C ASN A 91 -13.77 29.12 33.02
N HIS A 92 -13.89 28.55 31.83
CA HIS A 92 -13.56 29.32 30.62
C HIS A 92 -14.52 30.51 30.43
N TYR A 93 -15.82 30.33 30.61
CA TYR A 93 -16.72 31.48 30.47
C TYR A 93 -16.51 32.53 31.56
N LYS A 94 -16.15 32.11 32.77
CA LYS A 94 -15.77 33.09 33.80
C LYS A 94 -14.43 33.74 33.48
N ARG A 95 -13.49 33.02 32.85
CA ARG A 95 -12.26 33.66 32.37
C ARG A 95 -12.55 34.67 31.26
N ILE A 96 -13.43 34.36 30.31
CA ILE A 96 -13.81 35.38 29.29
C ILE A 96 -14.60 36.54 29.90
N ASN A 97 -15.57 36.26 30.75
CA ASN A 97 -16.35 37.32 31.39
C ASN A 97 -15.47 38.15 32.37
N SER A 98 -14.42 37.58 32.94
CA SER A 98 -13.39 38.36 33.67
C SER A 98 -12.56 39.19 32.71
N ASN A 99 -12.02 38.54 31.65
CA ASN A 99 -11.58 39.30 30.48
C ASN A 99 -11.16 38.24 29.43
N GLU A 100 -10.11 37.45 29.81
CA GLU A 100 -9.48 36.36 29.04
C GLU A 100 -8.82 35.41 30.02
N THR A 101 -8.03 35.99 30.96
CA THR A 101 -7.43 35.44 32.20
C THR A 101 -6.63 36.57 32.89
N LYS A 102 -6.51 36.62 34.24
CA LYS A 102 -5.90 37.79 34.95
C LYS A 102 -4.36 37.74 35.13
N GLU A 103 -3.82 38.83 35.73
CA GLU A 103 -2.39 39.04 36.05
C GLU A 103 -1.97 38.42 37.41
N ASP A 104 -0.75 38.73 37.86
CA ASP A 104 -0.03 38.01 38.95
C ASP A 104 0.32 36.56 38.51
N GLU A 105 0.69 36.43 37.22
CA GLU A 105 1.11 35.17 36.56
C GLU A 105 0.12 34.00 36.66
N VAL A 106 -1.18 34.29 36.69
CA VAL A 106 -2.17 33.24 36.36
C VAL A 106 -1.99 32.90 34.87
N GLU A 107 -1.36 31.77 34.58
CA GLU A 107 -1.19 31.36 33.17
C GLU A 107 -2.53 31.15 32.45
N LEU A 108 -2.49 31.32 31.13
CA LEU A 108 -3.72 31.28 30.35
C LEU A 108 -4.20 29.83 30.13
N SER A 109 -5.19 29.40 30.91
CA SER A 109 -5.78 28.05 30.74
C SER A 109 -6.50 27.87 29.40
N LYS A 110 -6.35 26.66 28.84
CA LYS A 110 -7.15 26.25 27.67
C LYS A 110 -8.59 25.94 28.09
N SER A 111 -8.75 25.04 29.07
CA SER A 111 -10.04 24.52 29.55
C SER A 111 -10.91 23.98 28.41
N ASN A 112 -10.40 22.92 27.77
CA ASN A 112 -11.09 22.21 26.69
C ASN A 112 -11.12 20.73 27.02
N ILE A 113 -12.12 20.06 26.46
CA ILE A 113 -12.46 18.68 26.84
C ILE A 113 -12.39 17.72 25.65
N CYS A 114 -11.95 16.50 25.92
CA CYS A 114 -12.12 15.41 24.97
C CYS A 114 -13.18 14.45 25.51
N LEU A 115 -14.18 14.10 24.70
CA LEU A 115 -15.31 13.28 25.21
C LEU A 115 -15.06 11.80 24.94
N ILE A 116 -14.72 11.04 25.98
CA ILE A 116 -14.37 9.62 25.80
C ILE A 116 -15.51 8.71 26.26
N GLY A 117 -16.13 7.96 25.37
CA GLY A 117 -17.03 6.93 25.89
C GLY A 117 -17.67 6.09 24.79
N PRO A 118 -18.29 4.97 25.17
CA PRO A 118 -18.89 4.06 24.19
C PRO A 118 -19.88 4.73 23.25
N THR A 119 -20.15 4.04 22.14
CA THR A 119 -21.00 4.63 21.10
C THR A 119 -22.45 4.80 21.54
N GLY A 120 -23.17 5.73 20.89
CA GLY A 120 -24.61 5.88 21.18
C GLY A 120 -24.86 6.31 22.62
N SER A 121 -24.21 7.40 23.01
CA SER A 121 -24.43 7.95 24.35
C SER A 121 -25.02 9.36 24.28
N GLY A 122 -25.40 9.81 23.09
CA GLY A 122 -25.70 11.23 22.95
C GLY A 122 -24.53 12.13 23.33
N LYS A 123 -23.27 11.71 23.23
CA LYS A 123 -22.20 12.65 23.70
C LYS A 123 -22.06 13.84 22.75
N THR A 124 -22.26 13.62 21.45
CA THR A 124 -22.39 14.77 20.56
C THR A 124 -23.68 15.53 20.90
N LEU A 125 -24.76 14.79 21.12
CA LEU A 125 -26.05 15.39 21.48
C LEU A 125 -25.99 16.18 22.81
N LEU A 126 -25.07 15.82 23.69
CA LEU A 126 -24.93 16.51 24.95
C LEU A 126 -24.31 17.89 24.76
N ALA A 127 -23.22 17.97 24.00
CA ALA A 127 -22.64 19.30 23.72
C ALA A 127 -23.56 20.13 22.83
N GLN A 128 -24.24 19.47 21.89
CA GLN A 128 -25.26 20.16 21.09
C GLN A 128 -26.40 20.70 21.97
N THR A 129 -26.99 19.86 22.82
CA THR A 129 -28.04 20.35 23.73
C THR A 129 -27.50 21.40 24.70
N LEU A 130 -26.22 21.32 25.11
CA LEU A 130 -25.68 22.43 25.92
C LEU A 130 -25.57 23.73 25.12
N ALA A 131 -25.16 23.65 23.84
CA ALA A 131 -25.21 24.84 23.00
C ALA A 131 -26.66 25.35 22.87
N ARG A 132 -27.65 24.44 22.77
CA ARG A 132 -29.09 24.83 22.76
C ARG A 132 -29.58 25.37 24.11
N ILE A 133 -28.92 25.04 25.23
CA ILE A 133 -29.27 25.61 26.54
C ILE A 133 -28.65 26.99 26.68
N LEU A 134 -27.33 27.09 26.53
CA LEU A 134 -26.62 28.37 26.72
C LEU A 134 -26.80 29.36 25.56
N ASN A 135 -27.26 28.88 24.41
CA ASN A 135 -27.40 29.65 23.15
C ASN A 135 -26.09 30.32 22.73
N VAL A 136 -24.98 29.70 23.13
CA VAL A 136 -23.64 30.18 22.75
C VAL A 136 -23.31 29.70 21.33
N PRO A 137 -22.39 30.38 20.64
CA PRO A 137 -21.91 29.91 19.33
C PRO A 137 -21.42 28.47 19.37
N PHE A 138 -21.81 27.67 18.38
CA PHE A 138 -21.38 26.27 18.27
C PHE A 138 -20.71 26.05 16.91
N ALA A 139 -19.51 25.48 16.93
CA ALA A 139 -18.80 25.15 15.71
C ALA A 139 -18.65 23.64 15.61
N ILE A 140 -18.61 23.14 14.38
CA ILE A 140 -18.45 21.69 14.21
C ILE A 140 -17.58 21.43 12.97
N ALA A 141 -16.73 20.40 13.08
CA ALA A 141 -15.98 19.84 11.95
C ALA A 141 -15.47 18.44 12.31
N ASP A 142 -14.81 17.82 11.34
CA ASP A 142 -14.27 16.48 11.52
C ASP A 142 -12.79 16.40 11.18
N ALA A 143 -12.00 15.84 12.10
CA ALA A 143 -10.54 15.91 11.97
C ALA A 143 -9.96 15.02 10.83
N THR A 144 -10.77 14.16 10.21
CA THR A 144 -10.27 13.38 9.05
C THR A 144 -9.83 14.28 7.89
N SER A 145 -10.64 15.28 7.50
CA SER A 145 -10.20 16.23 6.45
C SER A 145 -9.12 17.20 6.98
N LEU A 146 -9.11 17.51 8.28
CA LEU A 146 -7.96 18.22 8.87
C LEU A 146 -6.65 17.42 8.76
N THR A 147 -6.71 16.10 8.55
CA THR A 147 -5.47 15.33 8.28
C THR A 147 -4.98 15.55 6.85
N GLU A 148 -5.86 16.04 5.98
CA GLU A 148 -5.50 16.35 4.59
C GLU A 148 -4.93 17.77 4.50
N ALA A 149 -3.74 17.85 3.93
CA ALA A 149 -3.02 19.12 3.81
C ALA A 149 -3.75 20.15 2.91
N GLY A 150 -3.41 21.43 3.10
CA GLY A 150 -4.18 22.53 2.48
C GLY A 150 -5.48 22.75 3.26
N TYR A 151 -6.41 21.79 3.12
CA TYR A 151 -7.77 21.88 3.69
C TYR A 151 -7.80 21.99 5.22
N VAL A 152 -6.65 21.80 5.87
CA VAL A 152 -6.48 22.08 7.30
C VAL A 152 -6.98 23.48 7.67
N GLY A 153 -6.36 24.52 7.12
CA GLY A 153 -6.81 25.87 7.50
C GLY A 153 -8.16 26.22 6.88
N GLU A 154 -8.59 25.47 5.87
CA GLU A 154 -9.90 25.70 5.26
C GLU A 154 -11.05 25.19 6.13
N ASP A 155 -10.86 24.04 6.75
CA ASP A 155 -11.84 23.54 7.71
C ASP A 155 -11.78 24.35 9.02
N VAL A 156 -10.59 24.85 9.40
CA VAL A 156 -10.49 25.84 10.50
C VAL A 156 -11.28 27.11 10.15
N GLU A 157 -11.19 27.56 8.90
CA GLU A 157 -12.04 28.69 8.48
C GLU A 157 -13.54 28.33 8.51
N ASN A 158 -13.93 27.11 8.08
CA ASN A 158 -15.35 26.69 8.18
C ASN A 158 -15.85 26.62 9.65
N ILE A 159 -15.00 26.15 10.56
CA ILE A 159 -15.28 26.23 12.01
C ILE A 159 -15.47 27.68 12.44
N LEU A 160 -14.51 28.53 12.08
CA LEU A 160 -14.43 29.89 12.64
C LEU A 160 -15.52 30.81 12.07
N LEU A 161 -15.87 30.67 10.78
CA LEU A 161 -17.03 31.42 10.26
C LEU A 161 -18.34 30.93 10.92
N LYS A 162 -18.51 29.61 11.09
CA LYS A 162 -19.72 29.08 11.75
C LYS A 162 -19.83 29.57 13.21
N LEU A 163 -18.71 29.69 13.92
CA LEU A 163 -18.73 30.29 15.25
C LEU A 163 -19.00 31.81 15.22
N ILE A 164 -18.36 32.55 14.29
CA ILE A 164 -18.48 34.01 14.35
C ILE A 164 -19.86 34.49 13.89
N GLN A 165 -20.43 33.89 12.84
CA GLN A 165 -21.78 34.32 12.44
C GLN A 165 -22.85 33.86 13.45
N SER A 166 -22.62 32.76 14.17
CA SER A 166 -23.54 32.39 15.27
C SER A 166 -23.33 33.24 16.54
N ALA A 167 -22.20 33.96 16.65
CA ALA A 167 -22.00 34.97 17.72
C ALA A 167 -22.67 36.33 17.47
N ASP A 168 -23.25 36.56 16.28
CA ASP A 168 -23.67 37.91 15.84
C ASP A 168 -22.48 38.90 15.88
N TYR A 169 -21.30 38.38 15.50
CA TYR A 169 -20.00 39.09 15.50
C TYR A 169 -19.58 39.64 16.89
N ASP A 170 -20.24 39.23 17.98
CA ASP A 170 -19.80 39.66 19.32
C ASP A 170 -18.49 38.95 19.73
N VAL A 171 -17.48 39.75 20.10
CA VAL A 171 -16.20 39.19 20.57
C VAL A 171 -16.34 38.40 21.89
N GLU A 172 -17.27 38.77 22.77
CA GLU A 172 -17.41 37.98 24.02
C GLU A 172 -18.18 36.68 23.78
N LYS A 173 -19.15 36.64 22.85
CA LYS A 173 -19.85 35.36 22.65
C LYS A 173 -19.06 34.43 21.74
N ALA A 174 -18.33 34.94 20.75
CA ALA A 174 -17.38 34.07 20.03
C ALA A 174 -16.18 33.69 20.91
N GLU A 175 -15.74 34.54 21.86
CA GLU A 175 -14.81 34.03 22.89
C GLU A 175 -15.48 32.96 23.78
N LYS A 176 -16.73 33.16 24.18
CA LYS A 176 -17.48 32.07 24.83
C LYS A 176 -18.03 31.03 23.82
N GLY A 177 -17.43 30.89 22.63
CA GLY A 177 -17.92 29.89 21.67
C GLY A 177 -17.56 28.47 22.09
N ILE A 178 -18.34 27.51 21.59
CA ILE A 178 -18.07 26.07 21.69
C ILE A 178 -17.62 25.59 20.32
N ILE A 179 -16.54 24.82 20.27
CA ILE A 179 -16.07 24.27 18.99
C ILE A 179 -15.97 22.75 19.12
N TYR A 180 -16.97 22.05 18.62
CA TYR A 180 -16.93 20.59 18.60
C TYR A 180 -16.11 20.07 17.42
N ILE A 181 -15.29 19.06 17.69
CA ILE A 181 -14.52 18.32 16.69
C ILE A 181 -14.83 16.84 16.91
N ASP A 182 -14.91 16.08 15.83
CA ASP A 182 -15.43 14.71 15.94
C ASP A 182 -14.55 13.71 15.17
N GLN A 183 -14.79 12.43 15.42
CA GLN A 183 -14.15 11.30 14.71
C GLN A 183 -12.62 11.28 14.82
N ILE A 184 -12.11 11.73 15.95
CA ILE A 184 -10.66 11.62 16.21
C ILE A 184 -10.20 10.14 16.18
N ASP A 185 -11.07 9.21 16.58
CA ASP A 185 -10.79 7.77 16.45
C ASP A 185 -10.48 7.34 15.01
N LYS A 186 -11.02 8.05 14.02
CA LYS A 186 -10.84 7.66 12.60
C LYS A 186 -9.47 8.06 12.04
N VAL A 187 -8.72 8.92 12.73
CA VAL A 187 -7.36 9.27 12.28
C VAL A 187 -6.31 8.64 13.19
N ALA A 188 -6.40 8.90 14.49
CA ALA A 188 -5.29 8.66 15.40
C ALA A 188 -5.28 7.25 15.95
N ARG A 189 -4.16 6.56 15.73
CA ARG A 189 -4.04 5.14 16.12
C ARG A 189 -2.80 4.93 17.00
N LYS A 190 -1.64 5.34 16.48
CA LYS A 190 -0.29 5.03 17.05
C LYS A 190 -0.19 3.61 17.63
N GLY A 202 2.28 8.09 11.30
CA GLY A 202 1.79 9.26 12.07
C GLY A 202 0.39 9.77 11.69
N GLU A 203 0.05 10.97 12.22
CA GLU A 203 -1.21 11.65 11.86
C GLU A 203 -0.99 13.12 11.48
N GLY A 204 -1.60 13.55 10.38
CA GLY A 204 -1.39 14.92 9.84
C GLY A 204 -2.06 16.09 10.61
N VAL A 205 -2.50 15.88 11.86
CA VAL A 205 -3.17 16.93 12.65
C VAL A 205 -2.39 17.39 13.88
N GLN A 206 -1.50 16.55 14.41
CA GLN A 206 -0.95 16.71 15.78
C GLN A 206 -0.17 18.02 16.00
N GLN A 207 0.23 18.71 14.92
CA GLN A 207 0.81 20.04 14.99
C GLN A 207 -0.05 21.06 14.26
N ALA A 208 -0.49 20.74 13.05
CA ALA A 208 -1.23 21.73 12.25
C ALA A 208 -2.53 22.21 12.93
N LEU A 209 -3.10 21.41 13.84
CA LEU A 209 -4.21 21.86 14.68
C LEU A 209 -3.72 22.37 16.03
N LEU A 210 -2.58 21.87 16.49
CA LEU A 210 -1.96 22.38 17.71
C LEU A 210 -1.72 23.89 17.61
N LYS A 211 -1.24 24.36 16.46
CA LYS A 211 -1.00 25.81 16.23
C LYS A 211 -2.29 26.63 16.18
N ILE A 212 -3.42 25.98 15.95
CA ILE A 212 -4.71 26.66 16.04
C ILE A 212 -5.18 26.68 17.50
N LEU A 213 -5.01 25.56 18.21
CA LEU A 213 -5.45 25.50 19.62
C LEU A 213 -4.60 26.36 20.57
N GLU A 214 -3.33 26.60 20.26
CA GLU A 214 -2.58 27.64 21.01
C GLU A 214 -3.26 29.01 20.86
N GLY A 215 -3.65 29.33 19.64
CA GLY A 215 -4.33 30.58 19.34
C GLY A 215 -3.85 31.18 18.02
N THR A 216 -4.79 31.60 17.21
CA THR A 216 -4.51 32.42 16.04
C THR A 216 -5.77 33.24 15.70
N VAL A 217 -5.58 34.41 15.10
CA VAL A 217 -6.74 35.23 14.70
C VAL A 217 -7.53 34.54 13.59
N ALA A 218 -6.84 34.13 12.55
CA ALA A 218 -7.25 33.22 11.48
C ALA A 218 -5.94 32.88 10.77
N ILE A 236 -12.51 36.26 15.65
CA ILE A 236 -11.93 36.24 17.00
C ILE A 236 -10.72 35.30 17.07
N ASP A 237 -9.76 35.59 17.95
CA ASP A 237 -8.61 34.69 18.13
C ASP A 237 -9.00 33.36 18.82
N THR A 238 -8.48 32.23 18.28
CA THR A 238 -8.81 30.89 18.79
C THR A 238 -8.24 30.58 20.19
N GLY A 239 -7.27 31.37 20.69
CA GLY A 239 -6.59 31.08 21.97
C GLY A 239 -7.44 31.23 23.23
N ASN A 240 -8.69 31.65 23.11
CA ASN A 240 -9.63 31.78 24.23
C ASN A 240 -11.05 31.37 23.84
N ILE A 241 -11.23 30.59 22.77
CA ILE A 241 -12.53 29.94 22.50
C ILE A 241 -12.53 28.58 23.20
N LEU A 242 -13.71 28.03 23.54
CA LEU A 242 -13.76 26.66 24.06
C LEU A 242 -13.83 25.65 22.91
N PHE A 243 -13.11 24.54 23.06
CA PHE A 243 -13.07 23.45 22.09
C PHE A 243 -13.45 22.13 22.77
N ILE A 244 -14.08 21.29 21.97
CA ILE A 244 -14.46 19.92 22.32
C ILE A 244 -13.90 19.01 21.24
N VAL A 245 -13.26 17.92 21.64
CA VAL A 245 -12.94 16.89 20.66
C VAL A 245 -13.66 15.65 21.15
N GLY A 246 -14.77 15.35 20.58
CA GLY A 246 -15.57 14.22 21.05
C GLY A 246 -15.44 12.98 20.16
N GLY A 247 -15.56 11.80 20.74
CA GLY A 247 -15.62 10.61 19.87
C GLY A 247 -15.75 9.33 20.68
N ALA A 248 -16.28 8.30 20.03
CA ALA A 248 -16.42 7.02 20.73
C ALA A 248 -15.16 6.17 20.48
N PHE A 249 -14.07 6.53 21.16
CA PHE A 249 -12.77 5.91 20.83
C PHE A 249 -12.68 4.44 21.25
N ASP A 250 -12.29 3.58 20.30
CA ASP A 250 -12.14 2.13 20.55
C ASP A 250 -10.93 1.78 21.42
N GLY A 251 -10.08 2.74 21.79
CA GLY A 251 -9.03 2.42 22.76
C GLY A 251 -9.57 2.15 24.17
N ILE A 252 -10.83 2.52 24.48
CA ILE A 252 -11.37 2.35 25.86
C ILE A 252 -11.59 0.86 26.22
N GLU A 253 -11.81 -0.01 25.24
CA GLU A 253 -11.74 -1.46 25.51
C GLU A 253 -10.33 -2.04 25.30
N GLN A 254 -9.40 -1.29 24.71
CA GLN A 254 -8.02 -1.80 24.51
C GLN A 254 -7.13 -1.55 25.73
N ILE A 255 -6.93 -0.29 26.05
CA ILE A 255 -5.77 0.08 26.88
C ILE A 255 -6.00 -0.23 28.35
N VAL A 256 -7.13 0.17 28.94
CA VAL A 256 -7.35 -0.18 30.36
C VAL A 256 -7.55 -1.67 30.55
N LYS A 257 -8.02 -2.37 29.52
CA LYS A 257 -7.99 -3.82 29.54
C LYS A 257 -6.56 -4.36 29.54
N ASN A 258 -5.59 -3.61 29.04
CA ASN A 258 -4.20 -4.07 29.23
C ASN A 258 -3.78 -3.92 30.69
N ARG A 259 -4.02 -2.78 31.32
CA ARG A 259 -3.53 -2.58 32.68
C ARG A 259 -4.34 -3.38 33.69
N MET A 260 -5.64 -3.08 33.81
CA MET A 260 -6.50 -3.83 34.75
C MET A 260 -7.06 -5.14 34.19
N GLY A 261 -7.27 -5.22 32.88
CA GLY A 261 -7.95 -6.40 32.30
C GLY A 261 -7.15 -7.69 32.37
N GLU A 262 -5.82 -7.61 32.23
CA GLU A 262 -4.98 -8.80 32.45
C GLU A 262 -4.82 -9.20 33.94
N LYS A 263 -5.40 -8.46 34.89
CA LYS A 263 -5.44 -8.89 36.32
C LYS A 263 -6.52 -9.96 36.52
N VAL A 264 -6.40 -11.05 35.77
CA VAL A 264 -7.51 -11.98 35.66
C VAL A 264 -7.57 -12.93 36.85
N ILE A 265 -6.48 -13.66 37.10
CA ILE A 265 -6.61 -14.98 37.78
C ILE A 265 -7.23 -14.92 39.18
N GLY A 266 -6.88 -13.92 40.01
CA GLY A 266 -7.57 -13.77 41.31
C GLY A 266 -7.45 -14.96 42.26
N PHE A 267 -6.60 -15.94 41.98
CA PHE A 267 -6.20 -16.87 43.02
C PHE A 267 -5.39 -16.07 44.03
N GLY A 268 -6.00 -15.83 45.21
CA GLY A 268 -5.39 -14.90 46.21
C GLY A 268 -5.74 -13.53 45.64
N THR A 269 -6.75 -12.86 46.19
CA THR A 269 -7.38 -11.69 45.53
C THR A 269 -6.68 -10.35 45.80
N ASP A 270 -5.41 -10.26 45.41
CA ASP A 270 -4.65 -8.99 45.49
C ASP A 270 -5.19 -7.92 44.53
N ASN A 271 -5.62 -8.30 43.33
CA ASN A 271 -6.23 -7.37 42.37
C ASN A 271 -7.74 -7.27 42.54
N ALA A 272 -8.20 -6.78 43.71
CA ALA A 272 -9.63 -6.46 43.90
C ALA A 272 -10.16 -5.42 42.90
N LYS A 273 -9.26 -4.75 42.19
CA LYS A 273 -9.59 -3.83 41.09
C LYS A 273 -9.95 -4.54 39.76
N LEU A 274 -10.00 -5.87 39.69
CA LEU A 274 -10.32 -6.46 38.34
C LEU A 274 -11.83 -6.38 37.90
N LYS A 275 -12.49 -5.24 38.15
CA LYS A 275 -13.91 -5.03 37.71
C LYS A 275 -14.04 -4.59 36.25
N ASP A 276 -14.32 -5.52 35.31
CA ASP A 276 -14.52 -5.24 33.85
C ASP A 276 -14.44 -3.76 33.41
N ASP A 277 -15.57 -3.06 33.40
CA ASP A 277 -15.73 -1.65 32.96
C ASP A 277 -15.49 -0.65 34.11
N GLU A 278 -16.07 -0.96 35.27
CA GLU A 278 -16.44 0.12 36.23
C GLU A 278 -15.26 0.83 36.88
N THR A 279 -14.31 0.08 37.41
CA THR A 279 -13.06 0.76 37.80
C THR A 279 -12.18 1.05 36.58
N TYR A 280 -12.30 0.29 35.49
CA TYR A 280 -11.34 0.45 34.39
C TYR A 280 -11.53 1.79 33.67
N LEU A 281 -12.79 2.20 33.43
CA LEU A 281 -13.01 3.54 32.85
C LEU A 281 -12.59 4.63 33.85
N SER A 282 -12.81 4.41 35.15
CA SER A 282 -12.33 5.40 36.15
C SER A 282 -10.83 5.24 36.48
N ARG A 283 -10.13 4.27 35.89
CA ARG A 283 -8.66 4.24 35.94
C ARG A 283 -8.07 5.29 35.00
N VAL A 284 -8.66 5.49 33.80
CA VAL A 284 -8.02 6.15 32.62
C VAL A 284 -7.17 7.37 32.95
N VAL A 285 -5.93 7.36 32.46
CA VAL A 285 -4.93 8.44 32.67
C VAL A 285 -4.54 8.96 31.28
N PRO A 286 -4.15 10.22 31.09
CA PRO A 286 -3.81 10.70 29.74
C PRO A 286 -2.68 9.93 29.04
N GLU A 287 -1.85 9.16 29.75
CA GLU A 287 -0.98 8.20 29.06
C GLU A 287 -1.77 7.14 28.32
N ASP A 288 -2.91 6.68 28.87
CA ASP A 288 -3.83 5.85 28.06
C ASP A 288 -4.27 6.61 26.81
N LEU A 289 -4.46 7.92 26.92
CA LEU A 289 -4.72 8.75 25.73
C LEU A 289 -3.47 8.95 24.84
N LEU A 290 -2.25 8.81 25.36
CA LEU A 290 -1.09 8.65 24.47
C LEU A 290 -1.18 7.32 23.72
N LYS A 291 -1.53 6.26 24.44
CA LYS A 291 -1.77 4.92 23.86
C LYS A 291 -2.98 4.90 22.91
N PHE A 292 -3.93 5.84 23.06
CA PHE A 292 -5.03 6.02 22.08
C PHE A 292 -4.53 6.57 20.74
N GLY A 293 -3.38 7.24 20.74
CA GLY A 293 -2.86 7.84 19.51
C GLY A 293 -2.58 9.34 19.59
N LEU A 294 -2.60 9.95 20.77
CA LEU A 294 -2.38 11.40 20.83
C LEU A 294 -0.87 11.76 20.93
N ILE A 295 -0.58 13.05 21.16
CA ILE A 295 0.74 13.49 21.63
C ILE A 295 0.49 14.26 22.93
N PRO A 296 1.41 14.26 23.90
CA PRO A 296 1.10 14.89 25.18
C PRO A 296 0.92 16.41 25.05
N GLU A 297 1.56 17.10 24.10
CA GLU A 297 1.27 18.54 23.95
C GLU A 297 -0.17 18.81 23.47
N PHE A 298 -0.82 17.82 22.87
CA PHE A 298 -2.24 17.97 22.57
C PHE A 298 -3.08 17.70 23.82
N ILE A 299 -2.57 16.84 24.73
CA ILE A 299 -3.14 16.80 26.09
C ILE A 299 -2.89 18.13 26.82
N GLY A 300 -1.79 18.81 26.50
CA GLY A 300 -1.59 20.21 26.96
C GLY A 300 -2.60 21.20 26.35
N ARG A 301 -3.13 20.90 25.16
CA ARG A 301 -4.31 21.65 24.67
C ARG A 301 -5.60 21.21 25.36
N LEU A 302 -5.62 20.00 25.91
CA LEU A 302 -6.83 19.41 26.51
C LEU A 302 -6.62 19.17 28.02
N PRO A 303 -6.70 20.22 28.86
CA PRO A 303 -6.64 20.01 30.32
C PRO A 303 -7.72 19.07 30.85
N VAL A 304 -8.88 18.95 30.18
CA VAL A 304 -9.99 18.13 30.70
C VAL A 304 -10.13 16.87 29.84
N ILE A 305 -9.95 15.70 30.45
CA ILE A 305 -10.05 14.43 29.72
C ILE A 305 -11.10 13.58 30.42
N ALA A 306 -12.36 13.96 30.22
CA ALA A 306 -13.42 13.22 30.90
C ALA A 306 -13.72 11.92 30.13
N THR A 307 -14.07 10.86 30.86
CA THR A 307 -14.71 9.71 30.22
C THR A 307 -16.17 9.64 30.67
N LEU A 308 -17.06 9.39 29.71
CA LEU A 308 -18.46 9.13 30.04
C LEU A 308 -18.59 7.85 30.85
N GLU A 309 -19.44 7.90 31.86
CA GLU A 309 -19.78 6.70 32.66
C GLU A 309 -20.42 5.60 31.79
N GLN A 310 -20.36 4.35 32.26
CA GLN A 310 -20.88 3.27 31.42
C GLN A 310 -22.40 3.41 31.22
N LEU A 311 -22.83 3.30 29.96
CA LEU A 311 -24.27 3.37 29.70
C LEU A 311 -24.99 2.20 30.37
N ASP A 312 -26.23 2.45 30.73
CA ASP A 312 -27.00 1.42 31.43
C ASP A 312 -28.49 1.59 31.13
N GLU A 313 -29.15 0.45 31.20
CA GLU A 313 -30.57 0.30 30.87
C GLU A 313 -31.51 1.16 31.71
N ALA A 314 -31.20 1.47 32.97
CA ALA A 314 -32.12 2.34 33.72
C ALA A 314 -31.96 3.81 33.29
N ALA A 315 -30.75 4.25 32.98
CA ALA A 315 -30.56 5.61 32.45
C ALA A 315 -31.10 5.72 31.02
N LEU A 316 -30.94 4.66 30.22
CA LEU A 316 -31.58 4.61 28.91
C LEU A 316 -33.11 4.63 29.01
N VAL A 317 -33.74 3.81 29.87
CA VAL A 317 -35.21 3.91 30.05
C VAL A 317 -35.63 5.33 30.44
N SER A 318 -34.81 5.97 31.27
CA SER A 318 -35.04 7.37 31.59
C SER A 318 -34.91 8.26 30.34
N ILE A 319 -33.87 8.04 29.52
CA ILE A 319 -33.73 8.75 28.22
C ILE A 319 -34.92 8.48 27.28
N LEU A 320 -35.53 7.30 27.35
CA LEU A 320 -36.65 7.02 26.42
C LEU A 320 -37.88 7.88 26.65
N THR A 321 -38.05 8.46 27.85
CA THR A 321 -39.32 9.14 28.24
C THR A 321 -39.10 10.51 28.86
N GLU A 322 -38.05 10.67 29.69
CA GLU A 322 -37.94 11.86 30.54
C GLU A 322 -37.42 13.11 29.82
N PRO A 323 -36.43 13.07 28.92
CA PRO A 323 -36.04 14.28 28.17
C PRO A 323 -37.16 14.83 27.30
N LYS A 324 -36.97 16.06 26.81
CA LYS A 324 -37.95 16.65 25.87
C LYS A 324 -37.92 15.92 24.52
N ASN A 325 -36.73 15.56 24.04
CA ASN A 325 -36.56 14.86 22.75
C ASN A 325 -36.77 13.33 22.83
N ALA A 326 -37.52 12.86 23.83
CA ALA A 326 -37.66 11.43 24.12
C ALA A 326 -38.27 10.59 22.97
N LEU A 327 -37.90 9.31 22.95
CA LEU A 327 -38.13 8.48 21.76
C LEU A 327 -39.49 7.79 21.80
N VAL A 328 -39.88 7.27 22.97
CA VAL A 328 -41.27 6.85 23.14
C VAL A 328 -42.21 8.05 22.90
N LYS A 329 -41.82 9.26 23.34
CA LYS A 329 -42.64 10.45 23.03
C LYS A 329 -42.76 10.72 21.52
N GLN A 330 -41.66 10.68 20.76
CA GLN A 330 -41.82 10.96 19.32
C GLN A 330 -42.54 9.83 18.59
N TYR A 331 -42.27 8.56 18.93
CA TYR A 331 -43.01 7.46 18.29
C TYR A 331 -44.50 7.48 18.66
N LYS A 332 -44.80 7.80 19.93
CA LYS A 332 -46.18 7.96 20.35
C LYS A 332 -46.82 9.10 19.58
N ARG A 333 -46.15 10.24 19.45
CA ARG A 333 -46.76 11.31 18.64
C ARG A 333 -46.90 10.93 17.16
N MET A 334 -45.95 10.18 16.62
CA MET A 334 -46.09 9.73 15.22
C MET A 334 -47.29 8.81 15.04
N LEU A 335 -47.54 7.92 16.00
CA LEU A 335 -48.76 7.10 15.93
C LEU A 335 -50.00 7.94 16.29
N GLU A 336 -49.85 8.92 17.18
CA GLU A 336 -50.99 9.74 17.63
C GLU A 336 -51.49 10.68 16.52
N LEU A 337 -50.59 11.15 15.65
CA LEU A 337 -51.00 11.86 14.43
C LEU A 337 -51.54 10.91 13.34
N ASP A 338 -51.37 9.59 13.52
CA ASP A 338 -52.17 8.58 12.78
C ASP A 338 -53.46 8.21 13.55
N ASP A 339 -53.83 9.03 14.53
CA ASP A 339 -55.08 8.94 15.31
C ASP A 339 -55.12 7.79 16.34
N VAL A 340 -53.97 7.20 16.72
CA VAL A 340 -53.96 6.12 17.73
C VAL A 340 -52.94 6.40 18.83
N GLU A 341 -53.33 6.15 20.08
CA GLU A 341 -52.39 6.36 21.19
C GLU A 341 -51.54 5.09 21.44
N LEU A 342 -50.27 5.33 21.77
CA LEU A 342 -49.25 4.31 22.00
C LEU A 342 -48.80 4.40 23.46
N GLU A 343 -48.69 3.25 24.13
CA GLU A 343 -48.16 3.23 25.49
C GLU A 343 -47.12 2.12 25.60
N PHE A 344 -46.11 2.36 26.40
CA PHE A 344 -45.08 1.36 26.68
C PHE A 344 -45.13 1.00 28.17
N GLU A 345 -45.24 -0.29 28.51
CA GLU A 345 -44.99 -0.68 29.92
C GLU A 345 -43.53 -0.45 30.30
N PRO A 346 -43.23 0.07 31.50
CA PRO A 346 -41.82 0.37 31.85
C PRO A 346 -40.98 -0.87 32.06
N THR A 347 -41.59 -2.02 32.40
CA THR A 347 -40.88 -3.31 32.34
C THR A 347 -40.46 -3.63 30.90
N ALA A 348 -41.35 -3.41 29.94
CA ALA A 348 -40.96 -3.62 28.53
C ALA A 348 -39.88 -2.62 28.12
N LEU A 349 -39.96 -1.37 28.60
CA LEU A 349 -38.85 -0.44 28.33
C LEU A 349 -37.55 -0.94 28.96
N ILE A 350 -37.60 -1.48 30.17
CA ILE A 350 -36.38 -2.06 30.78
C ILE A 350 -35.83 -3.18 29.92
N GLU A 351 -36.69 -4.08 29.43
CA GLU A 351 -36.24 -5.10 28.48
C GLU A 351 -35.63 -4.50 27.21
N ILE A 352 -36.29 -3.47 26.62
CA ILE A 352 -35.75 -2.76 25.44
C ILE A 352 -34.34 -2.23 25.70
N ALA A 353 -34.17 -1.44 26.75
CA ALA A 353 -32.83 -0.89 27.00
C ALA A 353 -31.80 -1.99 27.36
N LYS A 354 -32.24 -3.09 27.97
CA LYS A 354 -31.35 -4.23 28.19
C LYS A 354 -30.94 -4.90 26.87
N GLU A 355 -31.86 -4.99 25.91
CA GLU A 355 -31.46 -5.47 24.58
C GLU A 355 -30.50 -4.50 23.89
N ALA A 356 -30.76 -3.19 24.00
CA ALA A 356 -29.85 -2.21 23.37
C ALA A 356 -28.45 -2.29 23.96
N ILE A 357 -28.34 -2.42 25.29
CA ILE A 357 -27.04 -2.62 25.94
C ILE A 357 -26.38 -3.91 25.47
N GLU A 358 -27.10 -5.03 25.45
CA GLU A 358 -26.47 -6.29 24.99
C GLU A 358 -26.05 -6.25 23.51
N ARG A 359 -26.80 -5.55 22.66
CA ARG A 359 -26.42 -5.42 21.24
C ARG A 359 -25.49 -4.22 20.94
N LYS A 360 -25.12 -3.44 21.96
CA LYS A 360 -24.02 -2.47 21.91
C LYS A 360 -24.25 -1.26 21.01
N THR A 361 -25.48 -1.01 20.60
CA THR A 361 -25.75 0.12 19.66
C THR A 361 -25.78 1.49 20.33
N GLY A 362 -26.11 1.52 21.62
CA GLY A 362 -26.39 2.81 22.26
C GLY A 362 -27.66 3.49 21.71
N ALA A 363 -27.75 4.79 22.06
CA ALA A 363 -28.96 5.62 21.96
C ALA A 363 -29.61 5.61 20.57
N ARG A 364 -28.80 5.68 19.51
CA ARG A 364 -29.39 5.62 18.17
C ARG A 364 -30.07 4.27 17.91
N GLY A 365 -29.50 3.19 18.42
CA GLY A 365 -30.17 1.88 18.31
C GLY A 365 -31.47 1.78 19.09
N LEU A 366 -31.74 2.68 20.04
CA LEU A 366 -33.03 2.62 20.74
C LEU A 366 -34.18 2.80 19.77
N ARG A 367 -34.13 3.86 18.95
CA ARG A 367 -35.23 4.08 18.00
C ARG A 367 -35.32 2.93 17.01
N SER A 368 -34.19 2.30 16.70
CA SER A 368 -34.20 1.12 15.83
C SER A 368 -34.91 -0.06 16.49
N ILE A 369 -34.63 -0.34 17.76
CA ILE A 369 -35.38 -1.41 18.44
C ILE A 369 -36.85 -1.05 18.55
N ILE A 370 -37.15 0.20 18.90
CA ILE A 370 -38.56 0.61 18.94
C ILE A 370 -39.20 0.40 17.57
N GLU A 371 -38.48 0.73 16.49
CA GLU A 371 -39.02 0.49 15.16
C GLU A 371 -39.19 -1.01 14.89
N GLN A 372 -38.26 -1.85 15.35
CA GLN A 372 -38.45 -3.31 15.21
C GLN A 372 -39.75 -3.78 15.84
N ILE A 373 -40.12 -3.15 16.96
CA ILE A 373 -41.39 -3.48 17.64
C ILE A 373 -42.57 -2.85 16.87
N MET A 374 -42.49 -1.55 16.58
CA MET A 374 -43.62 -0.77 16.04
C MET A 374 -43.88 -0.98 14.54
N LEU A 375 -42.99 -1.66 13.81
CA LEU A 375 -43.13 -1.84 12.36
C LEU A 375 -44.52 -2.29 11.91
N GLU A 376 -44.99 -3.44 12.42
CA GLU A 376 -46.34 -3.89 12.04
C GLU A 376 -47.43 -2.97 12.60
N VAL A 377 -47.14 -2.26 13.69
CA VAL A 377 -48.12 -1.34 14.30
C VAL A 377 -48.30 -0.13 13.40
N MET A 378 -47.23 0.58 13.08
CA MET A 378 -47.35 1.74 12.19
C MET A 378 -47.80 1.32 10.79
N PHE A 379 -47.41 0.13 10.33
CA PHE A 379 -47.92 -0.39 9.05
C PHE A 379 -49.44 -0.57 9.07
N GLU A 380 -49.98 -1.23 10.09
CA GLU A 380 -51.43 -1.45 10.08
C GLU A 380 -52.23 -0.24 10.55
N ILE A 381 -51.67 0.63 11.40
CA ILE A 381 -52.49 1.63 12.12
C ILE A 381 -53.38 2.55 11.26
N PRO A 382 -52.98 3.04 10.06
CA PRO A 382 -53.93 3.79 9.20
C PRO A 382 -55.17 3.00 8.74
N SER A 383 -55.18 1.69 8.99
CA SER A 383 -56.30 0.79 8.70
C SER A 383 -56.69 -0.04 9.95
N ARG A 384 -56.37 0.45 11.15
CA ARG A 384 -56.82 -0.19 12.41
C ARG A 384 -57.87 0.64 13.16
N ASP A 385 -58.55 -0.07 14.06
CA ASP A 385 -59.47 0.56 15.03
C ASP A 385 -58.95 0.53 16.48
N ASP A 386 -57.75 0.01 16.71
CA ASP A 386 -57.12 0.10 18.05
C ASP A 386 -56.96 1.57 18.49
N ILE A 387 -57.16 1.84 19.78
CA ILE A 387 -56.97 3.20 20.33
C ILE A 387 -55.78 3.29 21.28
N THR A 388 -55.45 2.22 22.02
CA THR A 388 -54.34 2.22 23.00
C THR A 388 -53.44 1.02 22.72
N LYS A 389 -52.37 1.22 21.95
CA LYS A 389 -51.41 0.11 21.72
C LYS A 389 -50.44 0.06 22.90
N CYS A 390 -50.79 -0.70 23.92
CA CYS A 390 -49.85 -0.95 25.02
C CYS A 390 -48.79 -1.99 24.61
N ILE A 391 -47.52 -1.60 24.57
CA ILE A 391 -46.45 -2.59 24.34
C ILE A 391 -46.24 -3.41 25.62
N ILE A 392 -46.53 -4.69 25.49
CA ILE A 392 -46.44 -5.64 26.61
C ILE A 392 -44.99 -6.10 26.78
N THR A 393 -44.63 -6.45 28.01
CA THR A 393 -43.25 -6.96 28.28
C THR A 393 -42.88 -8.15 27.41
N GLU A 394 -43.84 -9.03 27.10
CA GLU A 394 -43.53 -10.12 26.16
C GLU A 394 -43.18 -9.63 24.74
N LYS A 395 -43.72 -8.46 24.34
CA LYS A 395 -43.35 -7.88 23.03
C LYS A 395 -41.90 -7.42 23.07
N ALA A 396 -41.46 -6.82 24.16
CA ALA A 396 -40.03 -6.49 24.27
C ALA A 396 -39.16 -7.73 24.53
N ALA A 397 -39.72 -8.81 25.08
CA ALA A 397 -38.98 -10.08 25.20
C ALA A 397 -38.76 -10.75 23.83
N ARG A 398 -39.73 -10.66 22.90
CA ARG A 398 -39.53 -11.18 21.53
C ARG A 398 -38.93 -10.17 20.55
N GLY A 399 -39.11 -8.87 20.79
CA GLY A 399 -38.54 -7.75 19.98
C GLY A 399 -39.27 -7.47 18.64
N GLU A 400 -40.13 -8.38 18.20
CA GLU A 400 -40.90 -8.27 16.95
C GLU A 400 -42.28 -8.94 17.12
N GLU A 401 -43.03 -8.59 18.18
CA GLU A 401 -44.36 -9.20 18.40
C GLU A 401 -45.43 -8.11 18.57
N GLU A 402 -46.63 -8.35 18.03
CA GLU A 402 -47.66 -7.29 18.03
C GLU A 402 -48.53 -7.35 19.31
N PRO A 403 -48.82 -6.23 19.96
CA PRO A 403 -49.71 -6.20 21.13
C PRO A 403 -51.14 -6.73 20.89
N GLN A 404 -51.86 -6.95 21.99
CA GLN A 404 -53.24 -7.42 21.82
C GLN A 404 -54.17 -6.32 21.26
N LEU A 405 -55.29 -6.73 20.66
CA LEU A 405 -56.30 -5.79 20.12
C LEU A 405 -57.55 -5.78 21.00
N GLN A 406 -58.07 -4.58 21.24
CA GLN A 406 -59.24 -4.42 22.12
C GLN A 406 -60.48 -3.96 21.36
N LEU A 407 -60.28 -3.33 20.19
CA LEU A 407 -61.38 -2.88 19.33
C LEU A 407 -60.88 -2.75 17.88
N GLU B 60 30.53 35.52 24.78
CA GLU B 60 31.53 34.54 24.21
C GLU B 60 30.90 33.14 24.23
N VAL B 61 31.16 32.34 25.26
CA VAL B 61 30.44 31.08 25.47
C VAL B 61 29.95 31.02 26.93
N PRO B 62 28.69 30.64 27.20
CA PRO B 62 28.19 30.51 28.58
C PRO B 62 28.96 29.40 29.29
N LYS B 63 29.46 29.69 30.50
CA LYS B 63 30.38 28.73 31.15
C LYS B 63 29.59 27.51 31.66
N PRO B 64 30.19 26.32 31.76
CA PRO B 64 29.37 25.15 32.10
C PRO B 64 28.75 25.22 33.50
N GLN B 65 29.51 25.79 34.44
CA GLN B 65 28.99 26.03 35.80
C GLN B 65 27.81 27.02 35.76
N GLU B 66 27.98 28.13 35.03
CA GLU B 66 26.86 29.06 34.80
C GLU B 66 25.66 28.36 34.15
N ILE B 67 25.89 27.52 33.13
CA ILE B 67 24.78 26.80 32.46
C ILE B 67 24.00 25.96 33.47
N ARG B 68 24.68 25.05 34.17
CA ARG B 68 23.95 24.16 35.10
C ARG B 68 23.35 24.90 36.30
N HIS B 69 24.00 25.95 36.80
CA HIS B 69 23.40 26.74 37.89
C HIS B 69 22.14 27.49 37.42
N ILE B 70 22.13 28.07 36.22
CA ILE B 70 20.89 28.71 35.80
C ILE B 70 19.84 27.66 35.38
N LEU B 71 20.27 26.52 34.86
CA LEU B 71 19.31 25.45 34.56
C LEU B 71 18.66 24.84 35.82
N SER B 72 19.41 24.81 36.92
CA SER B 72 18.86 24.38 38.22
C SER B 72 17.77 25.31 38.79
N ASP B 73 17.60 26.52 38.26
CA ASP B 73 16.46 27.37 38.67
C ASP B 73 15.15 26.96 37.95
N TYR B 74 15.24 26.16 36.89
CA TYR B 74 14.02 25.74 36.17
C TYR B 74 13.75 24.25 36.29
N VAL B 75 14.79 23.42 36.31
CA VAL B 75 14.59 21.97 36.47
C VAL B 75 15.31 21.48 37.71
N ILE B 76 14.57 20.80 38.58
CA ILE B 76 15.19 20.22 39.77
C ILE B 76 16.09 19.04 39.41
N GLY B 77 17.29 19.05 39.99
CA GLY B 77 18.21 17.91 39.89
C GLY B 77 18.75 17.69 38.47
N GLN B 78 18.98 16.42 38.15
CA GLN B 78 19.54 16.03 36.84
C GLN B 78 20.98 16.55 36.66
N GLU B 79 21.78 16.55 37.73
CA GLU B 79 23.10 17.18 37.69
C GLU B 79 24.03 16.57 36.66
N ARG B 80 23.95 15.24 36.47
CA ARG B 80 24.64 14.60 35.35
C ARG B 80 24.20 15.19 34.00
N ALA B 81 22.89 15.18 33.73
CA ALA B 81 22.42 15.75 32.45
C ALA B 81 22.79 17.23 32.33
N LYS B 82 22.69 18.00 33.42
CA LYS B 82 23.12 19.41 33.41
C LYS B 82 24.62 19.56 33.16
N LYS B 83 25.48 18.72 33.75
CA LYS B 83 26.91 18.76 33.43
C LYS B 83 27.17 18.35 31.97
N ALA B 84 26.45 17.33 31.48
CA ALA B 84 26.63 16.90 30.10
C ALA B 84 26.19 18.00 29.10
N LEU B 85 24.99 18.56 29.31
CA LEU B 85 24.50 19.65 28.45
C LEU B 85 25.33 20.92 28.59
N ALA B 86 25.86 21.18 29.80
CA ALA B 86 26.74 22.33 30.00
C ALA B 86 28.05 22.19 29.20
N VAL B 87 28.66 21.01 29.25
CA VAL B 87 29.82 20.72 28.39
C VAL B 87 29.43 20.73 26.91
N ALA B 88 28.24 20.22 26.58
CA ALA B 88 27.83 20.19 25.16
C ALA B 88 27.57 21.58 24.59
N VAL B 89 26.77 22.41 25.29
CA VAL B 89 26.57 23.82 24.90
C VAL B 89 27.92 24.55 24.88
N TYR B 90 28.77 24.29 25.88
CA TYR B 90 30.11 24.92 25.89
C TYR B 90 30.92 24.57 24.64
N ASN B 91 31.03 23.28 24.29
CA ASN B 91 31.79 22.91 23.09
C ASN B 91 31.08 23.39 21.81
N HIS B 92 29.75 23.28 21.79
CA HIS B 92 28.98 23.72 20.62
C HIS B 92 29.13 25.21 20.35
N TYR B 93 28.93 26.04 21.37
CA TYR B 93 29.06 27.49 21.16
C TYR B 93 30.53 27.87 21.04
N LYS B 94 31.47 27.13 21.63
CA LYS B 94 32.89 27.37 21.27
C LYS B 94 33.13 27.02 19.80
N ARG B 95 32.49 25.98 19.26
CA ARG B 95 32.62 25.68 17.82
C ARG B 95 31.94 26.74 16.94
N ILE B 96 30.77 27.26 17.34
CA ILE B 96 30.13 28.37 16.60
C ILE B 96 31.01 29.63 16.66
N ASN B 97 31.34 30.08 17.88
CA ASN B 97 32.01 31.38 18.05
C ASN B 97 33.51 31.35 17.69
N SER B 98 34.24 30.25 17.92
CA SER B 98 35.72 30.26 17.75
C SER B 98 36.24 30.35 16.31
N ASN B 99 35.36 30.43 15.30
CA ASN B 99 35.75 30.25 13.89
C ASN B 99 36.43 28.87 13.70
N GLU B 100 35.66 27.79 13.96
CA GLU B 100 36.02 26.42 13.50
C GLU B 100 37.12 25.72 14.32
N THR B 101 37.21 25.96 15.63
CA THR B 101 38.13 25.20 16.54
C THR B 101 39.67 25.12 16.32
N LYS B 102 40.19 24.49 15.23
CA LYS B 102 41.61 24.53 14.84
C LYS B 102 41.72 25.12 13.44
N GLU B 103 42.66 26.05 13.29
CA GLU B 103 42.79 26.87 12.08
C GLU B 103 43.17 26.07 10.83
N ASP B 104 43.82 24.90 10.96
CA ASP B 104 44.12 24.05 9.78
C ASP B 104 42.90 23.21 9.29
N GLU B 105 41.68 23.64 9.63
CA GLU B 105 40.41 23.03 9.21
C GLU B 105 40.25 21.56 9.62
N VAL B 106 40.48 21.27 10.91
CA VAL B 106 40.19 19.93 11.47
C VAL B 106 38.68 19.69 11.59
N GLU B 107 38.32 18.43 11.85
CA GLU B 107 36.93 18.11 12.21
C GLU B 107 36.53 18.85 13.50
N LEU B 108 35.38 19.53 13.47
CA LEU B 108 34.97 20.30 14.65
C LEU B 108 34.24 19.43 15.68
N SER B 109 34.21 19.92 16.91
CA SER B 109 33.52 19.22 18.02
C SER B 109 32.06 18.92 17.68
N LYS B 110 31.69 17.64 17.60
CA LYS B 110 30.29 17.29 17.28
C LYS B 110 29.30 17.80 18.34
N SER B 111 29.59 17.58 19.63
CA SER B 111 28.73 17.93 20.79
C SER B 111 27.28 17.41 20.73
N ASN B 112 26.98 16.48 19.83
CA ASN B 112 25.60 16.00 19.71
C ASN B 112 25.22 15.15 20.93
N ILE B 113 24.05 15.44 21.49
CA ILE B 113 23.64 14.89 22.77
C ILE B 113 22.67 13.73 22.55
N CYS B 114 23.00 12.59 23.15
CA CYS B 114 22.05 11.49 23.36
C CYS B 114 21.74 11.43 24.87
N LEU B 115 20.46 11.29 25.21
CA LEU B 115 20.01 11.61 26.56
C LEU B 115 19.20 10.44 27.13
N ILE B 116 19.46 10.10 28.38
CA ILE B 116 18.73 8.98 29.00
C ILE B 116 17.91 9.55 30.13
N GLY B 117 16.59 9.43 30.09
CA GLY B 117 15.78 9.95 31.21
C GLY B 117 14.35 9.40 31.21
N PRO B 118 13.82 9.12 32.40
CA PRO B 118 12.54 8.40 32.56
C PRO B 118 11.33 9.26 32.13
N THR B 119 10.14 8.65 32.17
CA THR B 119 8.91 9.41 31.87
C THR B 119 8.75 10.66 32.76
N GLY B 120 8.04 11.68 32.26
CA GLY B 120 7.65 12.80 33.14
C GLY B 120 8.76 13.73 33.64
N SER B 121 10.01 13.49 33.25
CA SER B 121 11.18 13.93 34.02
C SER B 121 11.65 15.35 33.75
N GLY B 122 10.83 16.20 33.13
CA GLY B 122 11.30 17.55 32.81
C GLY B 122 12.44 17.57 31.79
N LYS B 123 12.73 16.50 31.04
CA LYS B 123 13.74 16.61 29.95
C LYS B 123 13.27 17.51 28.79
N THR B 124 11.99 17.47 28.45
CA THR B 124 11.46 18.49 27.53
C THR B 124 11.57 19.88 28.14
N LEU B 125 11.30 19.99 29.45
CA LEU B 125 11.52 21.25 30.18
C LEU B 125 13.01 21.65 30.20
N LEU B 126 13.93 20.70 30.37
CA LEU B 126 15.39 20.96 30.36
C LEU B 126 15.82 21.53 29.01
N ALA B 127 15.38 20.92 27.92
CA ALA B 127 15.76 21.43 26.60
C ALA B 127 15.14 22.82 26.35
N GLN B 128 13.84 22.98 26.65
CA GLN B 128 13.20 24.28 26.45
C GLN B 128 13.81 25.37 27.33
N THR B 129 14.03 25.06 28.62
CA THR B 129 14.54 26.08 29.56
C THR B 129 16.03 26.36 29.32
N LEU B 130 16.84 25.35 28.99
CA LEU B 130 18.23 25.65 28.56
C LEU B 130 18.25 26.56 27.31
N ALA B 131 17.34 26.35 26.37
CA ALA B 131 17.24 27.26 25.23
C ALA B 131 16.74 28.66 25.64
N ARG B 132 15.75 28.74 26.55
CA ARG B 132 15.22 30.07 26.95
C ARG B 132 16.18 30.86 27.83
N ILE B 133 17.06 30.23 28.61
CA ILE B 133 18.01 31.01 29.44
C ILE B 133 19.17 31.59 28.63
N LEU B 134 19.54 30.96 27.52
CA LEU B 134 20.59 31.50 26.63
C LEU B 134 20.05 32.40 25.51
N ASN B 135 18.74 32.67 25.48
CA ASN B 135 18.09 33.44 24.41
C ASN B 135 18.24 32.76 23.03
N VAL B 136 18.09 31.43 22.99
CA VAL B 136 18.26 30.67 21.73
C VAL B 136 17.01 29.83 21.45
N PRO B 137 16.73 29.49 20.21
CA PRO B 137 15.51 28.74 19.90
C PRO B 137 15.61 27.29 20.32
N PHE B 138 14.44 26.66 20.34
CA PHE B 138 14.35 25.21 20.45
C PHE B 138 13.41 24.68 19.35
N ALA B 139 13.59 23.42 18.95
CA ALA B 139 12.67 22.74 18.00
C ALA B 139 12.35 21.35 18.55
N ILE B 140 11.23 21.27 19.25
CA ILE B 140 10.77 20.04 19.91
C ILE B 140 10.11 19.11 18.89
N ALA B 141 10.45 17.82 18.89
CA ALA B 141 9.93 16.85 17.91
C ALA B 141 9.59 15.50 18.56
N ASP B 142 8.56 14.83 18.04
CA ASP B 142 8.23 13.44 18.44
C ASP B 142 8.58 12.48 17.30
N ALA B 143 9.45 11.52 17.58
CA ALA B 143 9.92 10.57 16.55
C ALA B 143 8.77 9.85 15.81
N THR B 144 7.77 9.39 16.55
CA THR B 144 6.65 8.66 15.90
C THR B 144 5.77 9.59 15.06
N SER B 145 5.58 10.84 15.52
CA SER B 145 4.78 11.82 14.74
C SER B 145 5.39 12.14 13.38
N LEU B 146 6.72 12.09 13.28
CA LEU B 146 7.40 12.47 12.04
C LEU B 146 7.80 11.27 11.18
N THR B 147 7.68 10.04 11.66
CA THR B 147 8.03 8.86 10.84
C THR B 147 6.78 8.27 10.16
N GLU B 148 6.80 8.28 8.84
CA GLU B 148 5.73 7.66 8.03
C GLU B 148 6.23 6.58 7.08
N ALA B 149 7.44 6.77 6.57
CA ALA B 149 8.08 5.94 5.55
C ALA B 149 9.55 6.35 5.50
N GLY B 150 10.28 5.95 4.45
CA GLY B 150 11.58 6.60 4.15
C GLY B 150 11.48 8.09 3.80
N TYR B 151 10.27 8.61 3.48
CA TYR B 151 10.09 10.02 3.08
C TYR B 151 9.97 10.97 4.29
N VAL B 152 10.84 10.74 5.28
CA VAL B 152 10.82 11.38 6.62
C VAL B 152 11.26 12.85 6.61
N GLY B 153 12.12 13.24 5.66
CA GLY B 153 12.66 14.62 5.63
C GLY B 153 11.58 15.71 5.55
N GLU B 154 10.46 15.44 4.86
CA GLU B 154 9.33 16.39 4.74
C GLU B 154 8.59 16.64 6.07
N ASP B 155 8.71 15.72 7.01
CA ASP B 155 8.08 15.89 8.32
C ASP B 155 9.00 16.64 9.27
N VAL B 156 10.25 16.21 9.30
CA VAL B 156 11.23 16.81 10.21
C VAL B 156 11.69 18.19 9.72
N GLU B 157 11.67 18.46 8.42
CA GLU B 157 12.01 19.83 8.00
C GLU B 157 10.90 20.81 8.39
N ASN B 158 9.67 20.36 8.61
CA ASN B 158 8.72 21.26 9.26
C ASN B 158 9.17 21.56 10.68
N ILE B 159 9.81 20.62 11.37
CA ILE B 159 10.35 20.94 12.71
C ILE B 159 11.66 21.74 12.61
N LEU B 160 12.46 21.56 11.56
CA LEU B 160 13.51 22.53 11.25
C LEU B 160 12.90 23.91 10.93
N LEU B 161 11.74 23.92 10.28
CA LEU B 161 10.99 25.17 10.18
C LEU B 161 10.44 25.62 11.52
N LYS B 162 10.21 24.71 12.48
CA LYS B 162 9.91 25.17 13.85
C LYS B 162 11.16 25.72 14.53
N LEU B 163 12.35 25.21 14.23
CA LEU B 163 13.56 25.95 14.66
C LEU B 163 13.65 27.31 13.96
N ILE B 164 13.49 27.33 12.63
CA ILE B 164 13.63 28.54 11.81
C ILE B 164 12.60 29.62 12.18
N GLN B 165 11.32 29.22 12.30
CA GLN B 165 10.26 30.13 12.76
C GLN B 165 10.49 30.57 14.22
N SER B 166 11.27 29.81 15.00
CA SER B 166 11.62 30.24 16.36
C SER B 166 12.94 31.04 16.41
N ALA B 167 13.80 30.89 15.38
CA ALA B 167 15.04 31.67 15.22
C ALA B 167 14.82 33.02 14.51
N ASP B 168 13.58 33.36 14.15
CA ASP B 168 13.26 34.53 13.31
C ASP B 168 14.02 34.51 11.98
N TYR B 169 14.18 33.30 11.40
CA TYR B 169 14.92 33.01 10.15
C TYR B 169 16.44 33.26 10.20
N ASP B 170 17.03 33.64 11.33
CA ASP B 170 18.47 33.91 11.39
C ASP B 170 19.32 32.62 11.41
N VAL B 171 20.50 32.66 10.78
CA VAL B 171 21.34 31.44 10.73
C VAL B 171 22.15 31.24 12.02
N GLU B 172 22.80 32.27 12.57
CA GLU B 172 23.61 32.03 13.80
C GLU B 172 22.74 31.71 15.02
N LYS B 173 21.52 32.25 15.10
CA LYS B 173 20.60 31.81 16.15
C LYS B 173 20.03 30.43 15.88
N ALA B 174 19.95 30.00 14.61
CA ALA B 174 19.58 28.59 14.34
C ALA B 174 20.74 27.64 14.71
N GLU B 175 22.00 28.00 14.40
CA GLU B 175 23.16 27.21 14.89
C GLU B 175 23.21 27.12 16.43
N LYS B 176 23.05 28.27 17.11
CA LYS B 176 22.97 28.26 18.58
C LYS B 176 21.68 27.61 19.11
N GLY B 177 20.63 27.60 18.28
CA GLY B 177 19.38 26.90 18.60
C GLY B 177 19.59 25.40 18.69
N ILE B 178 18.62 24.73 19.28
CA ILE B 178 18.75 23.28 19.53
C ILE B 178 17.55 22.53 18.98
N ILE B 179 17.82 21.40 18.33
CA ILE B 179 16.74 20.49 17.94
C ILE B 179 16.62 19.47 19.08
N TYR B 180 15.42 19.30 19.61
CA TYR B 180 15.17 18.28 20.63
C TYR B 180 14.22 17.24 20.04
N ILE B 181 14.69 15.99 19.90
CA ILE B 181 13.86 14.90 19.37
C ILE B 181 13.63 13.85 20.48
N ASP B 182 12.36 13.61 20.74
CA ASP B 182 11.93 12.94 21.97
C ASP B 182 11.59 11.46 21.76
N GLN B 183 11.94 10.69 22.78
CA GLN B 183 11.76 9.24 22.94
C GLN B 183 12.27 8.40 21.76
N ILE B 184 13.60 8.36 21.63
CA ILE B 184 14.23 7.46 20.64
C ILE B 184 14.13 5.96 21.03
N ASP B 185 14.01 5.64 22.31
CA ASP B 185 14.07 4.22 22.69
C ASP B 185 12.78 3.46 22.31
N LYS B 186 11.61 4.14 22.36
CA LYS B 186 10.35 3.50 21.94
C LYS B 186 10.35 3.16 20.44
N VAL B 187 11.07 3.93 19.62
CA VAL B 187 11.12 3.65 18.17
C VAL B 187 12.29 2.75 17.75
N ALA B 188 13.41 2.78 18.48
CA ALA B 188 14.62 2.04 18.08
C ALA B 188 14.68 0.58 18.56
N ARG B 189 13.66 0.11 19.30
CA ARG B 189 13.66 -1.24 19.93
C ARG B 189 14.17 -2.38 19.03
N LYS B 190 14.95 -3.28 19.65
CA LYS B 190 15.21 -4.56 19.01
C LYS B 190 13.89 -5.31 18.89
N SER B 191 13.58 -5.67 17.65
CA SER B 191 12.36 -6.39 17.28
C SER B 191 12.80 -7.49 16.30
N GLU B 192 13.99 -8.05 16.55
CA GLU B 192 14.63 -9.07 15.68
C GLU B 192 14.07 -10.48 15.96
N ASN B 193 13.16 -10.61 16.93
CA ASN B 193 12.26 -11.76 16.96
C ASN B 193 11.30 -11.69 15.75
N GLY B 202 14.07 -0.25 10.66
CA GLY B 202 13.96 1.11 10.10
C GLY B 202 15.28 1.86 9.86
N GLU B 203 16.36 1.14 9.52
CA GLU B 203 17.70 1.73 9.54
C GLU B 203 17.88 2.91 8.57
N GLY B 204 17.17 2.96 7.45
CA GLY B 204 17.41 4.06 6.48
C GLY B 204 16.93 5.42 6.97
N VAL B 205 15.92 5.46 7.85
CA VAL B 205 15.56 6.74 8.49
C VAL B 205 16.56 7.10 9.58
N GLN B 206 17.20 6.09 10.16
CA GLN B 206 18.33 6.37 11.05
C GLN B 206 19.53 6.89 10.25
N GLN B 207 19.73 6.44 9.01
CA GLN B 207 20.80 7.07 8.21
C GLN B 207 20.42 8.49 7.76
N ALA B 208 19.13 8.74 7.49
CA ALA B 208 18.68 10.12 7.24
C ALA B 208 18.90 11.03 8.46
N LEU B 209 18.65 10.52 9.67
CA LEU B 209 18.92 11.28 10.89
C LEU B 209 20.44 11.37 11.18
N LEU B 210 21.20 10.34 10.83
CA LEU B 210 22.66 10.44 10.90
C LEU B 210 23.19 11.57 9.99
N LYS B 211 22.58 11.79 8.83
CA LYS B 211 22.97 12.95 7.99
C LYS B 211 22.66 14.32 8.64
N ILE B 212 21.79 14.41 9.64
CA ILE B 212 21.66 15.67 10.39
C ILE B 212 22.90 15.91 11.25
N LEU B 213 23.50 14.86 11.83
CA LEU B 213 24.72 15.08 12.61
C LEU B 213 25.95 15.17 11.73
N GLU B 214 25.99 14.41 10.62
CA GLU B 214 27.06 14.59 9.63
C GLU B 214 26.99 15.97 8.95
N GLY B 215 25.80 16.56 8.89
CA GLY B 215 25.64 17.98 8.50
C GLY B 215 24.81 18.15 7.23
N THR B 216 23.49 18.26 7.38
CA THR B 216 22.65 18.50 6.19
C THR B 216 22.68 20.00 5.88
N VAL B 217 22.92 20.34 4.62
CA VAL B 217 23.32 21.68 4.21
C VAL B 217 22.12 22.22 3.42
N ALA B 218 22.19 23.46 2.90
CA ALA B 218 21.02 24.12 2.27
C ALA B 218 20.25 23.19 1.29
N SER B 219 20.97 22.35 0.55
CA SER B 219 20.39 21.38 -0.38
C SER B 219 19.49 20.35 0.32
N VAL B 220 18.48 19.93 -0.41
CA VAL B 220 17.51 18.90 -0.03
C VAL B 220 18.11 17.69 0.69
N PRO B 221 17.43 17.18 1.74
CA PRO B 221 17.90 15.98 2.46
C PRO B 221 18.04 14.76 1.55
N GLN B 235 17.93 25.51 4.52
CA GLN B 235 18.53 24.71 5.61
C GLN B 235 19.87 25.31 6.10
N ILE B 236 20.00 25.42 7.42
CA ILE B 236 21.24 25.82 8.11
C ILE B 236 21.99 24.53 8.50
N ASP B 237 23.33 24.56 8.43
CA ASP B 237 24.10 23.30 8.55
C ASP B 237 23.95 22.64 9.94
N THR B 238 23.16 21.55 10.00
CA THR B 238 22.75 20.96 11.29
C THR B 238 23.90 20.31 12.08
N GLY B 239 25.06 20.07 11.45
CA GLY B 239 26.25 19.70 12.25
C GLY B 239 26.64 20.82 13.23
N ASN B 240 26.45 22.08 12.84
CA ASN B 240 26.66 23.26 13.70
C ASN B 240 25.32 23.79 14.26
N ILE B 241 24.25 22.99 14.22
CA ILE B 241 23.06 23.23 15.03
C ILE B 241 23.11 22.23 16.17
N LEU B 242 22.75 22.66 17.37
CA LEU B 242 22.88 21.71 18.47
C LEU B 242 21.76 20.65 18.39
N PHE B 243 22.05 19.45 18.86
CA PHE B 243 21.08 18.37 18.70
C PHE B 243 21.00 17.58 20.00
N ILE B 244 19.77 17.33 20.46
CA ILE B 244 19.49 16.47 21.60
C ILE B 244 18.52 15.38 21.15
N VAL B 245 18.82 14.12 21.48
CA VAL B 245 17.86 13.04 21.29
C VAL B 245 17.69 12.26 22.59
N GLY B 246 16.45 12.04 23.00
CA GLY B 246 16.15 11.59 24.38
C GLY B 246 15.41 10.26 24.43
N GLY B 247 15.76 9.40 25.38
CA GLY B 247 15.01 8.13 25.53
C GLY B 247 14.97 7.61 26.97
N ALA B 248 13.98 6.75 27.28
CA ALA B 248 13.85 6.21 28.64
C ALA B 248 14.81 5.05 28.95
N PHE B 249 15.03 4.18 27.95
CA PHE B 249 16.03 3.09 27.98
C PHE B 249 15.88 2.14 29.18
N ASP B 250 14.70 1.54 29.28
CA ASP B 250 14.39 0.55 30.33
C ASP B 250 15.35 -0.66 30.31
N GLY B 251 15.49 -1.34 29.17
CA GLY B 251 16.23 -2.62 29.11
C GLY B 251 17.70 -2.50 29.53
N ILE B 252 18.27 -1.31 29.42
CA ILE B 252 19.64 -1.08 29.89
C ILE B 252 19.77 -1.32 31.39
N GLU B 253 18.69 -1.18 32.16
CA GLU B 253 18.78 -1.61 33.56
C GLU B 253 19.13 -3.10 33.70
N GLN B 254 18.66 -3.95 32.77
CA GLN B 254 19.13 -5.34 32.74
C GLN B 254 20.53 -5.45 32.14
N ILE B 255 20.84 -4.74 31.06
CA ILE B 255 22.15 -4.98 30.43
C ILE B 255 23.29 -4.42 31.29
N VAL B 256 23.04 -3.30 31.96
CA VAL B 256 23.97 -2.86 33.02
C VAL B 256 23.97 -3.88 34.16
N LYS B 257 22.83 -4.47 34.50
CA LYS B 257 22.89 -5.55 35.48
C LYS B 257 23.73 -6.72 34.97
N ASN B 258 23.80 -6.91 33.65
CA ASN B 258 24.63 -7.99 33.12
C ASN B 258 26.10 -7.71 33.38
N ARG B 259 26.54 -6.48 33.10
CA ARG B 259 27.92 -6.11 33.41
C ARG B 259 28.18 -6.08 34.91
N MET B 260 27.27 -5.44 35.65
CA MET B 260 27.44 -5.18 37.10
C MET B 260 27.33 -6.45 37.92
N GLY B 261 26.25 -7.21 37.67
CA GLY B 261 26.01 -8.48 38.35
C GLY B 261 26.90 -9.62 37.86
N GLU B 262 27.30 -9.57 36.59
CA GLU B 262 27.62 -10.79 35.82
C GLU B 262 26.32 -11.61 35.69
N LYS B 263 25.28 -10.94 35.16
CA LYS B 263 23.92 -11.49 34.85
C LYS B 263 22.96 -11.41 36.07
N VAL B 264 21.68 -11.73 35.81
CA VAL B 264 20.53 -11.28 36.65
C VAL B 264 20.07 -12.34 37.66
N ILE B 265 20.05 -13.63 37.33
CA ILE B 265 20.14 -14.60 38.44
C ILE B 265 21.50 -14.35 39.14
N GLY B 266 21.50 -14.37 40.47
CA GLY B 266 22.70 -13.89 41.20
C GLY B 266 22.65 -14.27 42.68
N PHE B 267 23.81 -14.68 43.22
CA PHE B 267 23.88 -15.38 44.52
C PHE B 267 25.22 -15.05 45.19
N GLY B 268 25.25 -15.15 46.52
CA GLY B 268 26.41 -14.60 47.25
C GLY B 268 26.43 -13.06 47.12
N THR B 269 27.61 -12.45 47.28
CA THR B 269 27.71 -10.97 47.28
C THR B 269 27.78 -10.33 45.89
N ASP B 270 26.92 -10.75 44.96
CA ASP B 270 26.77 -9.98 43.70
C ASP B 270 26.24 -8.56 43.95
N ASN B 271 25.68 -8.31 45.14
CA ASN B 271 25.26 -6.97 45.57
C ASN B 271 26.43 -5.96 45.67
N ALA B 272 27.68 -6.38 45.45
CA ALA B 272 28.79 -5.41 45.31
C ALA B 272 28.48 -4.34 44.26
N LYS B 273 27.63 -4.66 43.28
CA LYS B 273 26.98 -3.66 42.41
C LYS B 273 25.47 -3.90 42.23
N LEU B 274 24.95 -5.12 42.42
CA LEU B 274 23.50 -5.37 42.27
C LEU B 274 22.66 -4.82 43.43
N LYS B 275 22.54 -3.48 43.57
CA LYS B 275 21.87 -2.95 44.78
C LYS B 275 20.90 -1.77 44.64
N ASP B 276 20.93 -0.97 43.57
CA ASP B 276 19.84 0.00 43.36
C ASP B 276 19.77 0.40 41.87
N ASP B 277 18.60 0.91 41.48
CA ASP B 277 18.45 1.54 40.15
C ASP B 277 19.34 2.76 39.93
N GLU B 278 19.73 3.53 40.96
CA GLU B 278 20.73 4.57 40.69
C GLU B 278 22.17 3.99 40.61
N THR B 279 22.47 2.91 41.37
CA THR B 279 23.76 2.20 41.21
C THR B 279 23.89 1.63 39.79
N TYR B 280 22.78 1.14 39.24
CA TYR B 280 22.70 0.78 37.82
C TYR B 280 22.84 2.02 36.91
N LEU B 281 21.94 3.00 37.04
CA LEU B 281 21.86 4.11 36.05
C LEU B 281 23.12 4.99 36.01
N SER B 282 23.78 5.20 37.15
CA SER B 282 25.04 5.97 37.21
C SER B 282 26.18 5.32 36.41
N ARG B 283 26.12 4.01 36.17
CA ARG B 283 27.19 3.30 35.46
C ARG B 283 26.79 2.92 34.04
N VAL B 284 25.64 3.41 33.56
CA VAL B 284 25.16 3.04 32.23
C VAL B 284 26.18 3.38 31.14
N VAL B 285 26.47 2.37 30.33
CA VAL B 285 27.38 2.46 29.19
C VAL B 285 26.54 2.49 27.92
N PRO B 286 26.79 3.42 26.99
CA PRO B 286 25.96 3.53 25.79
C PRO B 286 26.10 2.36 24.80
N GLU B 287 27.19 1.57 24.83
CA GLU B 287 27.20 0.35 23.99
C GLU B 287 26.05 -0.61 24.30
N ASP B 288 25.57 -0.60 25.54
CA ASP B 288 24.41 -1.44 25.86
C ASP B 288 23.17 -0.98 25.08
N LEU B 289 23.09 0.30 24.72
CA LEU B 289 22.02 0.80 23.84
C LEU B 289 22.10 0.11 22.47
N LEU B 290 23.32 -0.10 21.99
CA LEU B 290 23.54 -0.72 20.67
C LEU B 290 23.12 -2.19 20.71
N LYS B 291 23.54 -2.89 21.79
CA LYS B 291 23.07 -4.26 22.04
C LYS B 291 21.56 -4.32 22.29
N PHE B 292 20.96 -3.27 22.89
CA PHE B 292 19.49 -3.09 22.98
C PHE B 292 18.81 -2.80 21.63
N GLY B 293 19.59 -2.53 20.57
CA GLY B 293 19.07 -2.49 19.19
C GLY B 293 19.54 -1.29 18.37
N LEU B 294 20.15 -0.30 19.03
CA LEU B 294 20.59 0.92 18.34
C LEU B 294 21.72 0.60 17.34
N ILE B 295 21.95 1.52 16.43
CA ILE B 295 22.98 1.32 15.42
C ILE B 295 24.22 2.11 15.79
N PRO B 296 25.38 1.45 15.94
CA PRO B 296 26.61 2.15 16.32
C PRO B 296 27.01 3.23 15.32
N GLU B 297 26.78 3.00 14.01
CA GLU B 297 27.04 4.04 13.01
C GLU B 297 26.33 5.37 13.32
N PHE B 298 25.14 5.34 13.91
CA PHE B 298 24.48 6.61 14.24
C PHE B 298 25.09 7.24 15.50
N ILE B 299 25.29 6.43 16.54
CA ILE B 299 25.80 6.99 17.79
C ILE B 299 27.27 7.42 17.68
N GLY B 300 27.95 7.00 16.61
CA GLY B 300 29.33 7.48 16.39
C GLY B 300 29.47 9.00 16.33
N ARG B 301 28.40 9.71 15.93
CA ARG B 301 28.44 11.19 15.91
C ARG B 301 27.79 11.80 17.16
N LEU B 302 27.37 10.98 18.12
CA LEU B 302 26.82 11.45 19.40
C LEU B 302 27.82 11.27 20.54
N PRO B 303 28.77 12.20 20.72
CA PRO B 303 29.73 12.06 21.83
C PRO B 303 29.06 12.26 23.19
N VAL B 304 28.16 13.24 23.31
CA VAL B 304 27.68 13.68 24.63
C VAL B 304 26.57 12.74 25.11
N ILE B 305 26.65 12.29 26.36
CA ILE B 305 25.55 11.51 26.96
C ILE B 305 24.98 12.24 28.19
N ALA B 306 23.74 12.70 28.07
CA ALA B 306 23.07 13.36 29.21
C ALA B 306 22.20 12.33 29.95
N THR B 307 22.80 11.58 30.87
CA THR B 307 21.93 10.78 31.75
C THR B 307 21.24 11.70 32.76
N LEU B 308 19.90 11.71 32.73
CA LEU B 308 19.13 12.18 33.88
C LEU B 308 19.31 11.24 35.08
N GLU B 309 18.71 11.66 36.20
CA GLU B 309 18.82 11.03 37.53
C GLU B 309 17.41 10.66 38.04
N GLN B 310 17.31 9.64 38.88
CA GLN B 310 15.95 9.23 39.31
C GLN B 310 15.28 10.25 40.23
N LEU B 311 14.24 10.90 39.71
CA LEU B 311 13.28 11.65 40.53
C LEU B 311 12.55 10.73 41.52
N ASP B 312 11.91 11.36 42.50
CA ASP B 312 11.30 10.67 43.63
C ASP B 312 10.31 11.62 44.29
N GLU B 313 9.58 11.12 45.28
CA GLU B 313 8.45 11.85 45.87
C GLU B 313 8.84 13.22 46.44
N ALA B 314 10.04 13.34 46.99
CA ALA B 314 10.51 14.66 47.46
C ALA B 314 10.82 15.57 46.26
N ALA B 315 11.41 15.02 45.20
CA ALA B 315 11.53 15.82 43.98
C ALA B 315 10.16 16.09 43.35
N LEU B 316 9.16 15.22 43.54
CA LEU B 316 7.80 15.54 43.07
C LEU B 316 7.28 16.75 43.82
N VAL B 317 7.31 16.70 45.16
CA VAL B 317 6.87 17.89 45.93
C VAL B 317 7.74 19.12 45.61
N SER B 318 9.01 18.93 45.28
CA SER B 318 9.81 20.07 44.77
C SER B 318 9.28 20.58 43.42
N ILE B 319 8.83 19.71 42.52
CA ILE B 319 8.25 20.17 41.25
C ILE B 319 6.92 20.90 41.49
N LEU B 320 6.25 20.60 42.61
CA LEU B 320 5.08 21.40 43.02
C LEU B 320 5.51 22.75 43.61
N THR B 321 6.55 22.76 44.43
CA THR B 321 6.85 23.92 45.29
C THR B 321 7.95 24.84 44.75
N GLU B 322 8.88 24.32 43.92
CA GLU B 322 9.96 25.14 43.41
C GLU B 322 9.60 25.97 42.17
N PRO B 323 9.03 25.39 41.10
CA PRO B 323 8.94 26.15 39.83
C PRO B 323 8.07 27.41 39.91
N LYS B 324 8.37 28.40 39.07
CA LYS B 324 7.66 29.69 39.22
C LYS B 324 6.18 29.62 38.81
N ASN B 325 5.84 28.89 37.74
CA ASN B 325 4.44 28.61 37.38
C ASN B 325 4.13 27.13 37.62
N ALA B 326 4.56 26.62 38.78
CA ALA B 326 4.26 25.24 39.14
C ALA B 326 2.75 24.96 39.20
N LEU B 327 2.42 23.68 39.14
CA LEU B 327 1.05 23.27 38.84
C LEU B 327 0.08 23.64 39.99
N VAL B 328 0.46 23.35 41.25
CA VAL B 328 -0.36 23.81 42.39
C VAL B 328 -0.38 25.34 42.54
N LYS B 329 0.67 26.04 42.07
CA LYS B 329 0.63 27.52 42.07
C LYS B 329 -0.37 28.00 41.02
N GLN B 330 -0.42 27.30 39.89
CA GLN B 330 -1.49 27.51 38.92
C GLN B 330 -2.88 27.20 39.48
N TYR B 331 -3.07 26.07 40.16
CA TYR B 331 -4.38 25.84 40.79
C TYR B 331 -4.75 26.89 41.84
N LYS B 332 -3.77 27.31 42.65
CA LYS B 332 -3.99 28.37 43.64
C LYS B 332 -4.41 29.67 42.95
N ARG B 333 -3.76 30.01 41.85
CA ARG B 333 -4.19 31.15 41.02
C ARG B 333 -5.56 30.93 40.36
N MET B 334 -5.86 29.71 39.92
CA MET B 334 -7.20 29.45 39.32
C MET B 334 -8.31 29.66 40.34
N LEU B 335 -8.14 29.18 41.57
CA LEU B 335 -9.13 29.47 42.62
C LEU B 335 -9.02 30.91 43.17
N GLU B 336 -7.86 31.55 43.00
CA GLU B 336 -7.76 33.01 43.24
C GLU B 336 -8.56 33.84 42.22
N LEU B 337 -8.91 33.27 41.05
CA LEU B 337 -9.91 33.93 40.19
C LEU B 337 -11.29 33.97 40.86
N ASP B 338 -11.62 32.95 41.64
CA ASP B 338 -12.85 32.94 42.46
C ASP B 338 -12.67 33.67 43.80
N ASP B 339 -11.50 34.29 44.04
CA ASP B 339 -11.16 34.85 45.37
C ASP B 339 -11.29 33.81 46.51
N VAL B 340 -11.01 32.54 46.22
CA VAL B 340 -10.95 31.49 47.25
C VAL B 340 -9.50 31.03 47.40
N GLU B 341 -8.94 31.11 48.60
CA GLU B 341 -7.53 30.70 48.78
C GLU B 341 -7.46 29.17 48.85
N LEU B 342 -7.05 28.58 47.73
CA LEU B 342 -6.79 27.14 47.61
C LEU B 342 -5.42 26.83 48.24
N GLU B 343 -5.44 26.51 49.53
CA GLU B 343 -4.21 26.19 50.27
C GLU B 343 -3.92 24.69 50.17
N PHE B 344 -2.64 24.33 50.05
CA PHE B 344 -2.20 22.94 49.89
C PHE B 344 -1.41 22.46 51.11
N GLU B 345 -1.84 21.38 51.75
CA GLU B 345 -0.96 20.82 52.80
C GLU B 345 0.17 19.98 52.19
N PRO B 346 1.43 20.19 52.59
CA PRO B 346 2.54 19.41 52.02
C PRO B 346 2.47 17.93 52.38
N THR B 347 1.83 17.56 53.48
CA THR B 347 1.55 16.13 53.72
C THR B 347 0.57 15.56 52.70
N ALA B 348 -0.39 16.34 52.23
CA ALA B 348 -1.20 15.88 51.11
C ALA B 348 -0.32 15.78 49.85
N LEU B 349 0.59 16.73 49.63
CA LEU B 349 1.50 16.62 48.46
C LEU B 349 2.41 15.40 48.53
N ILE B 350 2.95 15.07 49.70
CA ILE B 350 3.76 13.85 49.83
C ILE B 350 2.88 12.60 49.69
N GLU B 351 1.63 12.65 50.12
CA GLU B 351 0.74 11.51 49.88
C GLU B 351 0.43 11.35 48.40
N ILE B 352 0.16 12.46 47.71
CA ILE B 352 -0.07 12.37 46.26
C ILE B 352 1.22 11.92 45.55
N ALA B 353 2.39 12.40 45.98
CA ALA B 353 3.64 11.96 45.35
C ALA B 353 3.90 10.45 45.55
N LYS B 354 3.53 9.89 46.70
CA LYS B 354 3.57 8.43 46.83
C LYS B 354 2.57 7.74 45.89
N GLU B 355 1.34 8.28 45.78
CA GLU B 355 0.34 7.68 44.87
C GLU B 355 0.75 7.77 43.39
N ALA B 356 1.31 8.89 42.93
CA ALA B 356 1.71 8.98 41.50
C ALA B 356 2.96 8.14 41.17
N ILE B 357 3.87 7.94 42.14
CA ILE B 357 4.95 6.95 41.91
C ILE B 357 4.38 5.52 41.93
N GLU B 358 3.37 5.24 42.75
CA GLU B 358 2.70 3.91 42.75
C GLU B 358 1.92 3.67 41.46
N ARG B 359 1.09 4.65 41.05
CA ARG B 359 0.38 4.66 39.75
C ARG B 359 1.28 4.87 38.54
N LYS B 360 2.56 5.17 38.80
CA LYS B 360 3.62 5.37 37.79
C LYS B 360 3.44 6.58 36.84
N THR B 361 2.67 7.60 37.20
CA THR B 361 2.32 8.69 36.24
C THR B 361 3.42 9.73 35.96
N GLY B 362 4.59 9.60 36.57
CA GLY B 362 5.60 10.67 36.59
C GLY B 362 5.06 12.00 37.16
N ALA B 363 5.76 13.09 36.86
CA ALA B 363 5.27 14.40 37.30
C ALA B 363 3.96 14.81 36.60
N ARG B 364 3.68 14.25 35.42
CA ARG B 364 2.57 14.74 34.58
C ARG B 364 1.19 14.34 35.15
N GLY B 365 1.05 13.12 35.68
CA GLY B 365 -0.26 12.74 36.28
C GLY B 365 -0.57 13.45 37.61
N LEU B 366 0.40 14.11 38.23
CA LEU B 366 0.10 14.89 39.44
C LEU B 366 -0.99 15.93 39.17
N ARG B 367 -0.77 16.76 38.15
CA ARG B 367 -1.75 17.80 37.76
C ARG B 367 -3.15 17.17 37.70
N SER B 368 -3.30 16.05 36.98
CA SER B 368 -4.60 15.39 36.86
C SER B 368 -5.12 14.89 38.21
N ILE B 369 -4.26 14.38 39.09
CA ILE B 369 -4.75 13.97 40.41
C ILE B 369 -5.20 15.18 41.23
N ILE B 370 -4.54 16.33 41.08
CA ILE B 370 -5.03 17.53 41.77
C ILE B 370 -6.35 17.99 41.15
N GLU B 371 -6.49 17.88 39.83
CA GLU B 371 -7.78 18.20 39.23
C GLU B 371 -8.87 17.22 39.69
N GLN B 372 -8.53 15.95 39.89
CA GLN B 372 -9.48 15.02 40.52
C GLN B 372 -9.83 15.50 41.94
N ILE B 373 -8.90 16.16 42.63
CA ILE B 373 -9.19 16.68 43.97
C ILE B 373 -10.10 17.92 43.90
N MET B 374 -9.76 18.96 43.14
CA MET B 374 -10.55 20.23 43.21
C MET B 374 -11.56 20.40 42.08
N LEU B 375 -11.86 19.34 41.32
CA LEU B 375 -13.06 19.31 40.47
C LEU B 375 -14.32 19.74 41.22
N GLU B 376 -14.62 19.09 42.34
CA GLU B 376 -15.82 19.45 43.13
C GLU B 376 -15.71 20.85 43.77
N VAL B 377 -14.50 21.34 43.95
CA VAL B 377 -14.31 22.71 44.46
C VAL B 377 -14.77 23.68 43.41
N MET B 378 -14.24 23.55 42.19
CA MET B 378 -14.68 24.36 41.06
C MET B 378 -16.15 24.14 40.73
N PHE B 379 -16.64 22.91 40.91
CA PHE B 379 -18.07 22.64 40.71
C PHE B 379 -18.93 23.48 41.66
N GLU B 380 -18.61 23.49 42.96
CA GLU B 380 -19.42 24.29 43.89
C GLU B 380 -19.03 25.78 43.94
N ILE B 381 -17.90 26.18 43.35
CA ILE B 381 -17.36 27.52 43.57
C ILE B 381 -18.25 28.72 43.15
N PRO B 382 -19.17 28.67 42.16
CA PRO B 382 -20.01 29.86 41.95
C PRO B 382 -20.92 30.13 43.14
N SER B 383 -21.40 29.08 43.80
CA SER B 383 -22.36 29.20 44.92
C SER B 383 -21.71 29.20 46.29
N ARG B 384 -20.43 28.82 46.40
CA ARG B 384 -19.75 28.75 47.70
C ARG B 384 -18.76 29.90 47.86
N ASP B 385 -18.90 30.64 48.96
CA ASP B 385 -17.97 31.73 49.29
C ASP B 385 -17.06 31.34 50.48
N ASP B 386 -16.51 30.12 50.45
CA ASP B 386 -15.55 29.69 51.48
C ASP B 386 -14.30 30.60 51.47
N ILE B 387 -13.71 30.82 52.66
CA ILE B 387 -12.54 31.74 52.76
C ILE B 387 -11.27 31.03 52.28
N THR B 388 -10.92 29.95 52.99
CA THR B 388 -9.83 29.05 52.60
C THR B 388 -10.43 27.72 52.18
N LYS B 389 -10.00 27.23 51.03
CA LYS B 389 -10.20 25.84 50.65
C LYS B 389 -8.87 25.16 50.94
N CYS B 390 -8.80 24.38 52.00
CA CYS B 390 -7.52 23.74 52.32
C CYS B 390 -7.58 22.28 51.85
N ILE B 391 -6.62 21.87 51.02
CA ILE B 391 -6.51 20.48 50.58
C ILE B 391 -5.64 19.73 51.58
N ILE B 392 -6.25 18.79 52.28
CA ILE B 392 -5.65 18.05 53.40
C ILE B 392 -5.61 16.56 53.04
N THR B 393 -4.66 15.82 53.64
CA THR B 393 -4.38 14.44 53.17
C THR B 393 -5.59 13.48 53.25
N GLU B 394 -6.49 13.63 54.23
CA GLU B 394 -7.74 12.84 54.18
C GLU B 394 -8.58 13.13 52.93
N LYS B 395 -8.72 14.41 52.54
CA LYS B 395 -9.38 14.70 51.26
C LYS B 395 -8.52 14.31 50.06
N ALA B 396 -7.19 14.39 50.16
CA ALA B 396 -6.34 14.08 49.01
C ALA B 396 -6.27 12.57 48.68
N ALA B 397 -6.04 11.73 49.67
CA ALA B 397 -5.92 10.29 49.41
C ALA B 397 -7.28 9.59 49.20
N ARG B 398 -8.38 10.17 49.69
CA ARG B 398 -9.70 9.50 49.62
C ARG B 398 -10.67 10.23 48.70
N GLY B 399 -10.64 11.57 48.73
CA GLY B 399 -11.46 12.40 47.82
C GLY B 399 -12.98 12.25 48.03
N GLU B 400 -13.39 11.83 49.22
CA GLU B 400 -14.80 11.52 49.53
C GLU B 400 -15.67 12.77 49.75
N GLU B 401 -15.03 13.88 50.10
CA GLU B 401 -15.67 15.19 50.25
C GLU B 401 -14.75 16.21 49.60
N GLU B 402 -15.24 17.43 49.46
CA GLU B 402 -14.34 18.53 49.09
C GLU B 402 -13.16 18.66 50.06
N PRO B 403 -12.04 19.19 49.59
CA PRO B 403 -11.07 19.86 50.46
C PRO B 403 -11.75 20.79 51.47
N GLN B 404 -11.15 20.93 52.64
CA GLN B 404 -11.88 21.49 53.78
C GLN B 404 -12.28 22.96 53.52
N LEU B 405 -13.54 23.27 53.75
CA LEU B 405 -13.95 24.68 53.82
C LEU B 405 -13.49 25.26 55.15
N GLN B 406 -12.86 26.43 55.10
CA GLN B 406 -12.71 27.24 56.31
C GLN B 406 -13.75 28.38 56.17
N LEU B 407 -14.65 28.47 57.15
CA LEU B 407 -15.68 29.55 57.21
C LEU B 407 -15.15 30.80 57.94
N GLU C 60 44.33 16.40 -17.26
CA GLU C 60 42.86 16.39 -16.95
C GLU C 60 42.70 16.07 -15.45
N VAL C 61 42.01 14.98 -15.09
CA VAL C 61 42.07 14.48 -13.70
C VAL C 61 43.50 14.00 -13.35
N PRO C 62 43.91 14.07 -12.07
CA PRO C 62 45.25 13.63 -11.67
C PRO C 62 45.44 12.11 -11.82
N LYS C 63 46.65 11.59 -11.59
CA LYS C 63 46.84 10.13 -11.71
C LYS C 63 46.35 9.42 -10.44
N PRO C 64 46.02 8.12 -10.53
CA PRO C 64 45.57 7.33 -9.36
C PRO C 64 46.54 7.39 -8.19
N GLN C 65 47.84 7.39 -8.49
CA GLN C 65 48.85 7.48 -7.44
C GLN C 65 48.69 8.74 -6.58
N GLU C 66 48.69 9.92 -7.23
CA GLU C 66 48.56 11.16 -6.44
C GLU C 66 47.16 11.35 -5.86
N ILE C 67 46.11 10.86 -6.54
CA ILE C 67 44.76 10.87 -5.95
C ILE C 67 44.75 10.07 -4.65
N ARG C 68 45.36 8.89 -4.65
CA ARG C 68 45.53 8.12 -3.41
C ARG C 68 46.35 8.90 -2.39
N HIS C 69 47.45 9.54 -2.79
CA HIS C 69 48.24 10.33 -1.82
C HIS C 69 47.43 11.46 -1.17
N ILE C 70 46.54 12.12 -1.92
CA ILE C 70 45.69 13.17 -1.31
C ILE C 70 44.60 12.52 -0.44
N LEU C 71 44.01 11.40 -0.89
CA LEU C 71 43.05 10.65 -0.04
C LEU C 71 43.65 10.21 1.30
N SER C 72 44.97 9.98 1.31
CA SER C 72 45.71 9.51 2.49
C SER C 72 45.81 10.55 3.63
N ASP C 73 45.49 11.81 3.40
CA ASP C 73 45.47 12.75 4.55
C ASP C 73 44.19 12.62 5.39
N TYR C 74 43.07 12.38 4.71
CA TYR C 74 41.78 12.27 5.41
C TYR C 74 41.56 10.86 5.94
N VAL C 75 41.62 9.88 5.04
CA VAL C 75 41.37 8.49 5.42
C VAL C 75 42.71 7.87 5.72
N ILE C 76 42.84 7.31 6.90
CA ILE C 76 44.06 6.61 7.27
C ILE C 76 44.00 5.16 6.77
N GLY C 77 44.95 4.80 5.91
CA GLY C 77 45.01 3.41 5.42
C GLY C 77 43.87 3.09 4.46
N GLN C 78 43.33 1.87 4.58
CA GLN C 78 42.33 1.31 3.64
C GLN C 78 42.88 1.19 2.19
N GLU C 79 44.19 0.98 2.07
CA GLU C 79 44.88 1.41 0.84
C GLU C 79 44.62 0.54 -0.40
N ARG C 80 44.33 -0.75 -0.26
CA ARG C 80 44.06 -1.57 -1.48
C ARG C 80 42.79 -1.10 -2.18
N ALA C 81 41.77 -0.81 -1.38
CA ALA C 81 40.57 -0.20 -1.93
C ALA C 81 40.85 1.20 -2.48
N LYS C 82 41.67 2.01 -1.79
CA LYS C 82 42.09 3.30 -2.36
C LYS C 82 42.81 3.15 -3.71
N LYS C 83 43.67 2.15 -3.88
CA LYS C 83 44.23 1.95 -5.24
C LYS C 83 43.14 1.62 -6.25
N ALA C 84 42.24 0.69 -5.89
CA ALA C 84 41.18 0.24 -6.81
C ALA C 84 40.23 1.39 -7.20
N LEU C 85 39.76 2.19 -6.22
CA LEU C 85 38.93 3.34 -6.60
C LEU C 85 39.72 4.40 -7.37
N ALA C 86 40.99 4.64 -7.04
CA ALA C 86 41.75 5.67 -7.75
C ALA C 86 41.97 5.33 -9.23
N VAL C 87 42.27 4.06 -9.54
CA VAL C 87 42.38 3.66 -10.95
C VAL C 87 41.01 3.63 -11.63
N ALA C 88 39.97 3.23 -10.90
CA ALA C 88 38.62 3.21 -11.47
C ALA C 88 38.14 4.62 -11.85
N VAL C 89 38.22 5.59 -10.93
CA VAL C 89 37.79 6.96 -11.25
C VAL C 89 38.68 7.58 -12.31
N TYR C 90 39.98 7.29 -12.26
CA TYR C 90 40.87 7.79 -13.31
C TYR C 90 40.46 7.26 -14.68
N ASN C 91 40.26 5.95 -14.81
CA ASN C 91 39.81 5.38 -16.08
C ASN C 91 38.43 5.92 -16.46
N HIS C 92 37.53 6.05 -15.48
CA HIS C 92 36.19 6.56 -15.76
C HIS C 92 36.22 7.99 -16.32
N TYR C 93 36.98 8.87 -15.68
CA TYR C 93 37.13 10.23 -16.21
C TYR C 93 38.11 10.33 -17.37
N LYS C 94 39.01 9.37 -17.55
CA LYS C 94 39.76 9.31 -18.82
C LYS C 94 38.78 9.00 -19.95
N ARG C 95 37.97 7.95 -19.75
CA ARG C 95 36.92 7.57 -20.73
C ARG C 95 36.07 8.81 -21.03
N ILE C 96 35.47 9.43 -20.00
CA ILE C 96 34.60 10.58 -20.25
C ILE C 96 35.35 11.73 -20.94
N ASN C 97 36.47 12.20 -20.36
CA ASN C 97 37.08 13.46 -20.88
C ASN C 97 37.81 13.29 -22.21
N SER C 98 38.33 12.11 -22.53
CA SER C 98 39.06 11.93 -23.81
C SER C 98 38.14 11.51 -24.98
N ASN C 99 36.79 11.68 -24.77
CA ASN C 99 35.74 11.15 -25.67
C ASN C 99 35.69 9.64 -25.66
N GLU C 100 34.84 9.07 -24.79
CA GLU C 100 34.78 7.62 -24.58
C GLU C 100 34.94 6.85 -25.89
N THR C 101 36.17 6.37 -26.04
CA THR C 101 36.65 5.50 -27.12
C THR C 101 36.64 6.08 -28.54
N LYS C 102 37.81 6.48 -29.04
CA LYS C 102 37.93 6.93 -30.45
C LYS C 102 37.75 5.78 -31.45
N GLU C 103 38.30 4.60 -31.14
CA GLU C 103 38.29 3.45 -32.07
C GLU C 103 36.89 2.85 -32.14
N ASP C 104 36.26 2.93 -33.32
CA ASP C 104 34.90 2.40 -33.58
C ASP C 104 33.78 2.99 -32.66
N GLU C 105 34.10 3.96 -31.80
CA GLU C 105 33.25 4.43 -30.64
C GLU C 105 32.75 3.24 -29.77
N VAL C 106 33.49 2.13 -29.72
CA VAL C 106 33.03 0.94 -28.96
C VAL C 106 33.13 1.16 -27.45
N GLU C 107 32.28 0.47 -26.69
CA GLU C 107 32.25 0.61 -25.22
C GLU C 107 33.60 0.29 -24.55
N LEU C 108 33.82 0.92 -23.38
CA LEU C 108 34.78 0.41 -22.38
C LEU C 108 34.04 0.18 -21.06
N SER C 109 34.64 -0.62 -20.18
CA SER C 109 34.14 -0.80 -18.81
C SER C 109 33.86 0.51 -18.07
N LYS C 110 32.88 0.43 -17.17
CA LYS C 110 32.50 1.54 -16.29
C LYS C 110 33.13 1.46 -14.90
N SER C 111 33.99 0.45 -14.66
CA SER C 111 34.79 0.27 -13.43
C SER C 111 34.00 0.33 -12.10
N ASN C 112 32.77 -0.18 -12.06
CA ASN C 112 31.97 -0.06 -10.83
C ASN C 112 32.51 -0.99 -9.73
N ILE C 113 32.58 -0.49 -8.49
CA ILE C 113 33.36 -1.17 -7.44
C ILE C 113 32.50 -1.66 -6.29
N CYS C 114 32.71 -2.90 -5.86
CA CYS C 114 32.06 -3.44 -4.66
C CYS C 114 33.07 -3.57 -3.51
N LEU C 115 32.72 -3.01 -2.36
CA LEU C 115 33.64 -2.82 -1.24
C LEU C 115 33.32 -3.75 -0.08
N ILE C 116 34.33 -4.48 0.40
CA ILE C 116 34.22 -5.29 1.63
C ILE C 116 35.09 -4.71 2.76
N GLY C 117 34.46 -4.41 3.89
CA GLY C 117 35.17 -3.87 5.05
C GLY C 117 34.35 -4.00 6.34
N PRO C 118 34.89 -3.53 7.46
CA PRO C 118 34.15 -3.59 8.73
C PRO C 118 33.25 -2.36 8.91
N THR C 119 32.58 -2.31 10.05
CA THR C 119 31.92 -1.07 10.50
C THR C 119 32.94 0.02 10.89
N GLY C 120 32.46 1.28 11.00
CA GLY C 120 33.28 2.39 11.52
C GLY C 120 34.53 2.73 10.71
N SER C 121 34.63 2.16 9.52
CA SER C 121 35.89 2.03 8.78
C SER C 121 36.18 3.19 7.83
N GLY C 122 35.53 4.34 8.05
CA GLY C 122 35.78 5.50 7.21
C GLY C 122 35.24 5.41 5.79
N LYS C 123 34.49 4.35 5.47
CA LYS C 123 33.83 4.16 4.17
C LYS C 123 33.17 5.42 3.63
N THR C 124 32.42 6.12 4.48
CA THR C 124 31.65 7.31 4.13
C THR C 124 32.54 8.55 4.14
N LEU C 125 33.53 8.58 5.02
CA LEU C 125 34.58 9.59 4.96
C LEU C 125 35.40 9.47 3.66
N LEU C 126 35.66 8.24 3.21
CA LEU C 126 36.36 8.01 1.94
C LEU C 126 35.55 8.55 0.75
N ALA C 127 34.24 8.29 0.74
CA ALA C 127 33.35 8.84 -0.29
C ALA C 127 33.31 10.38 -0.29
N GLN C 128 33.24 10.99 0.90
CA GLN C 128 33.37 12.46 1.01
C GLN C 128 34.74 12.94 0.52
N THR C 129 35.79 12.20 0.84
CA THR C 129 37.14 12.64 0.48
C THR C 129 37.36 12.57 -1.03
N LEU C 130 36.90 11.49 -1.66
CA LEU C 130 36.97 11.44 -3.13
C LEU C 130 36.14 12.56 -3.78
N ALA C 131 34.93 12.82 -3.28
CA ALA C 131 34.09 13.88 -3.87
C ALA C 131 34.68 15.29 -3.67
N ARG C 132 35.28 15.55 -2.50
CA ARG C 132 36.00 16.82 -2.25
C ARG C 132 37.30 16.92 -3.05
N ILE C 133 38.00 15.81 -3.27
CA ILE C 133 39.23 15.83 -4.10
C ILE C 133 38.91 16.09 -5.57
N LEU C 134 38.11 15.22 -6.21
CA LEU C 134 38.09 15.26 -7.69
C LEU C 134 37.21 16.35 -8.32
N ASN C 135 36.60 17.25 -7.53
CA ASN C 135 35.76 18.34 -8.07
C ASN C 135 34.56 17.83 -8.90
N VAL C 136 34.00 16.68 -8.50
CA VAL C 136 32.92 15.98 -9.23
C VAL C 136 31.77 15.68 -8.26
N PRO C 137 30.52 15.69 -8.74
CA PRO C 137 29.39 15.45 -7.84
C PRO C 137 29.26 13.98 -7.51
N PHE C 138 28.55 13.76 -6.41
CA PHE C 138 28.32 12.40 -5.95
C PHE C 138 26.91 12.32 -5.37
N ALA C 139 26.48 11.09 -5.16
CA ALA C 139 25.34 10.78 -4.31
C ALA C 139 25.79 9.67 -3.34
N ILE C 140 25.42 9.80 -2.06
CA ILE C 140 25.61 8.75 -1.06
C ILE C 140 24.22 8.20 -0.74
N ALA C 141 24.10 6.88 -0.71
CA ALA C 141 22.80 6.25 -0.49
C ALA C 141 22.96 4.96 0.29
N ASP C 142 21.84 4.41 0.76
CA ASP C 142 21.87 3.13 1.47
C ASP C 142 20.69 2.26 1.06
N ALA C 143 20.96 0.98 0.81
CA ALA C 143 19.91 0.08 0.32
C ALA C 143 19.15 -0.71 1.42
N THR C 144 19.43 -0.46 2.71
CA THR C 144 18.78 -1.24 3.80
C THR C 144 17.25 -1.10 3.79
N SER C 145 16.72 0.12 3.76
CA SER C 145 15.26 0.35 3.70
C SER C 145 14.71 0.49 2.28
N LEU C 146 15.54 0.24 1.25
CA LEU C 146 15.06 0.17 -0.14
C LEU C 146 14.83 -1.28 -0.59
N THR C 147 14.73 -2.21 0.35
CA THR C 147 14.59 -3.67 0.08
C THR C 147 13.14 -4.03 -0.30
N GLU C 148 12.63 -3.39 -1.36
CA GLU C 148 11.26 -3.64 -1.83
C GLU C 148 11.27 -3.93 -3.33
N ALA C 149 10.22 -4.60 -3.77
CA ALA C 149 10.02 -4.81 -5.21
C ALA C 149 9.24 -3.63 -5.83
N GLY C 150 9.38 -3.45 -7.14
CA GLY C 150 8.53 -2.45 -7.84
C GLY C 150 8.91 -0.98 -7.59
N TYR C 151 8.15 -0.30 -6.73
CA TYR C 151 8.19 1.17 -6.69
C TYR C 151 9.47 1.74 -6.06
N VAL C 152 10.12 1.01 -5.15
CA VAL C 152 11.28 1.58 -4.45
C VAL C 152 12.51 1.81 -5.37
N GLY C 153 12.60 1.10 -6.50
CA GLY C 153 13.67 1.39 -7.48
C GLY C 153 13.46 2.72 -8.20
N GLU C 154 12.27 3.32 -8.14
CA GLU C 154 12.14 4.74 -8.52
C GLU C 154 12.69 5.64 -7.40
N ASP C 155 12.62 5.22 -6.13
CA ASP C 155 13.28 6.03 -5.09
C ASP C 155 14.80 5.94 -5.19
N VAL C 156 15.33 4.82 -5.72
CA VAL C 156 16.75 4.76 -6.16
C VAL C 156 16.97 5.62 -7.41
N GLU C 157 15.98 5.78 -8.28
CA GLU C 157 16.17 6.78 -9.35
C GLU C 157 16.05 8.23 -8.79
N ASN C 158 15.32 8.40 -7.69
CA ASN C 158 15.32 9.66 -6.95
C ASN C 158 16.63 9.89 -6.16
N ILE C 159 17.32 8.83 -5.76
CA ILE C 159 18.74 8.95 -5.40
C ILE C 159 19.55 9.48 -6.59
N LEU C 160 19.28 8.99 -7.79
CA LEU C 160 19.91 9.60 -8.96
C LEU C 160 19.44 11.05 -9.19
N LEU C 161 18.21 11.41 -8.83
CA LEU C 161 17.85 12.84 -8.82
C LEU C 161 18.64 13.63 -7.77
N LYS C 162 19.02 13.04 -6.63
CA LYS C 162 20.00 13.70 -5.73
C LYS C 162 21.35 13.88 -6.41
N LEU C 163 21.77 12.96 -7.27
CA LEU C 163 22.94 13.26 -8.09
C LEU C 163 22.68 14.44 -9.02
N ILE C 164 21.46 14.62 -9.55
CA ILE C 164 21.24 15.80 -10.40
C ILE C 164 21.16 17.09 -9.59
N GLN C 165 20.66 17.03 -8.35
CA GLN C 165 20.76 18.20 -7.47
C GLN C 165 22.23 18.50 -7.17
N SER C 166 23.02 17.46 -6.87
CA SER C 166 24.47 17.56 -6.62
C SER C 166 25.30 17.97 -7.86
N ALA C 167 24.97 17.48 -9.05
CA ALA C 167 25.59 17.90 -10.31
C ALA C 167 25.09 19.28 -10.81
N ASP C 168 24.32 20.03 -10.00
CA ASP C 168 23.87 21.39 -10.39
C ASP C 168 23.16 21.40 -11.76
N TYR C 169 22.42 20.32 -12.02
CA TYR C 169 21.62 20.15 -13.23
C TYR C 169 22.44 20.20 -14.52
N ASP C 170 23.71 19.80 -14.47
CA ASP C 170 24.56 19.68 -15.66
C ASP C 170 24.66 18.21 -16.12
N VAL C 171 24.39 17.97 -17.41
CA VAL C 171 24.54 16.61 -17.98
C VAL C 171 26.01 16.16 -17.96
N GLU C 172 26.97 17.06 -18.19
CA GLU C 172 28.39 16.62 -18.16
C GLU C 172 28.84 16.27 -16.73
N LYS C 173 28.46 17.08 -15.74
CA LYS C 173 28.70 16.66 -14.35
C LYS C 173 27.85 15.46 -13.91
N ALA C 174 26.64 15.26 -14.44
CA ALA C 174 25.87 14.03 -14.14
C ALA C 174 26.55 12.77 -14.72
N GLU C 175 27.07 12.83 -15.97
CA GLU C 175 27.91 11.74 -16.49
C GLU C 175 29.17 11.57 -15.64
N LYS C 176 29.77 12.67 -15.19
CA LYS C 176 30.89 12.58 -14.24
C LYS C 176 30.47 12.31 -12.78
N GLY C 177 29.18 12.04 -12.53
CA GLY C 177 28.70 11.84 -11.15
C GLY C 177 29.01 10.44 -10.60
N ILE C 178 29.23 10.39 -9.29
CA ILE C 178 29.61 9.15 -8.59
C ILE C 178 28.52 8.75 -7.58
N ILE C 179 28.08 7.50 -7.61
CA ILE C 179 27.08 7.04 -6.62
C ILE C 179 27.73 6.06 -5.66
N TYR C 180 27.62 6.31 -4.35
CA TYR C 180 28.04 5.36 -3.32
C TYR C 180 26.81 4.74 -2.63
N ILE C 181 26.76 3.42 -2.58
CA ILE C 181 25.66 2.70 -1.90
C ILE C 181 26.21 1.90 -0.72
N ASP C 182 25.68 2.15 0.47
CA ASP C 182 26.10 1.44 1.67
C ASP C 182 25.13 0.30 2.07
N GLN C 183 25.62 -0.56 2.97
CA GLN C 183 24.90 -1.69 3.61
C GLN C 183 24.24 -2.67 2.63
N ILE C 184 24.94 -2.96 1.52
CA ILE C 184 24.34 -3.79 0.47
C ILE C 184 24.01 -5.22 0.92
N ASP C 185 24.83 -5.81 1.79
CA ASP C 185 24.63 -7.22 2.18
C ASP C 185 23.31 -7.49 2.91
N LYS C 186 22.55 -6.46 3.34
CA LYS C 186 21.20 -6.74 3.88
C LYS C 186 20.23 -7.24 2.79
N VAL C 187 20.45 -6.87 1.52
CA VAL C 187 19.59 -7.43 0.45
C VAL C 187 20.13 -8.76 -0.10
N ALA C 188 21.29 -9.21 0.38
CA ALA C 188 21.94 -10.41 -0.17
C ALA C 188 21.39 -11.70 0.46
N ARG C 189 20.06 -11.85 0.40
CA ARG C 189 19.29 -12.94 1.03
C ARG C 189 18.49 -13.72 -0.02
N LYS C 190 19.11 -13.99 -1.17
CA LYS C 190 18.40 -14.49 -2.36
C LYS C 190 18.53 -16.00 -2.53
N GLY C 202 12.38 -8.94 -1.46
CA GLY C 202 12.60 -8.14 -2.67
C GLY C 202 13.99 -7.53 -2.89
N GLU C 203 14.60 -7.97 -3.99
CA GLU C 203 15.89 -7.52 -4.47
C GLU C 203 15.81 -6.38 -5.48
N GLY C 204 14.78 -5.54 -5.41
CA GLY C 204 14.63 -4.49 -6.44
C GLY C 204 15.77 -3.46 -6.47
N VAL C 205 16.68 -3.49 -5.50
CA VAL C 205 17.98 -2.80 -5.64
C VAL C 205 18.96 -3.58 -6.51
N GLN C 206 18.94 -4.92 -6.51
CA GLN C 206 19.77 -5.65 -7.46
C GLN C 206 19.21 -5.45 -8.87
N GLN C 207 17.88 -5.40 -9.00
CA GLN C 207 17.23 -5.01 -10.26
C GLN C 207 17.67 -3.64 -10.79
N ALA C 208 17.81 -2.65 -9.92
CA ALA C 208 17.98 -1.27 -10.39
C ALA C 208 19.35 -1.02 -11.05
N LEU C 209 20.45 -1.50 -10.45
CA LEU C 209 21.77 -1.26 -11.07
C LEU C 209 21.92 -1.95 -12.44
N LEU C 210 21.13 -3.00 -12.70
CA LEU C 210 21.08 -3.58 -14.06
C LEU C 210 20.50 -2.57 -15.04
N LYS C 211 19.31 -2.08 -14.71
CA LYS C 211 18.55 -1.26 -15.66
C LYS C 211 19.24 0.09 -15.87
N ILE C 212 19.79 0.70 -14.81
CA ILE C 212 20.45 2.00 -14.96
C ILE C 212 21.84 1.91 -15.60
N LEU C 213 22.51 0.74 -15.63
CA LEU C 213 23.74 0.68 -16.43
C LEU C 213 23.48 0.78 -17.94
N GLU C 214 22.29 0.41 -18.40
CA GLU C 214 21.97 0.63 -19.80
C GLU C 214 21.28 1.99 -20.00
N GLY C 215 20.15 2.18 -19.35
CA GLY C 215 19.29 3.36 -19.64
C GLY C 215 18.37 3.19 -20.86
N ASP C 237 21.64 8.67 -20.99
CA ASP C 237 22.89 7.85 -21.05
C ASP C 237 23.44 7.44 -19.67
N THR C 238 22.56 6.85 -18.86
CA THR C 238 22.92 6.47 -17.47
C THR C 238 24.04 5.41 -17.39
N GLY C 239 24.35 4.69 -18.47
CA GLY C 239 25.55 3.83 -18.48
C GLY C 239 26.88 4.59 -18.31
N ASN C 240 26.91 5.91 -18.47
CA ASN C 240 28.16 6.66 -18.29
C ASN C 240 28.45 7.04 -16.82
N ILE C 241 27.57 6.69 -15.87
CA ILE C 241 27.73 7.05 -14.45
C ILE C 241 28.67 6.05 -13.76
N LEU C 242 29.33 6.47 -12.65
CA LEU C 242 30.23 5.58 -11.89
C LEU C 242 29.58 5.14 -10.58
N PHE C 243 29.59 3.84 -10.31
CA PHE C 243 28.93 3.29 -9.13
C PHE C 243 29.92 2.60 -8.21
N ILE C 244 29.75 2.86 -6.93
CA ILE C 244 30.47 2.18 -5.88
C ILE C 244 29.45 1.69 -4.88
N VAL C 245 29.65 0.48 -4.38
CA VAL C 245 28.70 -0.10 -3.42
C VAL C 245 29.51 -0.82 -2.34
N GLY C 246 29.13 -0.74 -1.07
CA GLY C 246 29.97 -1.30 0.00
C GLY C 246 29.13 -2.07 1.01
N GLY C 247 29.74 -3.07 1.65
CA GLY C 247 29.03 -3.91 2.61
C GLY C 247 29.96 -4.64 3.60
N ALA C 248 29.33 -5.30 4.57
CA ALA C 248 30.07 -5.91 5.68
C ALA C 248 30.25 -7.42 5.50
N PHE C 249 29.24 -8.11 4.95
CA PHE C 249 29.30 -9.52 4.50
C PHE C 249 29.92 -10.51 5.50
N ASP C 250 29.15 -10.85 6.55
CA ASP C 250 29.63 -11.82 7.56
C ASP C 250 29.84 -13.24 6.99
N GLY C 251 29.09 -13.60 5.94
CA GLY C 251 29.10 -14.96 5.36
C GLY C 251 30.45 -15.44 4.80
N ILE C 252 31.43 -14.54 4.65
CA ILE C 252 32.79 -14.90 4.20
C ILE C 252 33.37 -16.07 5.00
N GLU C 253 33.09 -16.13 6.30
CA GLU C 253 33.65 -17.21 7.15
C GLU C 253 33.19 -18.60 6.71
N GLN C 254 31.95 -18.78 6.25
CA GLN C 254 31.62 -20.11 5.71
C GLN C 254 32.43 -20.38 4.45
N ILE C 255 32.59 -19.35 3.63
CA ILE C 255 33.19 -19.55 2.31
C ILE C 255 34.68 -19.83 2.41
N VAL C 256 35.40 -19.10 3.23
CA VAL C 256 36.84 -19.40 3.38
C VAL C 256 37.10 -20.71 4.10
N LYS C 257 36.22 -21.13 5.00
CA LYS C 257 36.32 -22.47 5.60
C LYS C 257 35.98 -23.55 4.58
N ASN C 258 35.12 -23.21 3.61
CA ASN C 258 34.94 -24.11 2.46
C ASN C 258 36.21 -24.15 1.61
N ARG C 259 36.75 -22.98 1.26
CA ARG C 259 37.67 -22.78 0.13
C ARG C 259 39.11 -23.34 0.28
N MET C 260 39.23 -24.56 0.79
CA MET C 260 40.51 -25.30 0.71
C MET C 260 40.26 -26.81 0.62
N GLY C 261 40.25 -27.52 1.76
CA GLY C 261 39.91 -28.96 1.76
C GLY C 261 38.38 -29.10 1.76
N GLU C 262 37.79 -28.96 0.58
CA GLU C 262 36.36 -28.61 0.50
C GLU C 262 35.40 -29.66 1.07
N LYS C 263 35.65 -30.98 0.88
CA LYS C 263 34.75 -32.04 1.44
C LYS C 263 35.54 -33.23 2.06
N VAL C 264 34.76 -34.13 2.71
CA VAL C 264 35.16 -35.02 3.85
C VAL C 264 36.13 -36.20 3.60
N ILE C 265 36.36 -36.72 2.39
CA ILE C 265 37.35 -37.84 2.27
C ILE C 265 38.80 -37.40 2.58
N GLY C 266 39.73 -38.36 2.72
CA GLY C 266 41.15 -38.01 2.90
C GLY C 266 41.75 -37.25 1.70
N PHE C 267 41.30 -37.55 0.47
CA PHE C 267 41.69 -36.77 -0.74
C PHE C 267 41.20 -35.29 -0.64
N GLY C 268 41.83 -34.37 -1.37
CA GLY C 268 41.52 -32.93 -1.17
C GLY C 268 42.01 -32.45 0.20
N THR C 269 43.22 -32.88 0.56
CA THR C 269 43.70 -32.88 1.95
C THR C 269 44.25 -31.54 2.43
N ASP C 270 44.97 -31.51 3.56
CA ASP C 270 45.67 -30.28 4.01
C ASP C 270 46.98 -30.00 3.21
N ASN C 271 46.98 -30.35 1.93
CA ASN C 271 48.06 -30.05 0.99
C ASN C 271 47.50 -29.58 -0.37
N ALA C 272 46.22 -29.19 -0.44
CA ALA C 272 45.53 -28.91 -1.70
C ALA C 272 44.96 -27.48 -1.75
N LYS C 273 44.95 -26.89 -2.97
CA LYS C 273 44.57 -25.47 -3.30
C LYS C 273 44.98 -24.45 -2.21
N LEU C 274 46.29 -24.17 -2.23
CA LEU C 274 47.08 -23.69 -1.06
C LEU C 274 46.68 -22.34 -0.44
N LYS C 275 45.82 -21.52 -1.05
CA LYS C 275 45.51 -20.20 -0.47
C LYS C 275 44.50 -20.34 0.69
N ASP C 276 44.27 -19.25 1.44
CA ASP C 276 43.64 -19.44 2.78
C ASP C 276 42.84 -18.21 3.24
N ASP C 277 42.09 -18.44 4.34
CA ASP C 277 40.95 -17.60 4.81
C ASP C 277 41.18 -16.13 5.22
N GLU C 278 42.20 -15.44 4.69
CA GLU C 278 42.32 -13.97 4.87
C GLU C 278 42.80 -13.27 3.59
N THR C 279 43.72 -13.86 2.80
CA THR C 279 43.87 -13.36 1.41
C THR C 279 42.55 -13.56 0.64
N TYR C 280 41.77 -14.56 1.02
CA TYR C 280 40.40 -14.71 0.54
C TYR C 280 39.41 -13.60 0.99
N LEU C 281 39.77 -12.61 1.80
CA LEU C 281 38.89 -11.40 1.86
C LEU C 281 39.20 -10.46 0.68
N SER C 282 40.44 -10.48 0.19
CA SER C 282 40.84 -9.58 -0.90
C SER C 282 40.53 -10.22 -2.26
N ARG C 283 41.05 -11.44 -2.49
CA ARG C 283 40.65 -12.23 -3.65
C ARG C 283 39.38 -13.04 -3.35
N VAL C 284 38.32 -12.35 -2.97
CA VAL C 284 36.98 -12.94 -3.05
C VAL C 284 36.62 -12.96 -4.52
N VAL C 285 36.34 -14.13 -5.09
CA VAL C 285 35.94 -14.19 -6.51
C VAL C 285 34.45 -13.89 -6.65
N PRO C 286 33.99 -13.41 -7.81
CA PRO C 286 32.56 -13.26 -8.07
C PRO C 286 31.72 -14.50 -7.76
N GLU C 287 32.26 -15.70 -7.95
CA GLU C 287 31.53 -16.90 -7.53
C GLU C 287 31.34 -16.98 -6.00
N ASP C 288 32.27 -16.48 -5.21
CA ASP C 288 32.05 -16.39 -3.77
C ASP C 288 31.04 -15.29 -3.45
N LEU C 289 30.92 -14.25 -4.28
CA LEU C 289 29.81 -13.29 -4.13
C LEU C 289 28.46 -13.97 -4.42
N LEU C 290 28.44 -14.86 -5.41
CA LEU C 290 27.26 -15.71 -5.61
C LEU C 290 27.03 -16.59 -4.38
N LYS C 291 28.09 -17.13 -3.77
CA LYS C 291 27.92 -17.89 -2.51
C LYS C 291 27.60 -17.00 -1.29
N PHE C 292 27.66 -15.68 -1.39
CA PHE C 292 27.21 -14.85 -0.26
C PHE C 292 25.69 -14.68 -0.28
N GLY C 293 25.12 -14.49 -1.47
CA GLY C 293 23.67 -14.28 -1.60
C GLY C 293 23.26 -13.25 -2.65
N LEU C 294 24.08 -13.08 -3.69
CA LEU C 294 23.89 -11.99 -4.66
C LEU C 294 23.58 -12.49 -6.07
N ILE C 295 22.75 -11.74 -6.80
CA ILE C 295 22.42 -12.09 -8.20
C ILE C 295 23.67 -12.04 -9.07
N PRO C 296 23.94 -13.04 -9.90
CA PRO C 296 25.17 -13.03 -10.70
C PRO C 296 25.16 -12.00 -11.83
N GLU C 297 24.02 -11.64 -12.40
CA GLU C 297 24.08 -10.52 -13.36
C GLU C 297 24.37 -9.20 -12.65
N PHE C 298 23.86 -9.05 -11.43
CA PHE C 298 24.20 -7.90 -10.59
C PHE C 298 25.68 -7.93 -10.16
N ILE C 299 26.25 -9.11 -9.96
CA ILE C 299 27.70 -9.24 -9.79
C ILE C 299 28.45 -8.81 -11.07
N GLY C 300 27.94 -9.19 -12.25
CA GLY C 300 28.46 -8.67 -13.54
C GLY C 300 28.36 -7.15 -13.67
N ARG C 301 27.49 -6.52 -12.86
CA ARG C 301 27.34 -5.03 -12.92
C ARG C 301 28.42 -4.35 -12.06
N LEU C 302 29.25 -5.15 -11.38
CA LEU C 302 30.38 -4.66 -10.59
C LEU C 302 31.67 -5.22 -11.17
N PRO C 303 32.27 -4.58 -12.18
CA PRO C 303 33.58 -5.01 -12.70
C PRO C 303 34.64 -5.15 -11.62
N VAL C 304 34.69 -4.22 -10.65
CA VAL C 304 35.81 -4.09 -9.70
C VAL C 304 35.40 -4.59 -8.32
N ILE C 305 36.28 -5.35 -7.69
CA ILE C 305 36.09 -5.77 -6.31
C ILE C 305 37.21 -5.15 -5.49
N ALA C 306 36.86 -4.56 -4.34
CA ALA C 306 37.89 -3.94 -3.51
C ALA C 306 37.60 -4.16 -2.01
N THR C 307 38.67 -4.02 -1.21
CA THR C 307 38.59 -4.40 0.21
C THR C 307 39.25 -3.33 1.09
N LEU C 308 38.53 -2.97 2.14
CA LEU C 308 39.04 -2.03 3.15
C LEU C 308 40.04 -2.72 4.08
N GLU C 309 40.69 -1.97 4.95
CA GLU C 309 41.53 -2.60 5.97
C GLU C 309 40.68 -2.84 7.23
N GLN C 310 40.72 -4.07 7.76
CA GLN C 310 39.87 -4.34 8.93
C GLN C 310 40.48 -3.68 10.17
N LEU C 311 39.71 -2.83 10.86
CA LEU C 311 40.31 -1.90 11.84
C LEU C 311 40.97 -2.56 13.07
N ASP C 312 41.92 -1.82 13.64
CA ASP C 312 42.81 -2.29 14.71
C ASP C 312 43.07 -1.19 15.75
N GLU C 313 43.66 -1.57 16.88
CA GLU C 313 43.94 -0.56 17.93
C GLU C 313 44.84 0.58 17.45
N ALA C 314 46.05 0.28 16.99
CA ALA C 314 46.91 1.37 16.50
C ALA C 314 46.38 2.02 15.21
N ALA C 315 45.45 1.38 14.49
CA ALA C 315 44.75 2.06 13.40
C ALA C 315 43.80 3.11 13.97
N LEU C 316 43.08 2.76 15.02
CA LEU C 316 42.28 3.78 15.70
C LEU C 316 43.17 4.85 16.36
N VAL C 317 44.36 4.50 16.88
CA VAL C 317 45.29 5.55 17.36
C VAL C 317 45.69 6.51 16.24
N SER C 318 46.03 6.00 15.06
CA SER C 318 46.28 6.92 13.95
C SER C 318 45.02 7.71 13.53
N ILE C 319 43.82 7.10 13.58
CA ILE C 319 42.60 7.88 13.29
C ILE C 319 42.35 8.95 14.36
N LEU C 320 42.73 8.67 15.61
CA LEU C 320 42.68 9.67 16.69
C LEU C 320 43.66 10.83 16.50
N THR C 321 44.76 10.62 15.76
CA THR C 321 45.93 11.53 15.87
C THR C 321 46.41 12.10 14.53
N GLU C 322 46.32 11.34 13.45
CA GLU C 322 46.97 11.71 12.17
C GLU C 322 46.15 12.59 11.23
N PRO C 323 44.86 12.32 10.97
CA PRO C 323 44.19 13.02 9.87
C PRO C 323 43.65 14.40 10.29
N LYS C 324 43.05 15.10 9.33
CA LYS C 324 42.25 16.29 9.70
C LYS C 324 41.06 15.93 10.60
N ASN C 325 40.54 14.71 10.51
CA ASN C 325 39.46 14.29 11.42
C ASN C 325 39.95 13.85 12.81
N ALA C 326 41.25 13.96 13.09
CA ALA C 326 41.84 13.48 14.35
C ALA C 326 41.20 14.10 15.60
N LEU C 327 40.64 13.23 16.42
CA LEU C 327 40.01 13.67 17.66
C LEU C 327 40.98 14.35 18.61
N VAL C 328 42.23 13.88 18.70
CA VAL C 328 43.23 14.54 19.56
C VAL C 328 43.43 16.01 19.19
N LYS C 329 43.39 16.34 17.89
CA LYS C 329 43.52 17.74 17.46
C LYS C 329 42.34 18.59 17.94
N GLN C 330 41.10 18.15 17.69
CA GLN C 330 39.96 18.97 18.09
C GLN C 330 39.79 19.00 19.62
N TYR C 331 39.94 17.85 20.26
CA TYR C 331 39.82 17.80 21.71
C TYR C 331 40.91 18.63 22.41
N LYS C 332 42.16 18.56 21.95
CA LYS C 332 43.17 19.43 22.56
C LYS C 332 42.93 20.90 22.20
N ARG C 333 42.55 21.18 20.94
CA ARG C 333 42.31 22.57 20.53
C ARG C 333 41.09 23.20 21.21
N MET C 334 40.02 22.44 21.49
CA MET C 334 38.92 23.03 22.30
C MET C 334 39.38 23.36 23.72
N LEU C 335 40.35 22.60 24.25
CA LEU C 335 40.94 22.96 25.54
C LEU C 335 41.88 24.16 25.41
N GLU C 336 42.70 24.18 24.36
CA GLU C 336 43.69 25.25 24.18
C GLU C 336 43.08 26.60 23.78
N LEU C 337 41.81 26.63 23.35
CA LEU C 337 41.02 27.88 23.28
C LEU C 337 40.70 28.46 24.68
N ASP C 338 40.69 27.61 25.72
CA ASP C 338 40.61 28.09 27.11
C ASP C 338 42.02 28.19 27.76
N ASP C 339 43.08 28.18 26.94
CA ASP C 339 44.47 28.37 27.38
C ASP C 339 44.99 27.29 28.37
N VAL C 340 44.46 26.07 28.24
CA VAL C 340 45.01 24.89 28.95
C VAL C 340 45.20 23.75 27.93
N GLU C 341 46.35 23.10 27.97
CA GLU C 341 46.67 22.08 26.96
C GLU C 341 46.47 20.68 27.53
N LEU C 342 45.92 19.78 26.72
CA LEU C 342 45.76 18.38 27.17
C LEU C 342 46.84 17.50 26.54
N GLU C 343 47.79 17.07 27.35
CA GLU C 343 48.80 16.12 26.87
C GLU C 343 48.14 14.75 26.73
N PHE C 344 47.78 14.42 25.50
CA PHE C 344 47.34 13.06 25.16
C PHE C 344 48.54 12.10 25.10
N GLU C 345 48.76 11.28 26.12
CA GLU C 345 49.86 10.30 26.05
C GLU C 345 49.55 9.16 25.05
N PRO C 346 50.51 8.76 24.22
CA PRO C 346 50.21 7.76 23.17
C PRO C 346 49.89 6.39 23.75
N THR C 347 50.49 5.98 24.87
CA THR C 347 50.00 4.72 25.47
C THR C 347 48.64 4.91 26.16
N ALA C 348 48.25 6.12 26.54
CA ALA C 348 46.86 6.30 26.96
C ALA C 348 45.91 6.17 25.76
N LEU C 349 46.31 6.72 24.59
CA LEU C 349 45.56 6.47 23.35
C LEU C 349 45.54 4.99 22.96
N ILE C 350 46.60 4.23 23.28
CA ILE C 350 46.55 2.77 23.10
C ILE C 350 45.49 2.14 24.00
N GLU C 351 45.43 2.52 25.28
CA GLU C 351 44.38 1.90 26.13
C GLU C 351 42.97 2.38 25.73
N ILE C 352 42.85 3.62 25.22
CA ILE C 352 41.56 4.11 24.69
C ILE C 352 41.18 3.40 23.40
N ALA C 353 42.13 3.20 22.49
CA ALA C 353 41.81 2.44 21.28
C ALA C 353 41.55 0.97 21.61
N LYS C 354 42.17 0.45 22.68
CA LYS C 354 41.76 -0.84 23.24
C LYS C 354 40.31 -0.81 23.74
N GLU C 355 39.88 0.26 24.41
CA GLU C 355 38.43 0.37 24.77
C GLU C 355 37.52 0.44 23.54
N ALA C 356 37.89 1.20 22.51
CA ALA C 356 37.06 1.28 21.31
C ALA C 356 37.01 -0.07 20.54
N ILE C 357 38.14 -0.77 20.45
CA ILE C 357 38.14 -2.11 19.84
C ILE C 357 37.38 -3.12 20.72
N GLU C 358 37.55 -3.06 22.05
CA GLU C 358 36.84 -3.97 22.96
C GLU C 358 35.31 -3.80 22.90
N ARG C 359 34.87 -2.60 22.52
CA ARG C 359 33.41 -2.25 22.43
C ARG C 359 32.80 -2.68 21.09
N LYS C 360 33.58 -3.33 20.22
CA LYS C 360 33.19 -3.72 18.83
C LYS C 360 32.70 -2.55 17.93
N THR C 361 32.68 -1.31 18.42
CA THR C 361 32.06 -0.19 17.70
C THR C 361 32.91 0.45 16.61
N GLY C 362 34.22 0.23 16.66
CA GLY C 362 35.14 0.91 15.73
C GLY C 362 35.28 2.42 16.05
N ALA C 363 35.72 3.18 15.04
CA ALA C 363 35.99 4.61 15.26
C ALA C 363 34.73 5.43 15.59
N ARG C 364 33.56 4.84 15.37
CA ARG C 364 32.32 5.42 15.87
C ARG C 364 32.40 5.63 17.38
N GLY C 365 32.80 4.61 18.14
CA GLY C 365 32.84 4.73 19.61
C GLY C 365 33.83 5.78 20.11
N LEU C 366 34.87 6.08 19.33
CA LEU C 366 35.98 6.89 19.86
C LEU C 366 35.56 8.29 20.30
N ARG C 367 34.73 8.97 19.50
CA ARG C 367 34.26 10.31 19.89
C ARG C 367 33.63 10.27 21.28
N SER C 368 32.78 9.27 21.52
CA SER C 368 32.17 9.08 22.85
C SER C 368 33.20 8.80 23.93
N ILE C 369 34.21 8.01 23.62
CA ILE C 369 35.07 7.52 24.70
C ILE C 369 35.95 8.64 25.20
N ILE C 370 36.49 9.44 24.28
CA ILE C 370 37.27 10.60 24.73
C ILE C 370 36.39 11.51 25.57
N GLU C 371 35.16 11.74 25.15
CA GLU C 371 34.24 12.55 25.97
C GLU C 371 33.90 11.89 27.32
N GLN C 372 33.84 10.55 27.39
CA GLN C 372 33.64 9.91 28.71
C GLN C 372 34.76 10.28 29.67
N ILE C 373 35.99 10.40 29.18
CA ILE C 373 37.10 10.91 30.00
C ILE C 373 37.00 12.44 30.17
N MET C 374 36.84 13.16 29.06
CA MET C 374 36.98 14.63 29.04
C MET C 374 35.78 15.43 29.55
N LEU C 375 34.65 14.78 29.85
CA LEU C 375 33.53 15.49 30.49
C LEU C 375 34.00 16.25 31.75
N GLU C 376 34.83 15.61 32.59
CA GLU C 376 35.47 16.27 33.74
C GLU C 376 36.42 17.41 33.36
N VAL C 377 37.02 17.36 32.18
CA VAL C 377 37.95 18.41 31.77
C VAL C 377 37.16 19.65 31.38
N MET C 378 36.27 19.49 30.40
CA MET C 378 35.50 20.64 29.92
C MET C 378 34.53 21.19 30.97
N PHE C 379 34.11 20.35 31.94
CA PHE C 379 33.29 20.81 33.08
C PHE C 379 33.87 22.05 33.77
N GLU C 380 35.17 22.04 34.07
CA GLU C 380 35.74 23.10 34.89
C GLU C 380 36.84 23.89 34.17
N ILE C 381 37.21 23.61 32.92
CA ILE C 381 38.45 24.25 32.44
C ILE C 381 38.47 25.78 32.36
N PRO C 382 37.35 26.51 32.22
CA PRO C 382 37.42 27.97 32.44
C PRO C 382 37.93 28.31 33.83
N SER C 383 37.43 27.59 34.84
CA SER C 383 37.84 27.76 36.24
C SER C 383 39.15 27.01 36.59
N ARG C 384 39.55 26.00 35.82
CA ARG C 384 40.85 25.36 36.08
C ARG C 384 41.97 26.27 35.59
N ASP C 385 42.85 26.64 36.51
CA ASP C 385 44.07 27.39 36.17
C ASP C 385 45.30 26.47 36.12
N ASP C 386 45.08 25.17 35.92
CA ASP C 386 46.17 24.21 35.67
C ASP C 386 46.99 24.65 34.44
N ILE C 387 48.32 24.53 34.53
CA ILE C 387 49.17 24.92 33.39
C ILE C 387 48.96 23.95 32.20
N THR C 388 48.66 22.68 32.49
CA THR C 388 48.27 21.68 31.50
C THR C 388 47.58 20.53 32.25
N LYS C 389 46.89 19.69 31.49
CA LYS C 389 46.34 18.42 31.99
C LYS C 389 46.85 17.33 31.07
N CYS C 390 46.85 16.10 31.54
CA CYS C 390 47.33 15.03 30.68
C CYS C 390 46.42 13.81 30.83
N ILE C 391 46.13 13.16 29.71
CA ILE C 391 45.46 11.87 29.75
C ILE C 391 46.58 10.81 29.82
N ILE C 392 46.71 10.19 30.99
CA ILE C 392 47.70 9.10 31.21
C ILE C 392 47.01 7.73 31.18
N THR C 393 47.81 6.64 31.22
CA THR C 393 47.27 5.27 31.23
C THR C 393 46.22 5.04 32.32
N GLU C 394 46.45 5.54 33.53
CA GLU C 394 45.44 5.42 34.58
C GLU C 394 44.11 6.10 34.23
N LYS C 395 44.16 7.26 33.60
CA LYS C 395 42.92 7.96 33.22
C LYS C 395 42.28 7.31 32.00
N ALA C 396 43.09 6.72 31.11
CA ALA C 396 42.54 5.89 30.03
C ALA C 396 41.98 4.56 30.57
N ALA C 397 42.60 3.97 31.61
CA ALA C 397 42.05 2.78 32.27
C ALA C 397 40.73 3.08 33.03
N ARG C 398 40.62 4.26 33.69
CA ARG C 398 39.41 4.63 34.46
C ARG C 398 38.32 5.26 33.60
N GLY C 399 38.67 6.33 32.87
CA GLY C 399 37.70 7.21 32.18
C GLY C 399 36.73 7.93 33.14
N GLU C 400 37.02 7.94 34.44
CA GLU C 400 36.08 8.35 35.50
C GLU C 400 36.50 9.63 36.23
N GLU C 401 37.77 9.73 36.66
CA GLU C 401 38.31 10.89 37.40
C GLU C 401 38.61 12.10 36.50
N GLU C 402 39.05 13.22 37.09
CA GLU C 402 39.71 14.24 36.26
C GLU C 402 41.09 13.76 35.79
N PRO C 403 41.48 14.03 34.52
CA PRO C 403 42.85 13.77 34.08
C PRO C 403 43.93 14.56 34.83
N GLN C 404 45.13 13.98 34.87
CA GLN C 404 46.14 14.40 35.85
C GLN C 404 46.57 15.86 35.63
N LEU C 405 46.31 16.67 36.65
CA LEU C 405 46.58 18.11 36.61
C LEU C 405 48.05 18.39 36.92
N GLN C 406 48.57 19.44 36.27
CA GLN C 406 49.82 20.06 36.71
C GLN C 406 49.52 21.45 37.24
N LEU C 407 50.15 21.77 38.38
CA LEU C 407 50.08 23.10 39.03
C LEU C 407 51.49 23.66 39.15
N GLU D 60 12.99 -1.34 -49.24
CA GLU D 60 14.13 -2.32 -49.16
C GLU D 60 13.88 -3.34 -48.03
N VAL D 61 14.54 -4.50 -48.09
CA VAL D 61 14.47 -5.51 -47.01
C VAL D 61 15.86 -6.16 -46.90
N PRO D 62 16.64 -5.87 -45.86
CA PRO D 62 17.98 -6.48 -45.72
C PRO D 62 17.86 -7.95 -45.34
N LYS D 63 18.70 -8.78 -45.96
CA LYS D 63 18.60 -10.23 -45.80
C LYS D 63 19.20 -10.64 -44.44
N PRO D 64 18.69 -11.72 -43.83
CA PRO D 64 19.13 -12.09 -42.49
C PRO D 64 20.58 -12.56 -42.46
N GLN D 65 21.14 -12.99 -43.59
CA GLN D 65 22.54 -13.45 -43.63
C GLN D 65 23.51 -12.34 -43.23
N GLU D 66 23.64 -11.28 -44.04
CA GLU D 66 24.58 -10.21 -43.69
C GLU D 66 24.18 -9.47 -42.41
N ILE D 67 22.89 -9.47 -42.06
CA ILE D 67 22.49 -8.96 -40.73
C ILE D 67 23.15 -9.79 -39.63
N ARG D 68 23.03 -11.12 -39.72
CA ARG D 68 23.72 -11.96 -38.74
C ARG D 68 25.25 -11.80 -38.83
N HIS D 69 25.80 -11.57 -40.03
CA HIS D 69 27.26 -11.43 -40.17
C HIS D 69 27.81 -10.12 -39.59
N ILE D 70 27.07 -9.02 -39.66
CA ILE D 70 27.55 -7.77 -39.02
C ILE D 70 27.24 -7.81 -37.51
N LEU D 71 26.16 -8.50 -37.10
CA LEU D 71 25.95 -8.79 -35.68
C LEU D 71 27.09 -9.60 -35.06
N SER D 72 27.69 -10.52 -35.83
CA SER D 72 28.93 -11.21 -35.41
C SER D 72 30.15 -10.30 -35.20
N ASP D 73 30.04 -8.98 -35.31
CA ASP D 73 31.18 -8.09 -35.02
C ASP D 73 31.19 -7.55 -33.57
N TYR D 74 30.16 -7.87 -32.74
CA TYR D 74 30.02 -7.28 -31.39
C TYR D 74 29.61 -8.27 -30.29
N VAL D 75 28.94 -9.36 -30.65
CA VAL D 75 28.65 -10.47 -29.74
C VAL D 75 28.90 -11.76 -30.53
N ILE D 76 29.60 -12.72 -29.90
CA ILE D 76 30.06 -13.95 -30.56
C ILE D 76 29.34 -15.19 -29.98
N GLY D 77 29.01 -16.14 -30.86
CA GLY D 77 28.17 -17.29 -30.48
C GLY D 77 26.70 -16.88 -30.48
N GLN D 78 25.85 -17.65 -29.81
CA GLN D 78 24.40 -17.36 -29.80
C GLN D 78 23.77 -17.45 -31.21
N GLU D 79 24.44 -18.16 -32.12
CA GLU D 79 24.15 -18.00 -33.56
C GLU D 79 22.76 -18.48 -33.96
N ARG D 80 22.18 -19.48 -33.26
CA ARG D 80 20.76 -19.82 -33.51
C ARG D 80 19.84 -18.65 -33.23
N ALA D 81 20.00 -18.01 -32.07
CA ALA D 81 19.21 -16.82 -31.78
C ALA D 81 19.57 -15.68 -32.77
N LYS D 82 20.83 -15.56 -33.19
CA LYS D 82 21.19 -14.52 -34.18
C LYS D 82 20.51 -14.76 -35.54
N LYS D 83 20.39 -16.02 -35.96
CA LYS D 83 19.58 -16.32 -37.15
C LYS D 83 18.11 -16.02 -36.89
N ALA D 84 17.58 -16.41 -35.72
CA ALA D 84 16.15 -16.21 -35.39
C ALA D 84 15.74 -14.72 -35.37
N LEU D 85 16.55 -13.88 -34.73
CA LEU D 85 16.24 -12.44 -34.76
C LEU D 85 16.54 -11.81 -36.13
N ALA D 86 17.53 -12.30 -36.89
CA ALA D 86 17.70 -11.77 -38.25
C ALA D 86 16.56 -12.22 -39.18
N VAL D 87 16.06 -13.45 -39.00
CA VAL D 87 14.83 -13.91 -39.65
C VAL D 87 13.67 -13.03 -39.25
N ALA D 88 13.58 -12.69 -37.96
CA ALA D 88 12.57 -11.74 -37.51
C ALA D 88 12.72 -10.40 -38.26
N VAL D 89 13.94 -9.86 -38.35
CA VAL D 89 14.19 -8.61 -39.11
C VAL D 89 13.72 -8.73 -40.55
N TYR D 90 14.09 -9.83 -41.20
CA TYR D 90 13.72 -10.05 -42.60
C TYR D 90 12.20 -10.07 -42.75
N ASN D 91 11.55 -10.84 -41.90
CA ASN D 91 10.10 -10.97 -41.94
C ASN D 91 9.38 -9.70 -41.50
N HIS D 92 9.95 -8.96 -40.53
CA HIS D 92 9.35 -7.70 -40.10
C HIS D 92 9.44 -6.65 -41.20
N TYR D 93 10.61 -6.51 -41.80
CA TYR D 93 10.70 -5.61 -42.96
C TYR D 93 9.76 -6.09 -44.09
N LYS D 94 9.68 -7.40 -44.32
CA LYS D 94 8.77 -7.90 -45.36
C LYS D 94 7.28 -7.66 -45.02
N ARG D 95 6.87 -7.74 -43.75
CA ARG D 95 5.49 -7.41 -43.34
C ARG D 95 5.24 -5.91 -43.10
N ILE D 96 6.25 -5.06 -43.18
CA ILE D 96 6.01 -3.61 -43.08
C ILE D 96 6.00 -3.01 -44.47
N ASN D 97 7.07 -3.27 -45.22
CA ASN D 97 7.29 -2.61 -46.50
C ASN D 97 6.34 -3.16 -47.58
N SER D 98 5.95 -4.43 -47.47
CA SER D 98 4.64 -4.88 -48.00
C SER D 98 3.77 -5.10 -46.75
N ASN D 99 2.90 -4.13 -46.40
CA ASN D 99 2.44 -4.08 -44.98
C ASN D 99 1.58 -5.28 -44.50
N GLU D 100 1.22 -6.22 -45.38
CA GLU D 100 0.94 -7.64 -45.08
C GLU D 100 1.22 -8.41 -46.40
N THR D 101 1.70 -9.66 -46.38
CA THR D 101 1.99 -10.33 -47.68
C THR D 101 0.79 -11.10 -48.26
N LYS D 102 -0.17 -11.54 -47.42
CA LYS D 102 -1.39 -12.23 -47.90
C LYS D 102 -2.29 -11.31 -48.76
N GLU D 103 -3.01 -11.92 -49.69
CA GLU D 103 -3.91 -11.17 -50.61
C GLU D 103 -4.95 -10.34 -49.84
N ASP D 104 -5.32 -9.19 -50.42
CA ASP D 104 -6.12 -8.13 -49.75
C ASP D 104 -5.54 -7.66 -48.39
N GLU D 105 -4.25 -7.94 -48.12
CA GLU D 105 -3.59 -7.63 -46.84
C GLU D 105 -4.31 -8.23 -45.62
N VAL D 106 -4.83 -9.47 -45.72
CA VAL D 106 -5.38 -10.13 -44.52
C VAL D 106 -4.23 -10.52 -43.55
N GLU D 107 -4.56 -10.65 -42.26
CA GLU D 107 -3.53 -10.65 -41.19
C GLU D 107 -2.48 -11.76 -41.26
N LEU D 108 -1.24 -11.32 -41.48
CA LEU D 108 -0.05 -12.16 -41.46
C LEU D 108 0.34 -12.57 -40.03
N SER D 109 1.07 -13.69 -39.87
CA SER D 109 1.72 -13.98 -38.58
C SER D 109 2.61 -12.82 -38.10
N LYS D 110 2.43 -12.38 -36.85
CA LYS D 110 3.20 -11.22 -36.32
C LYS D 110 4.52 -11.63 -35.67
N SER D 111 4.60 -12.87 -35.18
CA SER D 111 5.86 -13.53 -34.78
C SER D 111 6.78 -12.63 -33.95
N ASN D 112 6.31 -12.33 -32.74
CA ASN D 112 7.19 -11.72 -31.75
C ASN D 112 8.09 -12.78 -31.12
N ILE D 113 9.26 -12.35 -30.63
CA ILE D 113 10.37 -13.25 -30.32
C ILE D 113 10.62 -13.34 -28.82
N CYS D 114 10.71 -14.55 -28.27
CA CYS D 114 11.14 -14.73 -26.88
C CYS D 114 12.51 -15.44 -26.86
N LEU D 115 13.47 -14.86 -26.15
CA LEU D 115 14.85 -15.35 -26.22
C LEU D 115 15.30 -15.89 -24.86
N ILE D 116 15.75 -17.14 -24.87
CA ILE D 116 16.11 -17.84 -23.62
C ILE D 116 17.57 -18.27 -23.67
N GLY D 117 18.24 -18.21 -22.52
CA GLY D 117 19.56 -18.83 -22.38
C GLY D 117 20.47 -17.97 -21.50
N PRO D 118 21.73 -18.39 -21.33
CA PRO D 118 22.56 -17.98 -20.19
C PRO D 118 22.62 -16.47 -19.95
N THR D 119 22.77 -16.08 -18.70
CA THR D 119 22.90 -14.64 -18.43
C THR D 119 24.27 -14.09 -18.89
N GLY D 120 24.38 -12.76 -18.94
CA GLY D 120 25.66 -12.11 -19.26
C GLY D 120 26.17 -12.36 -20.68
N SER D 121 25.34 -12.96 -21.52
CA SER D 121 25.67 -13.41 -22.88
C SER D 121 25.54 -12.32 -23.94
N GLY D 122 25.66 -11.05 -23.57
CA GLY D 122 25.57 -10.00 -24.57
C GLY D 122 24.16 -9.74 -25.13
N LYS D 123 23.08 -10.41 -24.72
CA LYS D 123 21.79 -10.21 -25.44
C LYS D 123 21.26 -8.76 -25.40
N THR D 124 21.54 -8.00 -24.36
CA THR D 124 21.24 -6.56 -24.40
C THR D 124 22.13 -5.84 -25.41
N LEU D 125 23.40 -6.22 -25.44
CA LEU D 125 24.31 -5.71 -26.45
C LEU D 125 23.90 -6.18 -27.85
N LEU D 126 23.35 -7.38 -27.99
CA LEU D 126 22.75 -7.80 -29.27
C LEU D 126 21.61 -6.85 -29.66
N ALA D 127 20.70 -6.56 -28.75
CA ALA D 127 19.60 -5.66 -29.12
C ALA D 127 20.11 -4.23 -29.44
N GLN D 128 21.08 -3.73 -28.68
CA GLN D 128 21.70 -2.44 -29.05
C GLN D 128 22.49 -2.53 -30.36
N THR D 129 23.06 -3.69 -30.66
CA THR D 129 23.79 -3.88 -31.93
C THR D 129 22.82 -3.98 -33.09
N LEU D 130 21.64 -4.57 -32.86
CA LEU D 130 20.61 -4.55 -33.89
C LEU D 130 20.11 -3.13 -34.14
N ALA D 131 19.86 -2.37 -33.06
CA ALA D 131 19.46 -0.98 -33.19
C ALA D 131 20.51 -0.14 -33.90
N ARG D 132 21.79 -0.43 -33.64
CA ARG D 132 22.89 0.15 -34.39
C ARG D 132 22.79 -0.21 -35.87
N ILE D 133 22.75 -1.51 -36.16
CA ILE D 133 22.92 -2.01 -37.55
C ILE D 133 21.78 -1.55 -38.45
N LEU D 134 20.54 -1.66 -37.98
CA LEU D 134 19.39 -1.15 -38.78
C LEU D 134 19.19 0.36 -38.61
N ASN D 135 19.81 0.98 -37.59
CA ASN D 135 19.69 2.39 -37.25
C ASN D 135 18.27 2.83 -36.83
N VAL D 136 17.41 1.85 -36.53
CA VAL D 136 15.97 2.03 -36.25
C VAL D 136 15.69 2.53 -34.83
N PRO D 137 14.47 3.00 -34.56
CA PRO D 137 14.02 3.27 -33.19
C PRO D 137 14.24 2.08 -32.26
N PHE D 138 14.60 2.37 -31.01
CA PHE D 138 14.87 1.31 -30.03
C PHE D 138 14.32 1.72 -28.67
N ALA D 139 13.71 0.78 -27.94
CA ALA D 139 13.31 1.05 -26.56
C ALA D 139 13.43 -0.23 -25.70
N ILE D 140 13.79 -0.07 -24.42
CA ILE D 140 13.99 -1.25 -23.53
C ILE D 140 13.04 -1.20 -22.33
N ALA D 141 12.10 -2.14 -22.29
CA ALA D 141 11.21 -2.34 -21.14
C ALA D 141 11.81 -3.37 -20.15
N ASP D 142 11.32 -3.34 -18.90
CA ASP D 142 11.79 -4.25 -17.85
C ASP D 142 10.59 -4.84 -17.09
N ALA D 143 10.56 -6.15 -16.88
CA ALA D 143 9.35 -6.74 -16.26
C ALA D 143 9.19 -6.35 -14.78
N THR D 144 10.30 -6.30 -14.03
CA THR D 144 10.27 -6.14 -12.56
C THR D 144 9.86 -4.73 -12.10
N SER D 145 9.60 -3.82 -13.03
CA SER D 145 9.32 -2.41 -12.74
C SER D 145 7.85 -1.97 -12.97
N LEU D 146 6.92 -2.90 -13.24
CA LEU D 146 5.50 -2.55 -13.47
C LEU D 146 4.48 -3.38 -12.64
N THR D 147 4.94 -4.18 -11.67
CA THR D 147 4.09 -5.23 -11.03
C THR D 147 2.81 -4.70 -10.34
N GLU D 148 2.93 -3.82 -9.34
CA GLU D 148 1.71 -3.34 -8.65
C GLU D 148 1.10 -2.16 -9.41
N ALA D 149 -0.09 -2.42 -9.95
CA ALA D 149 -0.85 -1.43 -10.70
C ALA D 149 -1.26 -0.24 -9.82
N GLY D 150 -1.20 0.97 -10.39
CA GLY D 150 -1.55 2.18 -9.65
C GLY D 150 -0.46 2.67 -8.67
N TYR D 151 0.60 1.89 -8.44
CA TYR D 151 1.79 2.43 -7.76
C TYR D 151 2.89 2.79 -8.76
N VAL D 152 3.30 1.82 -9.58
CA VAL D 152 4.20 2.08 -10.71
C VAL D 152 3.79 1.29 -11.95
N GLY D 153 2.80 0.39 -11.85
CA GLY D 153 2.28 -0.28 -13.06
C GLY D 153 1.37 0.60 -13.94
N GLU D 154 1.90 1.69 -14.50
CA GLU D 154 1.16 2.52 -15.48
C GLU D 154 1.98 2.82 -16.76
N ASP D 155 3.31 2.76 -16.75
CA ASP D 155 4.13 2.99 -17.96
C ASP D 155 4.19 1.79 -18.97
N VAL D 156 3.19 0.90 -18.91
CA VAL D 156 3.02 -0.17 -19.91
C VAL D 156 2.79 0.39 -21.33
N GLU D 157 2.24 1.61 -21.44
CA GLU D 157 2.21 2.33 -22.73
C GLU D 157 3.33 3.37 -22.87
N ASN D 158 3.89 3.85 -21.77
CA ASN D 158 4.98 4.84 -21.95
C ASN D 158 6.25 4.23 -22.54
N ILE D 159 6.47 2.92 -22.48
CA ILE D 159 7.57 2.34 -23.28
C ILE D 159 7.37 2.61 -24.79
N LEU D 160 6.15 2.46 -25.32
CA LEU D 160 5.98 2.79 -26.74
C LEU D 160 6.00 4.31 -26.94
N LEU D 161 5.60 5.09 -25.93
CA LEU D 161 5.78 6.53 -26.06
C LEU D 161 7.27 6.92 -26.06
N LYS D 162 8.10 6.21 -25.29
CA LYS D 162 9.56 6.44 -25.36
C LYS D 162 10.11 5.99 -26.69
N LEU D 163 9.67 4.85 -27.21
CA LEU D 163 10.05 4.49 -28.58
C LEU D 163 9.61 5.54 -29.59
N ILE D 164 8.39 6.05 -29.46
CA ILE D 164 7.84 6.99 -30.45
C ILE D 164 8.52 8.35 -30.34
N GLN D 165 8.73 8.86 -29.11
CA GLN D 165 9.52 10.09 -28.95
C GLN D 165 10.92 9.93 -29.56
N SER D 166 11.55 8.78 -29.31
CA SER D 166 12.85 8.50 -29.97
C SER D 166 12.71 8.08 -31.44
N ALA D 167 11.50 7.77 -31.92
CA ALA D 167 11.22 7.66 -33.37
C ALA D 167 10.90 9.03 -34.00
N ASP D 168 10.85 10.09 -33.18
CA ASP D 168 10.32 11.41 -33.58
C ASP D 168 8.91 11.29 -34.16
N TYR D 169 8.07 10.55 -33.44
CA TYR D 169 6.65 10.35 -33.77
C TYR D 169 6.42 9.68 -35.13
N ASP D 170 7.43 8.99 -35.66
CA ASP D 170 7.24 8.31 -36.94
C ASP D 170 6.26 7.13 -36.84
N VAL D 171 5.71 6.73 -37.99
CA VAL D 171 4.91 5.52 -38.11
C VAL D 171 5.72 4.42 -38.81
N GLU D 172 6.43 4.74 -39.90
CA GLU D 172 7.09 3.68 -40.70
C GLU D 172 8.43 3.20 -40.11
N LYS D 173 9.38 4.10 -39.78
CA LYS D 173 10.58 3.60 -39.07
C LYS D 173 10.27 3.18 -37.63
N ALA D 174 9.20 3.71 -37.01
CA ALA D 174 8.78 3.14 -35.72
C ALA D 174 8.18 1.72 -35.87
N GLU D 175 7.52 1.39 -37.00
CA GLU D 175 7.23 -0.03 -37.31
C GLU D 175 8.52 -0.84 -37.47
N LYS D 176 9.56 -0.28 -38.10
CA LYS D 176 10.89 -0.92 -38.05
C LYS D 176 11.57 -0.83 -36.67
N GLY D 177 10.95 -0.19 -35.67
CA GLY D 177 11.57 -0.01 -34.35
C GLY D 177 11.60 -1.29 -33.53
N ILE D 178 12.41 -1.25 -32.47
CA ILE D 178 12.68 -2.40 -31.60
C ILE D 178 12.09 -2.15 -30.22
N ILE D 179 11.32 -3.12 -29.73
CA ILE D 179 11.02 -3.25 -28.31
C ILE D 179 11.83 -4.43 -27.81
N TYR D 180 12.77 -4.16 -26.91
CA TYR D 180 13.51 -5.20 -26.21
C TYR D 180 13.05 -5.21 -24.77
N ILE D 181 12.89 -6.40 -24.21
CA ILE D 181 12.38 -6.55 -22.84
C ILE D 181 13.34 -7.44 -22.04
N ASP D 182 13.52 -7.15 -20.74
CA ASP D 182 14.41 -7.95 -19.86
C ASP D 182 13.78 -8.21 -18.48
N GLN D 183 14.46 -9.07 -17.72
CA GLN D 183 14.04 -9.51 -16.37
C GLN D 183 12.74 -10.34 -16.31
N ILE D 184 12.17 -10.78 -17.44
CA ILE D 184 10.89 -11.51 -17.38
C ILE D 184 10.99 -12.83 -16.61
N ASP D 185 12.12 -13.53 -16.66
CA ASP D 185 12.19 -14.83 -15.99
C ASP D 185 12.29 -14.73 -14.46
N LYS D 186 12.49 -13.52 -13.92
CA LYS D 186 12.69 -13.34 -12.47
C LYS D 186 11.43 -12.85 -11.74
N VAL D 187 10.34 -12.59 -12.46
CA VAL D 187 9.18 -11.87 -11.88
C VAL D 187 7.95 -12.75 -11.52
N ALA D 188 7.94 -14.04 -11.88
CA ALA D 188 6.72 -14.83 -11.61
C ALA D 188 7.07 -16.30 -11.34
N ARG D 189 6.09 -17.04 -10.80
CA ARG D 189 6.27 -18.47 -10.48
C ARG D 189 5.09 -19.41 -10.80
N LYS D 190 3.88 -18.87 -10.81
CA LYS D 190 2.61 -19.64 -10.97
C LYS D 190 2.56 -20.93 -10.15
N VAL D 200 -0.19 -14.08 -5.73
CA VAL D 200 0.45 -13.25 -6.77
C VAL D 200 1.87 -12.87 -6.33
N SER D 201 2.90 -13.45 -6.94
CA SER D 201 4.28 -13.00 -6.65
C SER D 201 4.55 -11.70 -7.44
N GLY D 202 4.89 -11.82 -8.73
CA GLY D 202 4.90 -10.69 -9.69
C GLY D 202 4.06 -10.97 -10.95
N GLU D 203 3.20 -11.99 -10.91
CA GLU D 203 2.36 -12.37 -12.07
C GLU D 203 1.53 -11.24 -12.69
N GLY D 204 1.26 -10.16 -11.95
CA GLY D 204 0.48 -9.01 -12.48
C GLY D 204 1.03 -8.45 -13.79
N VAL D 205 2.35 -8.57 -13.99
CA VAL D 205 3.01 -8.04 -15.21
C VAL D 205 2.49 -8.71 -16.49
N GLN D 206 2.03 -9.95 -16.42
CA GLN D 206 1.57 -10.63 -17.64
C GLN D 206 0.32 -9.93 -18.16
N GLN D 207 -0.60 -9.68 -17.26
CA GLN D 207 -1.76 -8.90 -17.68
C GLN D 207 -1.37 -7.46 -18.03
N ALA D 208 -0.45 -6.85 -17.28
CA ALA D 208 -0.05 -5.46 -17.57
C ALA D 208 0.46 -5.31 -19.02
N LEU D 209 1.23 -6.29 -19.49
CA LEU D 209 1.88 -6.25 -20.80
C LEU D 209 0.97 -6.78 -21.92
N LEU D 210 0.16 -7.82 -21.64
CA LEU D 210 -0.53 -8.56 -22.71
C LEU D 210 -1.42 -7.68 -23.64
N LYS D 211 -1.92 -6.57 -23.13
CA LYS D 211 -2.80 -5.63 -23.89
C LYS D 211 -2.09 -4.93 -25.03
N ILE D 212 -0.79 -4.71 -24.87
CA ILE D 212 0.04 -4.10 -25.90
C ILE D 212 0.75 -5.20 -26.70
N LEU D 213 1.00 -6.35 -26.07
CA LEU D 213 1.55 -7.53 -26.75
C LEU D 213 0.59 -8.07 -27.83
N GLU D 214 -0.72 -8.04 -27.56
CA GLU D 214 -1.75 -8.29 -28.59
C GLU D 214 -1.64 -7.31 -29.74
N GLY D 215 -1.35 -6.05 -29.42
CA GLY D 215 -0.82 -5.12 -30.41
C GLY D 215 -1.86 -4.36 -31.22
N THR D 216 -2.08 -3.11 -30.80
CA THR D 216 -2.90 -2.19 -31.60
C THR D 216 -2.19 -1.81 -32.91
N VAL D 217 -2.89 -1.89 -34.03
CA VAL D 217 -2.28 -1.55 -35.34
C VAL D 217 -2.14 -0.03 -35.52
N ALA D 218 -3.25 0.69 -35.40
CA ALA D 218 -3.28 2.17 -35.43
C ALA D 218 -4.28 2.77 -34.41
N SER D 219 -5.18 1.97 -33.84
CA SER D 219 -6.06 2.45 -32.77
C SER D 219 -5.31 2.70 -31.45
N VAL D 220 -5.79 3.69 -30.71
CA VAL D 220 -5.24 4.03 -29.39
C VAL D 220 -5.77 3.05 -28.34
N PRO D 221 -4.93 2.22 -27.72
CA PRO D 221 -5.39 1.51 -26.54
C PRO D 221 -5.54 2.47 -25.36
N GLN D 235 0.19 5.47 -32.98
CA GLN D 235 0.10 4.08 -32.51
C GLN D 235 0.76 3.20 -33.56
N ILE D 236 1.65 2.31 -33.11
CA ILE D 236 2.48 1.51 -34.01
C ILE D 236 2.08 0.03 -33.86
N ASP D 237 1.95 -0.68 -34.99
CA ASP D 237 1.63 -2.11 -34.90
C ASP D 237 2.79 -2.87 -34.22
N THR D 238 2.58 -3.28 -32.97
CA THR D 238 3.69 -3.94 -32.25
C THR D 238 4.01 -5.33 -32.84
N GLY D 239 3.07 -5.90 -33.60
CA GLY D 239 3.31 -7.10 -34.40
C GLY D 239 4.05 -6.81 -35.72
N ASN D 240 4.28 -5.54 -36.04
CA ASN D 240 5.26 -5.14 -37.07
C ASN D 240 6.56 -4.62 -36.44
N ILE D 241 6.49 -4.12 -35.20
CA ILE D 241 7.70 -3.82 -34.41
C ILE D 241 8.56 -5.08 -34.24
N LEU D 242 9.88 -4.87 -34.29
CA LEU D 242 10.83 -5.91 -33.89
C LEU D 242 10.68 -6.11 -32.38
N PHE D 243 10.13 -7.25 -31.98
CA PHE D 243 9.76 -7.48 -30.58
C PHE D 243 10.60 -8.61 -30.00
N ILE D 244 11.40 -8.31 -28.97
CA ILE D 244 12.30 -9.33 -28.42
C ILE D 244 12.21 -9.33 -26.89
N VAL D 245 12.10 -10.51 -26.30
CA VAL D 245 11.85 -10.66 -24.87
C VAL D 245 12.93 -11.60 -24.34
N GLY D 246 14.04 -11.01 -23.80
CA GLY D 246 15.18 -11.84 -23.38
C GLY D 246 15.19 -12.17 -21.87
N GLY D 247 16.02 -13.15 -21.49
CA GLY D 247 16.19 -13.50 -20.07
C GLY D 247 17.14 -14.69 -19.88
N ALA D 248 17.33 -15.11 -18.62
CA ALA D 248 18.34 -16.12 -18.26
C ALA D 248 17.74 -17.54 -18.23
N PHE D 249 16.55 -17.63 -17.62
CA PHE D 249 15.70 -18.83 -17.52
C PHE D 249 16.44 -19.98 -16.83
N ASP D 250 16.81 -19.71 -15.57
CA ASP D 250 17.67 -20.60 -14.78
C ASP D 250 17.04 -21.97 -14.48
N GLY D 251 15.73 -22.07 -14.52
CA GLY D 251 15.02 -23.30 -14.13
C GLY D 251 14.95 -24.40 -15.18
N ILE D 252 15.51 -24.28 -16.37
CA ILE D 252 15.28 -25.34 -17.36
C ILE D 252 15.84 -26.68 -16.89
N GLU D 253 16.95 -26.66 -16.16
CA GLU D 253 17.49 -27.92 -15.62
C GLU D 253 16.52 -28.53 -14.59
N GLN D 254 15.73 -27.72 -13.92
CA GLN D 254 14.69 -28.29 -13.06
C GLN D 254 13.66 -29.02 -13.91
N ILE D 255 13.34 -28.50 -15.09
CA ILE D 255 12.43 -29.22 -16.01
C ILE D 255 13.05 -30.49 -16.53
N VAL D 256 14.32 -30.47 -16.88
CA VAL D 256 14.84 -31.71 -17.45
C VAL D 256 14.96 -32.75 -16.34
N LYS D 257 15.16 -32.32 -15.10
CA LYS D 257 14.91 -33.24 -13.98
C LYS D 257 13.42 -33.46 -13.71
N ASN D 258 12.51 -32.59 -14.12
CA ASN D 258 11.11 -33.06 -14.14
C ASN D 258 10.89 -34.14 -15.21
N ARG D 259 11.30 -33.90 -16.44
CA ARG D 259 10.99 -34.83 -17.54
C ARG D 259 11.88 -36.10 -17.51
N MET D 260 13.19 -35.89 -17.58
CA MET D 260 14.18 -36.97 -17.44
C MET D 260 14.37 -37.39 -15.98
N GLY D 261 14.42 -36.39 -15.10
CA GLY D 261 14.58 -36.66 -13.66
C GLY D 261 13.36 -37.30 -13.00
N GLU D 262 12.11 -37.13 -13.52
CA GLU D 262 10.94 -37.95 -13.04
C GLU D 262 11.06 -39.43 -13.38
N LYS D 263 11.89 -39.84 -14.34
CA LYS D 263 12.33 -41.26 -14.30
C LYS D 263 13.19 -41.60 -13.03
N VAL D 264 13.50 -40.55 -12.26
CA VAL D 264 14.02 -40.63 -10.86
C VAL D 264 14.94 -41.84 -10.71
N ILE D 265 14.52 -42.79 -9.87
CA ILE D 265 15.32 -43.93 -9.47
C ILE D 265 15.82 -44.93 -10.54
N GLY D 266 15.28 -44.83 -11.75
CA GLY D 266 15.25 -46.00 -12.61
C GLY D 266 14.35 -47.03 -11.96
N PHE D 267 14.62 -48.30 -12.26
CA PHE D 267 13.75 -49.48 -12.02
C PHE D 267 12.68 -49.68 -13.08
N GLY D 268 13.15 -49.59 -14.31
CA GLY D 268 12.35 -49.63 -15.57
C GLY D 268 12.50 -48.25 -16.20
N THR D 269 12.84 -48.20 -17.50
CA THR D 269 13.26 -47.00 -18.27
C THR D 269 14.54 -46.28 -17.79
N ASP D 270 14.79 -46.22 -16.48
CA ASP D 270 16.16 -46.07 -15.95
C ASP D 270 16.99 -44.88 -16.44
N ASN D 271 16.40 -43.68 -16.48
CA ASN D 271 17.15 -42.45 -16.85
C ASN D 271 17.85 -42.54 -18.23
N ALA D 272 17.25 -43.24 -19.20
CA ALA D 272 17.88 -43.39 -20.52
C ALA D 272 18.09 -42.05 -21.26
N LYS D 273 17.16 -41.08 -21.14
CA LYS D 273 17.37 -39.72 -21.70
C LYS D 273 18.62 -38.99 -21.17
N LEU D 274 19.31 -39.52 -20.14
CA LEU D 274 20.62 -38.94 -19.75
C LEU D 274 21.77 -39.24 -20.75
N LYS D 275 21.43 -39.63 -21.98
CA LYS D 275 22.32 -39.53 -23.16
C LYS D 275 22.95 -38.15 -23.32
N ASP D 276 22.22 -37.09 -22.96
CA ASP D 276 22.67 -35.72 -23.25
C ASP D 276 22.22 -34.72 -22.17
N ASP D 277 22.85 -33.53 -22.23
CA ASP D 277 22.61 -32.39 -21.32
C ASP D 277 22.64 -31.03 -22.07
N GLU D 278 23.24 -30.93 -23.25
CA GLU D 278 23.18 -29.66 -24.01
C GLU D 278 21.81 -29.47 -24.66
N THR D 279 21.15 -30.60 -24.89
CA THR D 279 19.74 -30.71 -25.25
C THR D 279 18.84 -29.87 -24.33
N TYR D 280 19.20 -29.78 -23.04
CA TYR D 280 18.26 -29.30 -22.02
C TYR D 280 17.68 -27.91 -22.32
N LEU D 281 18.51 -26.94 -22.74
CA LEU D 281 17.95 -25.61 -23.07
C LEU D 281 17.18 -25.64 -24.38
N SER D 282 17.73 -26.30 -25.40
CA SER D 282 17.07 -26.33 -26.71
C SER D 282 15.76 -27.14 -26.71
N ARG D 283 15.54 -28.00 -25.71
CA ARG D 283 14.25 -28.70 -25.50
C ARG D 283 13.36 -27.99 -24.48
N VAL D 284 13.41 -26.65 -24.45
CA VAL D 284 12.35 -25.89 -23.79
C VAL D 284 10.98 -26.10 -24.47
N VAL D 285 9.94 -26.20 -23.65
CA VAL D 285 8.53 -26.36 -24.07
C VAL D 285 7.71 -25.27 -23.38
N PRO D 286 6.70 -24.67 -24.02
CA PRO D 286 5.85 -23.66 -23.35
C PRO D 286 5.27 -24.07 -21.99
N GLU D 287 4.97 -25.34 -21.77
CA GLU D 287 4.48 -25.75 -20.44
C GLU D 287 5.57 -25.61 -19.35
N ASP D 288 6.84 -25.49 -19.74
CA ASP D 288 7.89 -25.11 -18.78
C ASP D 288 7.70 -23.66 -18.37
N LEU D 289 7.40 -22.80 -19.34
CA LEU D 289 7.10 -21.41 -19.01
C LEU D 289 5.81 -21.30 -18.18
N LEU D 290 4.83 -22.19 -18.39
CA LEU D 290 3.70 -22.26 -17.44
C LEU D 290 4.22 -22.46 -16.02
N LYS D 291 5.10 -23.45 -15.83
CA LYS D 291 5.69 -23.70 -14.50
C LYS D 291 6.63 -22.56 -14.07
N PHE D 292 7.24 -21.83 -15.02
CA PHE D 292 8.07 -20.65 -14.69
C PHE D 292 7.26 -19.40 -14.38
N GLY D 293 5.94 -19.40 -14.52
CA GLY D 293 5.15 -18.24 -14.09
C GLY D 293 4.34 -17.56 -15.19
N LEU D 294 4.20 -18.17 -16.37
CA LEU D 294 3.60 -17.45 -17.51
C LEU D 294 2.14 -17.82 -17.82
N ILE D 295 1.43 -16.87 -18.39
CA ILE D 295 0.13 -17.14 -19.04
C ILE D 295 0.38 -17.84 -20.39
N PRO D 296 -0.42 -18.82 -20.80
CA PRO D 296 -0.21 -19.46 -22.12
C PRO D 296 -0.47 -18.51 -23.28
N GLU D 297 -1.45 -17.60 -23.20
CA GLU D 297 -1.56 -16.55 -24.26
C GLU D 297 -0.34 -15.63 -24.31
N PHE D 298 0.32 -15.44 -23.17
CA PHE D 298 1.51 -14.60 -23.10
C PHE D 298 2.71 -15.30 -23.72
N ILE D 299 2.77 -16.62 -23.58
CA ILE D 299 3.72 -17.41 -24.37
C ILE D 299 3.30 -17.38 -25.85
N GLY D 300 2.00 -17.56 -26.09
CA GLY D 300 1.44 -17.71 -27.44
C GLY D 300 1.61 -16.47 -28.34
N ARG D 301 1.49 -15.27 -27.77
CA ARG D 301 1.78 -14.05 -28.56
C ARG D 301 3.28 -13.78 -28.71
N LEU D 302 4.14 -14.67 -28.19
CA LEU D 302 5.59 -14.70 -28.44
C LEU D 302 5.98 -16.04 -29.04
N PRO D 303 5.52 -16.37 -30.25
CA PRO D 303 5.63 -17.76 -30.71
C PRO D 303 7.07 -18.18 -30.98
N VAL D 304 7.94 -17.29 -31.43
CA VAL D 304 9.26 -17.77 -31.88
C VAL D 304 10.20 -17.73 -30.68
N ILE D 305 10.64 -18.92 -30.28
CA ILE D 305 11.61 -19.08 -29.20
C ILE D 305 13.02 -19.12 -29.78
N ALA D 306 13.83 -18.11 -29.46
CA ALA D 306 15.25 -18.13 -29.81
C ALA D 306 16.03 -18.68 -28.59
N THR D 307 16.76 -19.77 -28.76
CA THR D 307 17.58 -20.26 -27.64
C THR D 307 19.06 -19.96 -27.90
N LEU D 308 19.68 -19.39 -26.88
CA LEU D 308 21.11 -19.07 -26.90
C LEU D 308 21.99 -20.34 -26.88
N GLU D 309 23.27 -20.06 -26.86
CA GLU D 309 24.37 -21.03 -26.89
C GLU D 309 25.25 -20.75 -25.67
N GLN D 310 25.76 -21.79 -25.04
CA GLN D 310 26.64 -21.54 -23.90
C GLN D 310 27.95 -20.91 -24.39
N LEU D 311 28.28 -19.74 -23.84
CA LEU D 311 29.63 -19.17 -23.97
C LEU D 311 30.66 -20.19 -23.43
N ASP D 312 31.54 -20.69 -24.29
CA ASP D 312 32.67 -21.53 -23.87
C ASP D 312 33.97 -20.73 -23.99
N GLU D 313 35.10 -21.33 -23.63
CA GLU D 313 36.38 -20.61 -23.74
C GLU D 313 36.71 -20.14 -25.15
N ALA D 314 36.27 -20.85 -26.20
CA ALA D 314 36.46 -20.30 -27.55
C ALA D 314 35.60 -19.05 -27.74
N ALA D 315 34.32 -19.10 -27.34
CA ALA D 315 33.52 -17.88 -27.34
C ALA D 315 34.17 -16.77 -26.48
N LEU D 316 34.69 -17.10 -25.31
CA LEU D 316 35.32 -16.06 -24.48
C LEU D 316 36.59 -15.48 -25.12
N VAL D 317 37.48 -16.28 -25.71
CA VAL D 317 38.63 -15.62 -26.37
C VAL D 317 38.22 -14.85 -27.62
N SER D 318 37.25 -15.39 -28.36
CA SER D 318 36.69 -14.62 -29.48
C SER D 318 35.74 -13.50 -29.02
N ILE D 319 35.55 -13.25 -27.73
CA ILE D 319 34.99 -11.95 -27.26
C ILE D 319 36.10 -11.08 -26.67
N LEU D 320 37.10 -11.69 -26.02
CA LEU D 320 38.25 -10.93 -25.51
C LEU D 320 39.03 -10.21 -26.60
N THR D 321 39.31 -10.89 -27.71
CA THR D 321 40.30 -10.40 -28.70
C THR D 321 39.69 -10.18 -30.08
N GLU D 322 38.70 -10.97 -30.48
CA GLU D 322 38.27 -10.86 -31.88
C GLU D 322 37.53 -9.55 -32.23
N PRO D 323 36.47 -9.15 -31.50
CA PRO D 323 35.46 -8.28 -32.12
C PRO D 323 35.84 -6.81 -32.03
N LYS D 324 34.95 -5.92 -32.48
CA LYS D 324 35.27 -4.48 -32.43
C LYS D 324 35.41 -4.02 -30.98
N ASN D 325 34.51 -4.52 -30.14
CA ASN D 325 34.49 -4.34 -28.69
C ASN D 325 35.35 -5.36 -27.91
N ALA D 326 36.40 -5.90 -28.54
CA ALA D 326 37.36 -6.80 -27.86
C ALA D 326 37.92 -6.20 -26.55
N LEU D 327 37.71 -6.91 -25.43
CA LEU D 327 38.17 -6.43 -24.13
C LEU D 327 39.68 -6.15 -24.06
N VAL D 328 40.51 -6.99 -24.68
CA VAL D 328 41.95 -6.67 -24.66
C VAL D 328 42.23 -5.43 -25.53
N LYS D 329 41.45 -5.18 -26.57
CA LYS D 329 41.61 -3.89 -27.28
C LYS D 329 41.05 -2.75 -26.41
N GLN D 330 39.97 -2.97 -25.65
CA GLN D 330 39.50 -1.94 -24.70
C GLN D 330 40.57 -1.57 -23.66
N TYR D 331 41.10 -2.56 -22.95
CA TYR D 331 42.15 -2.26 -21.96
C TYR D 331 43.44 -1.75 -22.62
N LYS D 332 43.81 -2.28 -23.80
CA LYS D 332 44.98 -1.74 -24.50
C LYS D 332 44.77 -0.29 -24.91
N ARG D 333 43.58 0.08 -25.41
CA ARG D 333 43.28 1.51 -25.69
C ARG D 333 43.35 2.34 -24.41
N MET D 334 42.70 1.90 -23.33
CA MET D 334 42.71 2.65 -22.06
C MET D 334 44.13 2.85 -21.49
N LEU D 335 44.95 1.80 -21.49
CA LEU D 335 46.36 1.98 -21.08
C LEU D 335 47.16 2.80 -22.11
N GLU D 336 46.82 2.69 -23.40
CA GLU D 336 47.54 3.43 -24.45
C GLU D 336 47.20 4.93 -24.51
N LEU D 337 46.10 5.36 -23.87
CA LEU D 337 45.92 6.81 -23.54
C LEU D 337 47.06 7.33 -22.65
N ASP D 338 47.60 6.47 -21.78
CA ASP D 338 48.84 6.74 -21.02
C ASP D 338 50.08 6.13 -21.69
N ASP D 339 49.97 5.82 -22.98
CA ASP D 339 51.01 5.20 -23.84
C ASP D 339 51.58 3.85 -23.32
N VAL D 340 50.73 3.05 -22.66
CA VAL D 340 51.10 1.67 -22.28
C VAL D 340 50.40 0.67 -23.19
N GLU D 341 51.19 -0.19 -23.83
CA GLU D 341 50.63 -1.40 -24.46
C GLU D 341 50.60 -2.53 -23.44
N LEU D 342 49.47 -3.22 -23.34
CA LEU D 342 49.34 -4.44 -22.52
C LEU D 342 49.42 -5.64 -23.46
N GLU D 343 50.58 -6.29 -23.54
CA GLU D 343 50.66 -7.53 -24.33
C GLU D 343 50.03 -8.66 -23.51
N PHE D 344 49.17 -9.44 -24.14
CA PHE D 344 48.58 -10.62 -23.52
C PHE D 344 49.04 -11.90 -24.23
N GLU D 345 49.43 -12.91 -23.47
CA GLU D 345 49.79 -14.18 -24.08
C GLU D 345 48.51 -14.94 -24.47
N PRO D 346 48.49 -15.65 -25.62
CA PRO D 346 47.31 -16.48 -25.90
C PRO D 346 47.07 -17.55 -24.83
N THR D 347 48.13 -18.02 -24.19
CA THR D 347 48.00 -18.95 -23.04
C THR D 347 47.48 -18.21 -21.80
N ALA D 348 47.77 -16.91 -21.70
CA ALA D 348 47.12 -16.10 -20.66
C ALA D 348 45.66 -15.87 -21.04
N LEU D 349 45.38 -15.52 -22.31
CA LEU D 349 44.01 -15.35 -22.79
C LEU D 349 43.14 -16.59 -22.56
N ILE D 350 43.64 -17.79 -22.89
CA ILE D 350 42.80 -18.99 -22.64
C ILE D 350 42.68 -19.32 -21.14
N GLU D 351 43.66 -18.90 -20.31
CA GLU D 351 43.49 -19.07 -18.86
C GLU D 351 42.52 -18.05 -18.27
N ILE D 352 42.50 -16.82 -18.77
CA ILE D 352 41.40 -15.90 -18.42
C ILE D 352 40.05 -16.52 -18.81
N ALA D 353 39.96 -17.05 -20.03
CA ALA D 353 38.72 -17.67 -20.50
C ALA D 353 38.30 -18.84 -19.59
N LYS D 354 39.23 -19.74 -19.28
CA LYS D 354 38.96 -20.84 -18.36
C LYS D 354 38.45 -20.35 -16.99
N GLU D 355 39.13 -19.38 -16.38
CA GLU D 355 38.66 -18.89 -15.07
C GLU D 355 37.32 -18.14 -15.15
N ALA D 356 37.04 -17.44 -16.23
CA ALA D 356 35.68 -16.89 -16.39
C ALA D 356 34.60 -17.99 -16.58
N ILE D 357 34.93 -19.12 -17.21
CA ILE D 357 33.98 -20.26 -17.24
C ILE D 357 33.80 -20.88 -15.85
N GLU D 358 34.81 -20.80 -14.98
CA GLU D 358 34.57 -21.14 -13.58
C GLU D 358 33.67 -20.08 -12.89
N ARG D 359 33.90 -18.78 -13.17
CA ARG D 359 33.00 -17.73 -12.65
C ARG D 359 31.55 -17.90 -13.11
N LYS D 360 31.33 -18.26 -14.38
CA LYS D 360 30.01 -18.34 -15.08
C LYS D 360 29.34 -16.96 -15.31
N THR D 361 30.06 -15.87 -15.07
CA THR D 361 29.55 -14.49 -15.05
C THR D 361 29.32 -13.86 -16.44
N GLY D 362 29.09 -14.66 -17.47
CA GLY D 362 29.00 -14.13 -18.85
C GLY D 362 30.28 -13.46 -19.35
N ALA D 363 30.18 -12.87 -20.54
CA ALA D 363 31.30 -12.10 -21.08
C ALA D 363 31.54 -10.79 -20.30
N ARG D 364 30.50 -10.22 -19.69
CA ARG D 364 30.72 -9.09 -18.77
C ARG D 364 31.58 -9.43 -17.54
N GLY D 365 31.71 -10.69 -17.13
CA GLY D 365 32.73 -10.98 -16.12
C GLY D 365 34.18 -11.10 -16.66
N LEU D 366 34.40 -11.05 -17.97
CA LEU D 366 35.77 -11.22 -18.50
C LEU D 366 36.67 -10.08 -18.05
N ARG D 367 36.23 -8.86 -18.32
CA ARG D 367 36.89 -7.63 -17.82
C ARG D 367 37.08 -7.67 -16.29
N SER D 368 36.14 -8.29 -15.56
CA SER D 368 36.26 -8.42 -14.09
C SER D 368 37.40 -9.37 -13.66
N ILE D 369 38.09 -10.01 -14.57
CA ILE D 369 39.35 -10.66 -14.20
C ILE D 369 40.52 -9.77 -14.53
N ILE D 370 40.42 -9.12 -15.70
CA ILE D 370 41.52 -8.27 -16.18
C ILE D 370 41.80 -7.09 -15.25
N GLU D 371 40.76 -6.57 -14.59
CA GLU D 371 40.96 -5.51 -13.60
C GLU D 371 41.85 -5.95 -12.40
N GLN D 372 41.80 -7.24 -12.00
CA GLN D 372 42.64 -7.75 -10.90
C GLN D 372 44.13 -7.76 -11.26
N ILE D 373 44.41 -7.80 -12.54
CA ILE D 373 45.77 -7.75 -13.08
C ILE D 373 46.23 -6.31 -13.27
N MET D 374 45.42 -5.45 -13.92
CA MET D 374 45.93 -4.11 -14.29
C MET D 374 45.92 -3.08 -13.16
N LEU D 375 45.36 -3.42 -11.99
CA LEU D 375 45.42 -2.61 -10.75
C LEU D 375 46.79 -1.96 -10.51
N GLU D 376 47.85 -2.77 -10.45
CA GLU D 376 49.18 -2.20 -10.15
C GLU D 376 49.70 -1.28 -11.24
N VAL D 377 49.38 -1.58 -12.50
CA VAL D 377 50.08 -0.99 -13.67
C VAL D 377 49.72 0.48 -13.84
N MET D 378 48.42 0.79 -13.92
CA MET D 378 48.04 2.20 -14.10
C MET D 378 48.32 3.00 -12.82
N PHE D 379 48.29 2.35 -11.67
CA PHE D 379 48.66 3.04 -10.42
C PHE D 379 50.17 3.34 -10.37
N GLU D 380 51.02 2.43 -10.88
CA GLU D 380 52.47 2.67 -10.87
C GLU D 380 53.00 3.34 -12.16
N ILE D 381 52.21 3.50 -13.24
CA ILE D 381 52.78 4.15 -14.45
C ILE D 381 53.22 5.63 -14.26
N PRO D 382 52.72 6.39 -13.27
CA PRO D 382 53.46 7.60 -12.83
C PRO D 382 54.90 7.31 -12.40
N SER D 383 55.13 6.20 -11.69
CA SER D 383 56.46 5.80 -11.19
C SER D 383 57.32 5.04 -12.22
N ARG D 384 56.72 4.29 -13.15
CA ARG D 384 57.48 3.47 -14.11
C ARG D 384 57.35 4.03 -15.54
N ASP D 385 58.45 4.02 -16.28
CA ASP D 385 58.39 4.47 -17.69
C ASP D 385 58.16 3.33 -18.70
N ASP D 386 57.90 2.10 -18.23
CA ASP D 386 57.76 0.92 -19.11
C ASP D 386 56.79 1.15 -20.30
N ILE D 387 57.29 1.02 -21.53
CA ILE D 387 56.48 1.27 -22.75
C ILE D 387 55.46 0.15 -22.99
N THR D 388 55.72 -1.06 -22.49
CA THR D 388 54.70 -2.12 -22.57
C THR D 388 54.86 -3.06 -21.38
N LYS D 389 53.79 -3.82 -21.12
CA LYS D 389 53.72 -4.71 -19.96
C LYS D 389 53.10 -6.04 -20.40
N CYS D 390 53.63 -7.16 -19.90
CA CYS D 390 53.19 -8.47 -20.42
C CYS D 390 52.40 -9.26 -19.37
N ILE D 391 51.32 -9.88 -19.83
CA ILE D 391 50.49 -10.73 -18.98
C ILE D 391 50.68 -12.19 -19.38
N ILE D 392 51.16 -13.02 -18.45
CA ILE D 392 51.33 -14.46 -18.73
C ILE D 392 50.31 -15.28 -17.94
N THR D 393 50.33 -16.60 -18.10
CA THR D 393 49.43 -17.46 -17.32
C THR D 393 49.54 -17.25 -15.80
N GLU D 394 50.74 -17.07 -15.24
CA GLU D 394 50.79 -16.76 -13.80
C GLU D 394 50.28 -15.36 -13.41
N LYS D 395 50.15 -14.45 -14.37
CA LYS D 395 49.36 -13.23 -14.09
C LYS D 395 47.87 -13.50 -14.37
N ALA D 396 47.55 -14.45 -15.25
CA ALA D 396 46.17 -14.71 -15.65
C ALA D 396 45.43 -15.65 -14.70
N ALA D 397 45.95 -16.87 -14.52
CA ALA D 397 45.32 -17.89 -13.68
C ALA D 397 45.44 -17.53 -12.20
N ARG D 398 46.59 -17.03 -11.76
CA ARG D 398 46.75 -16.56 -10.38
C ARG D 398 46.35 -15.08 -10.22
N GLY D 399 46.98 -14.17 -10.96
CA GLY D 399 46.61 -12.74 -10.80
C GLY D 399 47.05 -12.17 -9.46
N GLU D 400 48.09 -12.76 -8.85
CA GLU D 400 48.67 -12.29 -7.57
C GLU D 400 50.17 -12.00 -7.71
N GLU D 401 50.59 -11.51 -8.88
CA GLU D 401 51.94 -10.95 -9.05
C GLU D 401 51.95 -9.82 -10.11
N GLU D 402 52.90 -8.89 -9.97
CA GLU D 402 52.92 -7.74 -10.90
C GLU D 402 53.24 -8.18 -12.33
N PRO D 403 52.53 -7.67 -13.35
CA PRO D 403 52.85 -7.95 -14.74
C PRO D 403 54.28 -7.60 -15.16
N GLN D 404 54.76 -8.31 -16.19
CA GLN D 404 56.17 -8.15 -16.57
C GLN D 404 56.45 -6.77 -17.18
N LEU D 405 57.55 -6.16 -16.76
CA LEU D 405 57.95 -4.88 -17.37
C LEU D 405 58.56 -5.09 -18.77
N GLN D 406 58.44 -4.03 -19.57
CA GLN D 406 59.38 -3.78 -20.66
C GLN D 406 59.89 -2.36 -20.47
N LEU D 407 61.09 -2.24 -19.90
CA LEU D 407 61.68 -0.94 -19.62
C LEU D 407 62.03 -0.20 -20.93
N GLU E 60 -35.12 -6.84 -42.11
CA GLU E 60 -34.70 -6.36 -40.76
C GLU E 60 -33.30 -6.90 -40.39
N VAL E 61 -32.85 -6.57 -39.18
CA VAL E 61 -31.54 -7.00 -38.65
C VAL E 61 -31.18 -8.48 -38.84
N PRO E 62 -29.89 -8.80 -39.08
CA PRO E 62 -29.49 -10.16 -39.50
C PRO E 62 -29.88 -11.26 -38.53
N LYS E 63 -30.18 -12.41 -39.10
CA LYS E 63 -30.59 -13.57 -38.30
C LYS E 63 -29.33 -14.21 -37.69
N PRO E 64 -29.43 -14.84 -36.52
CA PRO E 64 -28.25 -15.42 -35.87
C PRO E 64 -27.58 -16.52 -36.69
N GLN E 65 -28.34 -17.25 -37.50
CA GLN E 65 -27.73 -18.33 -38.29
C GLN E 65 -26.74 -17.81 -39.33
N GLU E 66 -27.11 -16.80 -40.14
CA GLU E 66 -26.18 -16.30 -41.17
C GLU E 66 -24.95 -15.64 -40.53
N ILE E 67 -25.11 -14.96 -39.41
CA ILE E 67 -23.93 -14.42 -38.71
C ILE E 67 -23.04 -15.56 -38.26
N ARG E 68 -23.62 -16.59 -37.61
CA ARG E 68 -22.84 -17.76 -37.19
C ARG E 68 -22.15 -18.40 -38.38
N HIS E 69 -22.82 -18.58 -39.51
CA HIS E 69 -22.18 -19.26 -40.64
C HIS E 69 -21.01 -18.44 -41.19
N ILE E 70 -21.18 -17.14 -41.36
CA ILE E 70 -20.07 -16.32 -41.86
C ILE E 70 -18.97 -16.17 -40.80
N LEU E 71 -19.33 -16.08 -39.52
CA LEU E 71 -18.31 -16.05 -38.46
C LEU E 71 -17.51 -17.37 -38.39
N SER E 72 -18.16 -18.48 -38.76
CA SER E 72 -17.47 -19.78 -38.91
C SER E 72 -16.51 -19.85 -40.10
N ASP E 73 -16.66 -19.02 -41.13
CA ASP E 73 -15.72 -19.06 -42.28
C ASP E 73 -14.38 -18.41 -41.96
N TYR E 74 -14.32 -17.68 -40.85
CA TYR E 74 -13.05 -17.18 -40.33
C TYR E 74 -12.67 -17.85 -39.01
N VAL E 75 -13.63 -18.02 -38.10
CA VAL E 75 -13.31 -18.52 -36.75
C VAL E 75 -13.71 -19.98 -36.67
N ILE E 76 -12.72 -20.80 -36.37
CA ILE E 76 -12.84 -22.23 -36.60
C ILE E 76 -13.11 -22.98 -35.29
N GLY E 77 -14.14 -23.83 -35.30
CA GLY E 77 -14.63 -24.43 -34.03
C GLY E 77 -15.41 -23.38 -33.24
N GLN E 78 -15.67 -23.68 -31.97
CA GLN E 78 -16.47 -22.79 -31.09
C GLN E 78 -17.94 -22.66 -31.52
N GLU E 79 -18.53 -23.72 -32.08
CA GLU E 79 -19.86 -23.60 -32.68
C GLU E 79 -20.95 -23.20 -31.69
N ARG E 80 -21.05 -23.88 -30.54
CA ARG E 80 -22.14 -23.55 -29.59
C ARG E 80 -21.99 -22.14 -29.02
N ALA E 81 -20.75 -21.69 -28.84
CA ALA E 81 -20.49 -20.31 -28.42
C ALA E 81 -20.90 -19.33 -29.53
N LYS E 82 -20.58 -19.64 -30.80
CA LYS E 82 -21.05 -18.78 -31.92
C LYS E 82 -22.57 -18.74 -32.01
N LYS E 83 -23.25 -19.86 -31.77
CA LYS E 83 -24.72 -19.82 -31.66
C LYS E 83 -25.17 -18.92 -30.50
N ALA E 84 -24.52 -19.03 -29.34
CA ALA E 84 -24.96 -18.25 -28.17
C ALA E 84 -24.75 -16.74 -28.36
N LEU E 85 -23.59 -16.34 -28.87
CA LEU E 85 -23.38 -14.91 -29.14
C LEU E 85 -24.31 -14.43 -30.25
N ALA E 86 -24.52 -15.23 -31.30
CA ALA E 86 -25.42 -14.77 -32.35
C ALA E 86 -26.86 -14.64 -31.84
N VAL E 87 -27.29 -15.49 -30.91
CA VAL E 87 -28.60 -15.29 -30.28
C VAL E 87 -28.62 -14.02 -29.45
N ALA E 88 -27.58 -13.75 -28.67
CA ALA E 88 -27.57 -12.46 -27.96
C ALA E 88 -27.53 -11.26 -28.93
N VAL E 89 -26.79 -11.39 -30.04
CA VAL E 89 -26.77 -10.38 -31.11
C VAL E 89 -28.18 -10.17 -31.64
N TYR E 90 -28.88 -11.25 -31.94
CA TYR E 90 -30.25 -11.13 -32.44
C TYR E 90 -31.22 -10.58 -31.39
N ASN E 91 -31.02 -10.89 -30.10
CA ASN E 91 -31.81 -10.24 -29.05
C ASN E 91 -31.56 -8.75 -29.04
N HIS E 92 -30.28 -8.37 -28.93
CA HIS E 92 -29.94 -6.95 -28.84
C HIS E 92 -30.27 -6.18 -30.11
N TYR E 93 -30.18 -6.83 -31.26
CA TYR E 93 -30.64 -6.18 -32.49
C TYR E 93 -32.16 -6.10 -32.55
N LYS E 94 -32.87 -7.19 -32.30
CA LYS E 94 -34.33 -7.13 -32.43
C LYS E 94 -34.96 -6.24 -31.37
N ARG E 95 -34.45 -6.24 -30.13
CA ARG E 95 -35.01 -5.33 -29.10
C ARG E 95 -34.72 -3.83 -29.38
N ILE E 96 -33.88 -3.53 -30.36
CA ILE E 96 -33.79 -2.17 -30.88
C ILE E 96 -34.77 -1.95 -32.04
N ASN E 97 -34.97 -3.00 -32.86
CA ASN E 97 -35.68 -2.83 -34.14
C ASN E 97 -37.18 -2.99 -33.94
N SER E 98 -37.60 -4.19 -33.53
CA SER E 98 -38.87 -4.35 -32.82
C SER E 98 -38.63 -3.85 -31.39
N ASN E 99 -38.60 -2.52 -31.25
CA ASN E 99 -37.95 -1.82 -30.12
C ASN E 99 -38.48 -2.20 -28.71
N GLU E 100 -39.66 -2.82 -28.60
CA GLU E 100 -40.14 -3.50 -27.37
C GLU E 100 -41.05 -4.67 -27.74
N THR E 101 -41.14 -5.66 -26.84
CA THR E 101 -42.03 -6.83 -27.09
C THR E 101 -43.31 -6.82 -26.24
N LYS E 102 -43.36 -6.16 -25.09
CA LYS E 102 -44.49 -6.30 -24.16
C LYS E 102 -45.41 -5.08 -24.12
N GLU E 103 -46.47 -5.21 -23.30
CA GLU E 103 -47.41 -4.12 -23.03
C GLU E 103 -46.74 -2.98 -22.22
N ASP E 104 -47.25 -1.76 -22.38
CA ASP E 104 -46.62 -0.49 -21.92
C ASP E 104 -45.12 -0.39 -22.23
N GLU E 105 -44.65 -1.09 -23.28
CA GLU E 105 -43.25 -1.08 -23.72
C GLU E 105 -42.25 -1.55 -22.64
N VAL E 106 -42.60 -2.60 -21.88
CA VAL E 106 -41.60 -3.29 -21.02
C VAL E 106 -40.53 -3.95 -21.89
N GLU E 107 -39.27 -3.73 -21.54
CA GLU E 107 -38.17 -4.26 -22.33
C GLU E 107 -37.67 -5.59 -21.73
N LEU E 108 -36.67 -6.18 -22.38
CA LEU E 108 -36.15 -7.48 -21.96
C LEU E 108 -35.06 -7.34 -20.87
N SER E 109 -34.54 -8.49 -20.46
CA SER E 109 -33.33 -8.61 -19.60
C SER E 109 -32.04 -8.14 -20.29
N LYS E 110 -30.99 -7.84 -19.52
CA LYS E 110 -29.71 -7.40 -20.14
C LYS E 110 -29.14 -8.42 -21.13
N SER E 111 -29.21 -9.72 -20.82
CA SER E 111 -28.86 -10.81 -21.78
C SER E 111 -27.40 -10.77 -22.29
N ASN E 112 -26.49 -10.15 -21.56
CA ASN E 112 -25.09 -10.07 -22.02
C ASN E 112 -24.35 -11.37 -21.74
N ILE E 113 -23.39 -11.64 -22.64
CA ILE E 113 -22.79 -12.97 -22.78
C ILE E 113 -21.37 -13.00 -22.22
N CYS E 114 -21.13 -13.95 -21.33
CA CYS E 114 -19.84 -14.09 -20.70
C CYS E 114 -19.13 -15.32 -21.26
N LEU E 115 -17.91 -15.14 -21.77
CA LEU E 115 -17.25 -16.21 -22.52
C LEU E 115 -16.14 -16.80 -21.68
N ILE E 116 -16.32 -18.08 -21.35
CA ILE E 116 -15.36 -18.82 -20.55
C ILE E 116 -14.79 -19.97 -21.36
N GLY E 117 -13.46 -20.02 -21.43
CA GLY E 117 -12.79 -21.18 -22.00
C GLY E 117 -11.34 -20.84 -22.36
N PRO E 118 -10.62 -21.81 -22.93
CA PRO E 118 -9.18 -21.70 -23.14
C PRO E 118 -8.79 -20.52 -24.04
N THR E 119 -7.53 -20.13 -23.91
CA THR E 119 -7.00 -19.16 -24.86
C THR E 119 -6.79 -19.80 -26.24
N GLY E 120 -6.47 -18.97 -27.22
CA GLY E 120 -6.13 -19.49 -28.55
C GLY E 120 -7.32 -19.78 -29.44
N SER E 121 -8.51 -19.65 -28.88
CA SER E 121 -9.79 -19.83 -29.55
C SER E 121 -10.15 -18.71 -30.54
N GLY E 122 -9.19 -17.90 -30.99
CA GLY E 122 -9.45 -16.90 -32.03
C GLY E 122 -10.37 -15.74 -31.65
N LYS E 123 -10.43 -15.34 -30.37
CA LYS E 123 -11.42 -14.30 -29.99
C LYS E 123 -11.18 -12.98 -30.71
N THR E 124 -9.93 -12.64 -30.99
CA THR E 124 -9.67 -11.43 -31.78
C THR E 124 -10.30 -11.52 -33.17
N LEU E 125 -10.28 -12.71 -33.77
CA LEU E 125 -10.84 -12.84 -35.10
C LEU E 125 -12.36 -12.72 -35.07
N LEU E 126 -13.05 -13.33 -34.09
CA LEU E 126 -14.50 -13.06 -34.03
C LEU E 126 -14.78 -11.58 -33.71
N ALA E 127 -13.97 -10.97 -32.85
CA ALA E 127 -14.20 -9.57 -32.47
C ALA E 127 -14.10 -8.62 -33.68
N GLN E 128 -13.14 -8.88 -34.55
CA GLN E 128 -13.06 -8.15 -35.83
C GLN E 128 -14.21 -8.51 -36.76
N THR E 129 -14.42 -9.82 -36.95
CA THR E 129 -15.33 -10.32 -37.99
C THR E 129 -16.79 -10.00 -37.69
N LEU E 130 -17.18 -9.90 -36.42
CA LEU E 130 -18.55 -9.49 -36.09
C LEU E 130 -18.85 -8.07 -36.58
N ALA E 131 -17.91 -7.15 -36.41
CA ALA E 131 -18.13 -5.83 -37.01
C ALA E 131 -18.10 -5.91 -38.53
N ARG E 132 -17.24 -6.78 -39.11
CA ARG E 132 -17.22 -6.97 -40.59
C ARG E 132 -18.56 -7.47 -41.12
N ILE E 133 -19.21 -8.39 -40.39
CA ILE E 133 -20.52 -8.92 -40.83
C ILE E 133 -21.62 -7.89 -40.62
N LEU E 134 -21.72 -7.35 -39.40
CA LEU E 134 -22.97 -6.72 -38.96
C LEU E 134 -23.10 -5.22 -39.24
N ASN E 135 -22.04 -4.55 -39.69
CA ASN E 135 -22.05 -3.09 -39.94
C ASN E 135 -22.44 -2.30 -38.67
N VAL E 136 -21.78 -2.66 -37.58
CA VAL E 136 -22.17 -2.20 -36.26
C VAL E 136 -21.02 -1.46 -35.59
N PRO E 137 -21.31 -0.42 -34.80
CA PRO E 137 -20.29 0.15 -33.92
C PRO E 137 -19.72 -0.89 -32.97
N PHE E 138 -18.43 -0.76 -32.72
CA PHE E 138 -17.71 -1.71 -31.86
C PHE E 138 -16.84 -0.96 -30.86
N ALA E 139 -16.51 -1.65 -29.77
CA ALA E 139 -15.57 -1.11 -28.80
C ALA E 139 -14.78 -2.26 -28.16
N ILE E 140 -13.55 -1.97 -27.75
CA ILE E 140 -12.70 -2.96 -27.05
C ILE E 140 -12.41 -2.42 -25.65
N ALA E 141 -12.65 -3.24 -24.63
CA ALA E 141 -12.35 -2.93 -23.24
C ALA E 141 -11.45 -4.02 -22.64
N ASP E 142 -10.64 -3.61 -21.69
CA ASP E 142 -9.88 -4.57 -20.91
C ASP E 142 -10.22 -4.37 -19.44
N ALA E 143 -10.59 -5.45 -18.76
CA ALA E 143 -10.88 -5.34 -17.33
C ALA E 143 -9.65 -4.85 -16.51
N THR E 144 -8.44 -5.22 -16.94
CA THR E 144 -7.28 -4.81 -16.13
C THR E 144 -6.86 -3.35 -16.36
N SER E 145 -7.22 -2.78 -17.52
CA SER E 145 -6.76 -1.44 -17.92
C SER E 145 -7.22 -0.34 -16.94
N LEU E 146 -8.49 -0.32 -16.54
CA LEU E 146 -8.95 0.67 -15.54
C LEU E 146 -9.04 0.10 -14.11
N THR E 147 -8.19 -0.86 -13.76
CA THR E 147 -8.27 -1.44 -12.41
C THR E 147 -8.10 -0.40 -11.29
N GLU E 148 -7.25 0.62 -11.47
CA GLU E 148 -6.94 1.57 -10.38
C GLU E 148 -8.21 2.28 -9.85
N ALA E 149 -8.28 2.36 -8.52
CA ALA E 149 -9.41 3.00 -7.85
C ALA E 149 -9.22 4.54 -7.76
N GLY E 150 -10.25 5.22 -7.25
CA GLY E 150 -10.18 6.68 -7.04
C GLY E 150 -10.56 7.51 -8.26
N TYR E 151 -9.76 7.45 -9.33
CA TYR E 151 -9.96 8.32 -10.50
C TYR E 151 -9.73 7.62 -11.85
N VAL E 152 -9.43 6.32 -11.87
CA VAL E 152 -9.13 5.59 -13.11
C VAL E 152 -10.26 4.63 -13.51
N GLY E 153 -10.81 3.87 -12.54
CA GLY E 153 -11.93 2.94 -12.78
C GLY E 153 -13.15 3.51 -13.52
N GLU E 154 -13.36 4.83 -13.46
CA GLU E 154 -14.46 5.45 -14.18
C GLU E 154 -14.24 5.42 -15.70
N ASP E 155 -12.98 5.41 -16.14
CA ASP E 155 -12.63 5.62 -17.56
C ASP E 155 -12.90 4.37 -18.43
N VAL E 156 -13.57 3.34 -17.90
CA VAL E 156 -14.24 2.41 -18.83
C VAL E 156 -15.36 3.13 -19.57
N GLU E 157 -15.88 4.24 -19.02
CA GLU E 157 -16.72 5.14 -19.80
C GLU E 157 -15.98 5.71 -21.01
N ASN E 158 -14.66 5.77 -21.03
CA ASN E 158 -14.02 6.16 -22.29
C ASN E 158 -14.13 5.06 -23.34
N ILE E 159 -14.34 3.81 -22.93
CA ILE E 159 -14.62 2.73 -23.89
C ILE E 159 -16.07 2.82 -24.39
N LEU E 160 -16.99 3.26 -23.54
CA LEU E 160 -18.34 3.56 -24.04
C LEU E 160 -18.30 4.80 -24.94
N LEU E 161 -17.51 5.79 -24.54
CA LEU E 161 -17.23 6.93 -25.41
C LEU E 161 -16.40 6.52 -26.64
N LYS E 162 -15.75 5.36 -26.63
CA LYS E 162 -15.14 4.81 -27.85
C LYS E 162 -16.18 4.08 -28.71
N LEU E 163 -17.15 3.41 -28.09
CA LEU E 163 -18.29 2.89 -28.86
C LEU E 163 -19.10 4.01 -29.52
N ILE E 164 -19.13 5.21 -28.90
CA ILE E 164 -19.84 6.34 -29.50
C ILE E 164 -18.93 7.07 -30.52
N GLN E 165 -17.63 6.72 -30.59
CA GLN E 165 -16.84 7.06 -31.79
C GLN E 165 -17.15 6.11 -32.95
N SER E 166 -17.33 4.80 -32.69
CA SER E 166 -17.65 3.87 -33.81
C SER E 166 -19.10 4.03 -34.32
N ALA E 167 -19.99 4.61 -33.53
CA ALA E 167 -21.26 5.14 -34.08
C ALA E 167 -21.11 6.51 -34.74
N ASP E 168 -19.93 7.14 -34.61
CA ASP E 168 -19.70 8.57 -34.96
C ASP E 168 -20.75 9.46 -34.28
N TYR E 169 -20.87 9.27 -32.97
CA TYR E 169 -21.80 9.89 -32.03
C TYR E 169 -23.31 9.55 -32.22
N ASP E 170 -23.66 8.62 -33.11
CA ASP E 170 -25.08 8.24 -33.30
C ASP E 170 -25.65 7.44 -32.11
N VAL E 171 -26.71 7.95 -31.48
CA VAL E 171 -27.38 7.24 -30.38
C VAL E 171 -28.01 5.93 -30.84
N GLU E 172 -28.58 5.86 -32.05
CA GLU E 172 -29.19 4.58 -32.45
C GLU E 172 -28.12 3.55 -32.82
N LYS E 173 -27.02 4.01 -33.42
CA LYS E 173 -25.95 3.06 -33.78
C LYS E 173 -25.11 2.65 -32.56
N ALA E 174 -24.79 3.54 -31.61
CA ALA E 174 -24.13 3.04 -30.40
C ALA E 174 -25.12 2.29 -29.50
N GLU E 175 -26.43 2.54 -29.61
CA GLU E 175 -27.41 1.63 -29.01
C GLU E 175 -27.34 0.23 -29.66
N LYS E 176 -27.19 0.14 -30.99
CA LYS E 176 -26.83 -1.15 -31.64
C LYS E 176 -25.39 -1.59 -31.37
N GLY E 177 -24.55 -0.69 -30.87
CA GLY E 177 -23.10 -0.89 -30.75
C GLY E 177 -22.76 -2.01 -29.75
N ILE E 178 -21.57 -2.59 -29.90
CA ILE E 178 -21.17 -3.79 -29.16
C ILE E 178 -19.81 -3.56 -28.53
N ILE E 179 -19.64 -3.98 -27.28
CA ILE E 179 -18.36 -3.74 -26.58
C ILE E 179 -17.74 -5.08 -26.21
N TYR E 180 -16.54 -5.32 -26.69
CA TYR E 180 -15.77 -6.50 -26.28
C TYR E 180 -15.06 -6.23 -24.96
N ILE E 181 -14.97 -7.25 -24.11
CA ILE E 181 -14.19 -7.14 -22.88
C ILE E 181 -13.26 -8.34 -22.76
N ASP E 182 -12.05 -8.07 -22.31
CA ASP E 182 -11.07 -9.14 -22.12
C ASP E 182 -10.58 -9.18 -20.67
N GLN E 183 -9.99 -10.33 -20.32
CA GLN E 183 -9.29 -10.57 -19.05
C GLN E 183 -10.15 -10.50 -17.79
N ILE E 184 -11.44 -10.78 -17.93
CA ILE E 184 -12.33 -10.79 -16.76
C ILE E 184 -11.92 -11.81 -15.69
N ASP E 185 -11.28 -12.91 -16.08
CA ASP E 185 -10.80 -13.89 -15.11
C ASP E 185 -9.71 -13.29 -14.22
N LYS E 186 -8.89 -12.40 -14.79
CA LYS E 186 -7.71 -11.86 -14.08
C LYS E 186 -8.04 -10.95 -12.91
N VAL E 187 -9.30 -10.55 -12.76
CA VAL E 187 -9.73 -9.66 -11.68
C VAL E 187 -10.42 -10.38 -10.54
N ALA E 188 -10.83 -11.63 -10.75
CA ALA E 188 -11.69 -12.36 -9.83
C ALA E 188 -10.93 -12.89 -8.61
N ARG E 189 -11.05 -12.19 -7.47
CA ARG E 189 -10.25 -12.49 -6.27
C ARG E 189 -11.01 -12.99 -5.01
N LYS E 190 -12.10 -13.79 -5.13
CA LYS E 190 -12.64 -14.42 -3.88
C LYS E 190 -11.70 -15.52 -3.36
N THR E 197 -5.75 -6.72 2.99
CA THR E 197 -5.48 -5.37 2.43
C THR E 197 -6.77 -4.88 1.77
N ARG E 198 -6.70 -3.85 0.92
CA ARG E 198 -7.78 -3.59 -0.05
C ARG E 198 -7.65 -4.58 -1.22
N ASP E 199 -7.92 -5.84 -0.91
CA ASP E 199 -7.68 -6.97 -1.83
C ASP E 199 -8.87 -7.23 -2.78
N VAL E 200 -9.90 -7.86 -2.25
CA VAL E 200 -11.05 -8.36 -3.04
C VAL E 200 -11.87 -7.18 -3.55
N SER E 201 -12.03 -7.08 -4.87
CA SER E 201 -12.66 -5.88 -5.47
C SER E 201 -11.93 -4.57 -5.11
N GLY E 202 -10.61 -4.65 -4.83
CA GLY E 202 -9.82 -3.41 -4.57
C GLY E 202 -9.61 -2.59 -5.85
N GLU E 203 -9.88 -3.21 -6.98
CA GLU E 203 -10.10 -2.54 -8.27
C GLU E 203 -11.44 -1.79 -8.33
N GLY E 204 -11.45 -0.63 -8.99
CA GLY E 204 -12.74 0.03 -9.25
C GLY E 204 -13.49 -0.58 -10.43
N VAL E 205 -12.75 -1.13 -11.39
CA VAL E 205 -13.32 -1.65 -12.65
C VAL E 205 -14.41 -2.71 -12.44
N GLN E 206 -14.24 -3.57 -11.44
CA GLN E 206 -15.21 -4.61 -11.17
C GLN E 206 -16.59 -4.04 -10.88
N GLN E 207 -16.66 -2.96 -10.12
CA GLN E 207 -17.94 -2.37 -9.72
C GLN E 207 -18.39 -1.24 -10.65
N ALA E 208 -17.48 -0.72 -11.48
CA ALA E 208 -17.92 0.12 -12.60
C ALA E 208 -18.69 -0.71 -13.64
N LEU E 209 -18.18 -1.92 -13.95
CA LEU E 209 -18.88 -2.77 -14.92
C LEU E 209 -20.19 -3.31 -14.35
N LEU E 210 -20.19 -3.63 -13.06
CA LEU E 210 -21.42 -3.85 -12.30
C LEU E 210 -22.43 -2.75 -12.58
N LYS E 211 -22.05 -1.50 -12.33
CA LYS E 211 -23.03 -0.41 -12.37
C LYS E 211 -23.56 -0.20 -13.79
N ILE E 212 -22.71 -0.35 -14.80
CA ILE E 212 -23.18 -0.10 -16.17
C ILE E 212 -23.95 -1.32 -16.73
N LEU E 213 -23.58 -2.56 -16.35
CA LEU E 213 -24.41 -3.72 -16.72
C LEU E 213 -25.69 -3.82 -15.88
N GLU E 214 -25.76 -3.25 -14.69
CA GLU E 214 -27.10 -3.01 -14.11
C GLU E 214 -27.93 -2.04 -14.96
N GLY E 215 -27.29 -1.26 -15.82
CA GLY E 215 -27.99 -0.37 -16.74
C GLY E 215 -27.98 1.08 -16.27
N THR E 216 -27.35 1.94 -17.05
CA THR E 216 -27.58 3.38 -16.91
C THR E 216 -28.25 3.86 -18.19
N VAL E 217 -29.48 4.36 -18.05
CA VAL E 217 -30.41 4.39 -19.20
C VAL E 217 -30.33 5.71 -19.99
N ALA E 218 -30.35 6.83 -19.25
CA ALA E 218 -30.45 8.18 -19.81
C ALA E 218 -29.77 9.23 -18.91
N SER E 219 -28.66 8.87 -18.25
CA SER E 219 -27.96 9.81 -17.37
C SER E 219 -26.44 9.59 -17.42
N VAL E 220 -25.69 10.65 -17.17
CA VAL E 220 -24.28 10.49 -16.76
C VAL E 220 -24.26 9.99 -15.31
N PRO E 221 -23.40 9.03 -14.92
CA PRO E 221 -23.22 8.66 -13.50
C PRO E 221 -22.82 9.86 -12.63
N GLU E 232 -18.50 14.09 -22.73
CA GLU E 232 -19.50 13.23 -22.06
C GLU E 232 -20.95 13.62 -22.34
N LEU E 233 -21.53 13.04 -23.38
CA LEU E 233 -22.98 13.13 -23.64
C LEU E 233 -23.77 12.06 -22.87
N ILE E 234 -25.08 12.00 -23.16
CA ILE E 234 -25.97 10.99 -22.56
C ILE E 234 -25.47 9.55 -22.81
N GLN E 235 -25.38 8.77 -21.74
CA GLN E 235 -24.99 7.35 -21.89
C GLN E 235 -26.19 6.52 -22.37
N ILE E 236 -25.91 5.34 -22.92
CA ILE E 236 -26.96 4.53 -23.55
C ILE E 236 -27.18 3.24 -22.72
N ASP E 237 -28.45 2.93 -22.49
CA ASP E 237 -28.81 1.71 -21.75
C ASP E 237 -28.16 0.43 -22.31
N THR E 238 -27.62 -0.35 -21.39
CA THR E 238 -26.97 -1.63 -21.74
C THR E 238 -27.95 -2.77 -21.95
N GLY E 239 -29.25 -2.59 -21.71
CA GLY E 239 -30.25 -3.53 -22.26
C GLY E 239 -30.57 -3.26 -23.75
N ASN E 240 -29.55 -2.93 -24.54
CA ASN E 240 -29.61 -2.87 -26.02
C ASN E 240 -28.17 -2.99 -26.56
N ILE E 241 -27.20 -2.49 -25.78
CA ILE E 241 -25.77 -2.70 -26.05
C ILE E 241 -25.34 -4.08 -25.55
N LEU E 242 -24.64 -4.82 -26.41
CA LEU E 242 -24.20 -6.18 -26.08
C LEU E 242 -22.71 -6.18 -25.71
N PHE E 243 -22.39 -6.93 -24.66
CA PHE E 243 -21.04 -6.98 -24.10
C PHE E 243 -20.43 -8.37 -24.35
N ILE E 244 -19.26 -8.41 -25.00
CA ILE E 244 -18.53 -9.68 -25.29
C ILE E 244 -17.55 -9.92 -24.14
N VAL E 245 -18.09 -10.39 -23.03
CA VAL E 245 -17.36 -10.43 -21.76
C VAL E 245 -16.50 -11.68 -21.67
N GLY E 246 -15.28 -11.62 -22.21
CA GLY E 246 -14.38 -12.79 -22.22
C GLY E 246 -13.17 -12.68 -21.28
N GLY E 247 -12.54 -13.83 -21.06
CA GLY E 247 -11.24 -13.91 -20.41
C GLY E 247 -10.45 -15.13 -20.87
N ALA E 248 -9.28 -15.34 -20.26
CA ALA E 248 -8.40 -16.43 -20.72
C ALA E 248 -8.71 -17.79 -20.05
N PHE E 249 -9.18 -17.74 -18.80
CA PHE E 249 -9.76 -18.85 -18.02
C PHE E 249 -8.95 -20.15 -18.05
N ASP E 250 -7.77 -20.10 -17.44
CA ASP E 250 -6.96 -21.32 -17.26
C ASP E 250 -7.39 -22.10 -16.00
N GLY E 251 -7.34 -21.48 -14.82
CA GLY E 251 -7.38 -22.18 -13.52
C GLY E 251 -8.74 -22.70 -13.07
N ILE E 252 -9.62 -22.98 -14.00
CA ILE E 252 -11.01 -23.34 -13.67
C ILE E 252 -11.24 -24.85 -13.62
N GLU E 253 -10.71 -25.59 -14.61
CA GLU E 253 -11.23 -26.93 -14.91
C GLU E 253 -11.07 -27.88 -13.73
N GLN E 254 -9.91 -27.85 -13.08
CA GLN E 254 -9.68 -28.72 -11.92
C GLN E 254 -10.64 -28.39 -10.77
N ILE E 255 -11.02 -27.12 -10.60
CA ILE E 255 -11.92 -26.75 -9.49
C ILE E 255 -13.35 -27.20 -9.78
N VAL E 256 -13.85 -26.91 -10.98
CA VAL E 256 -15.20 -27.41 -11.29
C VAL E 256 -15.20 -28.92 -11.41
N LYS E 257 -14.10 -29.49 -11.90
CA LYS E 257 -14.01 -30.94 -11.84
C LYS E 257 -14.10 -31.40 -10.42
N ASN E 258 -13.37 -30.74 -9.51
CA ASN E 258 -13.45 -31.05 -8.07
C ASN E 258 -14.88 -31.00 -7.53
N ARG E 259 -15.82 -30.30 -8.18
CA ARG E 259 -17.23 -30.42 -7.77
C ARG E 259 -17.69 -31.88 -7.72
N MET E 260 -17.39 -32.69 -8.75
CA MET E 260 -17.40 -34.16 -8.55
C MET E 260 -16.08 -34.69 -7.96
N GLY E 261 -14.98 -34.25 -8.60
CA GLY E 261 -13.55 -34.62 -8.54
C GLY E 261 -12.92 -34.65 -7.16
N GLU E 262 -13.59 -34.01 -6.20
CA GLU E 262 -13.43 -34.24 -4.76
C GLU E 262 -13.55 -35.72 -4.39
N LYS E 263 -14.02 -36.58 -5.32
CA LYS E 263 -13.67 -38.03 -5.28
C LYS E 263 -12.16 -38.15 -5.58
N VAL E 264 -11.32 -37.49 -4.77
CA VAL E 264 -9.95 -37.10 -5.10
C VAL E 264 -8.97 -38.15 -4.58
N ILE E 265 -8.72 -38.15 -3.27
CA ILE E 265 -8.05 -39.24 -2.56
C ILE E 265 -9.09 -40.20 -2.02
N GLY E 266 -10.18 -39.65 -1.49
CA GLY E 266 -11.35 -40.49 -1.24
C GLY E 266 -11.84 -41.14 -2.54
N PHE E 267 -12.49 -42.32 -2.39
CA PHE E 267 -12.99 -43.01 -3.57
C PHE E 267 -14.41 -42.53 -3.96
N GLY E 268 -15.49 -43.11 -3.43
CA GLY E 268 -16.82 -42.46 -3.33
C GLY E 268 -17.61 -42.33 -4.65
N THR E 269 -18.88 -42.75 -4.60
CA THR E 269 -19.86 -42.77 -5.73
C THR E 269 -19.25 -43.15 -7.08
N ASP E 270 -18.57 -44.29 -7.10
CA ASP E 270 -17.91 -44.84 -8.31
C ASP E 270 -16.76 -43.97 -8.86
N ASN E 271 -16.32 -42.95 -8.06
CA ASN E 271 -14.98 -42.27 -8.02
C ASN E 271 -14.14 -41.85 -9.28
N ALA E 272 -14.18 -42.54 -10.44
CA ALA E 272 -13.81 -42.04 -11.78
C ALA E 272 -14.92 -42.29 -12.83
N LYS E 273 -16.12 -42.70 -12.40
CA LYS E 273 -17.33 -42.65 -13.25
C LYS E 273 -17.77 -41.19 -13.48
N LEU E 274 -17.38 -40.62 -14.62
CA LEU E 274 -17.73 -39.20 -14.87
C LEU E 274 -17.74 -38.86 -16.35
N LYS E 275 -16.82 -39.42 -17.15
CA LYS E 275 -16.72 -38.99 -18.57
C LYS E 275 -16.77 -37.47 -18.51
N ASP E 276 -15.91 -36.87 -17.68
CA ASP E 276 -15.97 -35.41 -17.40
C ASP E 276 -15.35 -34.55 -18.50
N ASP E 277 -14.44 -33.64 -18.13
CA ASP E 277 -13.85 -32.69 -19.10
C ASP E 277 -14.95 -31.76 -19.59
N GLU E 278 -15.52 -32.04 -20.76
CA GLU E 278 -16.56 -31.21 -21.38
C GLU E 278 -17.85 -31.23 -20.56
N THR E 279 -18.24 -32.40 -20.07
CA THR E 279 -19.54 -32.54 -19.36
C THR E 279 -19.63 -31.71 -18.07
N TYR E 280 -18.48 -31.40 -17.45
CA TYR E 280 -18.43 -30.36 -16.41
C TYR E 280 -18.22 -28.94 -17.00
N LEU E 281 -17.30 -28.77 -17.94
CA LEU E 281 -17.02 -27.43 -18.52
C LEU E 281 -18.19 -26.83 -19.33
N SER E 282 -19.16 -27.66 -19.69
CA SER E 282 -20.41 -27.22 -20.33
C SER E 282 -21.52 -26.97 -19.31
N ARG E 283 -21.36 -27.46 -18.08
CA ARG E 283 -22.31 -27.27 -16.96
C ARG E 283 -21.62 -26.56 -15.80
N VAL E 284 -20.85 -25.52 -16.13
CA VAL E 284 -20.22 -24.69 -15.10
C VAL E 284 -21.28 -23.81 -14.46
N VAL E 285 -21.58 -24.05 -13.20
CA VAL E 285 -22.59 -23.24 -12.50
C VAL E 285 -21.92 -21.96 -12.00
N PRO E 286 -22.66 -20.88 -11.76
CA PRO E 286 -22.05 -19.66 -11.19
C PRO E 286 -21.30 -19.85 -9.86
N GLU E 287 -21.67 -20.85 -9.07
CA GLU E 287 -20.85 -21.15 -7.87
C GLU E 287 -19.44 -21.62 -8.24
N ASP E 288 -19.24 -22.21 -9.41
CA ASP E 288 -17.88 -22.57 -9.84
C ASP E 288 -17.06 -21.33 -10.20
N LEU E 289 -17.71 -20.31 -10.75
CA LEU E 289 -17.03 -19.03 -10.99
C LEU E 289 -16.75 -18.32 -9.66
N LEU E 290 -17.62 -18.49 -8.67
CA LEU E 290 -17.34 -17.98 -7.32
C LEU E 290 -16.15 -18.73 -6.71
N LYS E 291 -16.09 -20.05 -6.90
CA LYS E 291 -14.88 -20.83 -6.53
C LYS E 291 -13.63 -20.31 -7.24
N PHE E 292 -13.75 -19.95 -8.52
CA PHE E 292 -12.62 -19.33 -9.25
C PHE E 292 -12.30 -17.93 -8.72
N GLY E 293 -13.31 -17.23 -8.22
CA GLY E 293 -13.11 -15.99 -7.47
C GLY E 293 -13.96 -14.81 -7.92
N LEU E 294 -14.97 -15.02 -8.75
CA LEU E 294 -15.77 -13.88 -9.20
C LEU E 294 -16.89 -13.57 -8.18
N ILE E 295 -17.51 -12.39 -8.29
CA ILE E 295 -18.68 -12.09 -7.42
C ILE E 295 -19.87 -12.83 -8.02
N PRO E 296 -20.66 -13.58 -7.26
CA PRO E 296 -21.81 -14.25 -7.88
C PRO E 296 -22.88 -13.26 -8.30
N GLU E 297 -23.07 -12.17 -7.56
CA GLU E 297 -23.94 -11.08 -8.05
C GLU E 297 -23.43 -10.51 -9.38
N PHE E 298 -22.13 -10.52 -9.63
CA PHE E 298 -21.66 -10.08 -10.94
C PHE E 298 -22.14 -11.05 -12.04
N ILE E 299 -22.16 -12.34 -11.73
CA ILE E 299 -22.76 -13.32 -12.64
C ILE E 299 -24.27 -13.10 -12.76
N GLY E 300 -24.90 -12.52 -11.74
CA GLY E 300 -26.29 -12.03 -11.89
C GLY E 300 -26.47 -10.98 -13.01
N ARG E 301 -25.36 -10.36 -13.40
CA ARG E 301 -25.41 -9.41 -14.53
C ARG E 301 -25.13 -10.17 -15.85
N LEU E 302 -24.49 -11.32 -15.74
CA LEU E 302 -24.13 -12.18 -16.87
C LEU E 302 -24.91 -13.48 -16.82
N PRO E 303 -26.21 -13.47 -17.11
CA PRO E 303 -26.92 -14.74 -17.22
C PRO E 303 -26.38 -15.58 -18.38
N VAL E 304 -25.93 -14.99 -19.48
CA VAL E 304 -25.59 -15.80 -20.69
C VAL E 304 -24.15 -16.32 -20.59
N ILE E 305 -24.01 -17.47 -19.95
CA ILE E 305 -22.71 -18.15 -19.80
C ILE E 305 -22.35 -18.94 -21.07
N ALA E 306 -21.30 -18.50 -21.75
CA ALA E 306 -20.77 -19.18 -22.95
C ALA E 306 -19.58 -20.09 -22.61
N THR E 307 -19.66 -21.34 -23.04
CA THR E 307 -18.52 -22.26 -22.92
C THR E 307 -17.87 -22.44 -24.29
N LEU E 308 -16.55 -22.37 -24.31
CA LEU E 308 -15.85 -22.66 -25.55
C LEU E 308 -15.79 -24.16 -25.87
N GLU E 309 -15.70 -24.45 -27.17
CA GLU E 309 -15.08 -25.70 -27.60
C GLU E 309 -13.59 -25.63 -27.24
N GLN E 310 -13.03 -26.74 -26.77
CA GLN E 310 -11.60 -26.76 -26.46
C GLN E 310 -10.76 -26.87 -27.75
N LEU E 311 -9.44 -26.86 -27.55
CA LEU E 311 -8.46 -26.94 -28.63
C LEU E 311 -8.55 -28.30 -29.35
N ASP E 312 -8.69 -28.25 -30.68
CA ASP E 312 -8.84 -29.48 -31.47
C ASP E 312 -7.94 -29.43 -32.71
N GLU E 313 -7.38 -30.57 -33.07
CA GLU E 313 -6.37 -30.58 -34.12
C GLU E 313 -7.00 -30.43 -35.49
N ALA E 314 -8.17 -31.03 -35.71
CA ALA E 314 -8.88 -30.79 -36.97
C ALA E 314 -9.39 -29.35 -37.07
N ALA E 315 -9.67 -28.72 -35.91
CA ALA E 315 -9.90 -27.28 -35.93
C ALA E 315 -8.61 -26.54 -36.28
N LEU E 316 -7.47 -26.91 -35.68
CA LEU E 316 -6.21 -26.21 -35.97
C LEU E 316 -5.79 -26.33 -37.44
N VAL E 317 -5.89 -27.52 -38.04
CA VAL E 317 -5.57 -27.60 -39.48
C VAL E 317 -6.61 -26.89 -40.35
N SER E 318 -7.80 -26.68 -39.81
CA SER E 318 -8.77 -25.86 -40.52
C SER E 318 -8.47 -24.36 -40.31
N ILE E 319 -7.88 -23.95 -39.18
CA ILE E 319 -7.33 -22.58 -39.08
C ILE E 319 -6.20 -22.40 -40.09
N LEU E 320 -5.37 -23.43 -40.25
CA LEU E 320 -4.31 -23.41 -41.28
C LEU E 320 -4.83 -23.38 -42.72
N THR E 321 -6.10 -23.66 -42.99
CA THR E 321 -6.52 -23.82 -44.41
C THR E 321 -7.72 -22.96 -44.79
N GLU E 322 -8.71 -22.82 -43.90
CA GLU E 322 -9.99 -22.20 -44.27
C GLU E 322 -10.02 -20.66 -44.27
N PRO E 323 -9.64 -19.96 -43.20
CA PRO E 323 -9.93 -18.53 -43.11
C PRO E 323 -8.92 -17.70 -43.91
N LYS E 324 -9.25 -16.45 -44.20
CA LYS E 324 -8.33 -15.71 -45.12
C LYS E 324 -7.03 -15.28 -44.43
N ASN E 325 -6.97 -15.36 -43.10
CA ASN E 325 -5.72 -15.27 -42.35
C ASN E 325 -5.05 -16.66 -42.12
N ALA E 326 -5.34 -17.67 -42.94
CA ALA E 326 -4.74 -19.01 -42.78
C ALA E 326 -3.21 -18.98 -42.75
N LEU E 327 -2.63 -19.54 -41.70
CA LEU E 327 -1.20 -19.32 -41.42
C LEU E 327 -0.31 -20.06 -42.43
N VAL E 328 -0.74 -21.21 -42.93
CA VAL E 328 -0.09 -21.78 -44.12
C VAL E 328 -0.10 -20.81 -45.30
N LYS E 329 -1.20 -20.05 -45.49
CA LYS E 329 -1.17 -19.04 -46.56
C LYS E 329 -0.33 -17.84 -46.16
N GLN E 330 -0.27 -17.49 -44.87
CA GLN E 330 0.62 -16.41 -44.45
C GLN E 330 2.08 -16.74 -44.76
N TYR E 331 2.51 -17.95 -44.36
CA TYR E 331 3.87 -18.44 -44.66
C TYR E 331 4.05 -18.66 -46.16
N LYS E 332 3.03 -19.17 -46.87
CA LYS E 332 3.14 -19.26 -48.33
C LYS E 332 3.45 -17.91 -48.94
N ARG E 333 2.55 -16.95 -48.74
CA ARG E 333 2.77 -15.62 -49.35
C ARG E 333 3.98 -14.93 -48.78
N MET E 334 4.41 -15.29 -47.57
CA MET E 334 5.71 -14.82 -47.09
C MET E 334 6.87 -15.37 -47.90
N LEU E 335 6.93 -16.70 -48.09
CA LEU E 335 8.11 -17.30 -48.74
C LEU E 335 8.03 -17.19 -50.27
N GLU E 336 6.85 -16.95 -50.81
CA GLU E 336 6.65 -16.76 -52.26
C GLU E 336 7.40 -15.53 -52.79
N LEU E 337 7.51 -14.47 -51.96
CA LEU E 337 8.34 -13.29 -52.29
C LEU E 337 9.83 -13.66 -52.43
N ASP E 338 10.27 -14.75 -51.81
CA ASP E 338 11.65 -15.27 -51.97
C ASP E 338 11.75 -16.35 -53.05
N ASP E 339 10.74 -16.45 -53.91
CA ASP E 339 10.65 -17.50 -54.96
C ASP E 339 10.66 -18.92 -54.35
N VAL E 340 10.08 -19.08 -53.16
CA VAL E 340 9.89 -20.42 -52.55
C VAL E 340 8.40 -20.64 -52.27
N GLU E 341 7.78 -21.59 -52.95
CA GLU E 341 6.50 -22.10 -52.44
C GLU E 341 6.79 -23.11 -51.32
N LEU E 342 6.34 -22.83 -50.10
CA LEU E 342 6.42 -23.82 -49.03
C LEU E 342 5.18 -24.72 -49.05
N GLU E 343 5.33 -25.97 -49.49
CA GLU E 343 4.17 -26.89 -49.51
C GLU E 343 4.02 -27.60 -48.17
N PHE E 344 2.78 -27.65 -47.69
CA PHE E 344 2.44 -28.30 -46.42
C PHE E 344 1.64 -29.58 -46.69
N GLU E 345 2.11 -30.72 -46.18
CA GLU E 345 1.25 -31.92 -46.23
C GLU E 345 0.18 -31.89 -45.13
N PRO E 346 -1.02 -32.44 -45.39
CA PRO E 346 -2.08 -32.38 -44.38
C PRO E 346 -1.70 -33.18 -43.14
N THR E 347 -1.13 -34.38 -43.28
CA THR E 347 -0.62 -35.05 -42.05
C THR E 347 0.53 -34.28 -41.36
N ALA E 348 1.30 -33.46 -42.06
CA ALA E 348 2.28 -32.63 -41.35
C ALA E 348 1.57 -31.58 -40.49
N LEU E 349 0.53 -30.94 -41.06
CA LEU E 349 -0.36 -30.08 -40.26
C LEU E 349 -1.02 -30.84 -39.11
N ILE E 350 -1.37 -32.12 -39.29
CA ILE E 350 -1.90 -32.91 -38.15
C ILE E 350 -0.85 -33.04 -37.05
N GLU E 351 0.40 -33.34 -37.40
CA GLU E 351 1.42 -33.46 -36.35
C GLU E 351 1.68 -32.13 -35.66
N ILE E 352 1.71 -31.06 -36.44
CA ILE E 352 1.88 -29.71 -35.86
C ILE E 352 0.68 -29.38 -34.96
N ALA E 353 -0.53 -29.67 -35.42
CA ALA E 353 -1.72 -29.41 -34.60
C ALA E 353 -1.69 -30.23 -33.32
N LYS E 354 -1.21 -31.47 -33.38
CA LYS E 354 -1.09 -32.25 -32.14
C LYS E 354 -0.09 -31.64 -31.17
N GLU E 355 1.08 -31.25 -31.66
CA GLU E 355 2.06 -30.59 -30.80
C GLU E 355 1.56 -29.22 -30.27
N ALA E 356 0.75 -28.51 -31.05
CA ALA E 356 0.14 -27.26 -30.54
C ALA E 356 -0.91 -27.53 -29.45
N ILE E 357 -1.66 -28.63 -29.55
CA ILE E 357 -2.56 -29.04 -28.45
C ILE E 357 -1.74 -29.35 -27.20
N GLU E 358 -0.60 -30.02 -27.36
CA GLU E 358 0.26 -30.28 -26.19
C GLU E 358 0.98 -29.02 -25.70
N ARG E 359 1.14 -28.00 -26.55
CA ARG E 359 1.55 -26.66 -26.08
C ARG E 359 0.42 -25.85 -25.44
N LYS E 360 -0.86 -26.25 -25.59
CA LYS E 360 -2.02 -25.72 -24.82
C LYS E 360 -2.36 -24.23 -25.05
N THR E 361 -1.90 -23.63 -26.14
CA THR E 361 -2.18 -22.19 -26.41
C THR E 361 -3.22 -21.96 -27.52
N GLY E 362 -3.88 -23.02 -27.98
CA GLY E 362 -4.68 -22.97 -29.21
C GLY E 362 -3.81 -22.65 -30.42
N ALA E 363 -4.36 -21.90 -31.38
CA ALA E 363 -3.62 -21.62 -32.63
C ALA E 363 -2.40 -20.71 -32.44
N ARG E 364 -2.07 -20.26 -31.23
CA ARG E 364 -0.86 -19.44 -31.09
C ARG E 364 0.39 -20.29 -31.26
N GLY E 365 0.55 -21.30 -30.41
CA GLY E 365 1.74 -22.17 -30.44
C GLY E 365 1.85 -22.98 -31.75
N LEU E 366 0.78 -23.08 -32.50
CA LEU E 366 0.88 -23.52 -33.89
C LEU E 366 1.96 -22.73 -34.67
N ARG E 367 1.92 -21.40 -34.56
CA ARG E 367 2.92 -20.58 -35.26
C ARG E 367 4.31 -20.81 -34.68
N SER E 368 4.40 -21.01 -33.36
CA SER E 368 5.70 -21.35 -32.75
C SER E 368 6.30 -22.62 -33.36
N ILE E 369 5.48 -23.62 -33.63
CA ILE E 369 6.00 -24.87 -34.19
C ILE E 369 6.42 -24.65 -35.62
N ILE E 370 5.55 -24.05 -36.43
CA ILE E 370 5.86 -23.94 -37.86
C ILE E 370 7.06 -23.03 -38.07
N GLU E 371 7.17 -21.95 -37.31
CA GLU E 371 8.37 -21.12 -37.43
C GLU E 371 9.61 -21.80 -36.80
N GLN E 372 9.45 -22.72 -35.83
CA GLN E 372 10.58 -23.61 -35.46
C GLN E 372 11.02 -24.48 -36.64
N ILE E 373 10.09 -24.97 -37.46
CA ILE E 373 10.49 -25.66 -38.70
C ILE E 373 11.17 -24.69 -39.68
N MET E 374 10.52 -23.56 -39.93
CA MET E 374 10.98 -22.65 -40.98
C MET E 374 12.21 -21.81 -40.63
N LEU E 375 12.69 -21.82 -39.39
CA LEU E 375 13.77 -20.92 -38.94
C LEU E 375 15.00 -20.84 -39.86
N GLU E 376 15.79 -21.91 -39.97
CA GLU E 376 16.91 -21.87 -40.96
C GLU E 376 16.42 -21.94 -42.41
N VAL E 377 15.17 -22.33 -42.64
CA VAL E 377 14.62 -22.36 -44.00
C VAL E 377 14.43 -20.94 -44.53
N MET E 378 13.87 -20.07 -43.68
CA MET E 378 13.79 -18.64 -43.93
C MET E 378 15.17 -18.00 -43.90
N PHE E 379 16.04 -18.35 -42.95
CA PHE E 379 17.37 -17.75 -42.94
C PHE E 379 18.14 -18.01 -44.25
N GLU E 380 18.12 -19.25 -44.74
CA GLU E 380 18.73 -19.51 -46.05
C GLU E 380 17.88 -18.98 -47.21
N ILE E 381 16.61 -18.60 -47.01
CA ILE E 381 15.70 -18.42 -48.17
C ILE E 381 16.17 -17.37 -49.18
N PRO E 382 16.69 -16.19 -48.78
CA PRO E 382 17.22 -15.24 -49.79
C PRO E 382 18.32 -15.83 -50.65
N SER E 383 19.12 -16.73 -50.08
CA SER E 383 20.19 -17.41 -50.83
C SER E 383 19.70 -18.70 -51.49
N ARG E 384 18.60 -19.30 -51.01
CA ARG E 384 18.07 -20.54 -51.60
C ARG E 384 17.50 -20.27 -53.00
N ASP E 385 18.01 -21.01 -53.97
CA ASP E 385 17.47 -20.96 -55.35
C ASP E 385 16.37 -22.01 -55.60
N ASP E 386 15.98 -22.76 -54.58
CA ASP E 386 14.93 -23.77 -54.71
C ASP E 386 13.57 -23.12 -55.03
N ILE E 387 12.90 -23.56 -56.10
CA ILE E 387 11.61 -22.96 -56.51
C ILE E 387 10.49 -23.27 -55.51
N THR E 388 10.47 -24.48 -54.96
CA THR E 388 9.49 -24.84 -53.92
C THR E 388 10.15 -25.83 -52.97
N LYS E 389 9.63 -25.90 -51.74
CA LYS E 389 10.08 -26.94 -50.80
C LYS E 389 8.87 -27.51 -50.06
N CYS E 390 8.86 -28.82 -49.88
CA CYS E 390 7.67 -29.48 -49.30
C CYS E 390 7.97 -30.05 -47.90
N ILE E 391 7.06 -29.83 -46.97
CA ILE E 391 7.18 -30.33 -45.59
C ILE E 391 6.49 -31.70 -45.47
N ILE E 392 7.30 -32.74 -45.28
CA ILE E 392 6.82 -34.11 -44.98
C ILE E 392 6.71 -34.29 -43.45
N THR E 393 5.97 -35.32 -43.00
CA THR E 393 5.88 -35.58 -41.53
C THR E 393 7.25 -35.82 -40.86
N GLU E 394 8.25 -36.31 -41.59
CA GLU E 394 9.61 -36.38 -41.01
C GLU E 394 10.16 -34.99 -40.64
N LYS E 395 9.72 -33.94 -41.32
CA LYS E 395 10.04 -32.57 -40.90
C LYS E 395 9.12 -32.17 -39.75
N ALA E 396 7.82 -32.46 -39.88
CA ALA E 396 6.83 -32.00 -38.88
C ALA E 396 7.07 -32.59 -37.48
N ALA E 397 7.09 -33.92 -37.37
CA ALA E 397 7.13 -34.61 -36.07
C ALA E 397 8.50 -34.52 -35.37
N ARG E 398 9.56 -34.11 -36.09
CA ARG E 398 10.96 -34.17 -35.58
C ARG E 398 11.73 -32.86 -35.74
N GLY E 399 11.25 -31.98 -36.62
CA GLY E 399 11.95 -30.76 -37.07
C GLY E 399 13.26 -30.96 -37.85
N GLU E 400 13.84 -32.17 -37.84
CA GLU E 400 15.29 -32.36 -38.08
C GLU E 400 15.78 -32.17 -39.53
N GLU E 401 14.94 -31.77 -40.49
CA GLU E 401 15.42 -31.68 -41.87
C GLU E 401 14.85 -30.48 -42.62
N GLU E 402 15.54 -30.09 -43.69
CA GLU E 402 14.94 -29.09 -44.59
C GLU E 402 13.71 -29.67 -45.33
N PRO E 403 12.69 -28.85 -45.59
CA PRO E 403 11.60 -29.26 -46.49
C PRO E 403 12.15 -29.56 -47.89
N GLN E 404 11.62 -30.60 -48.53
CA GLN E 404 12.35 -31.20 -49.65
C GLN E 404 12.31 -30.32 -50.91
N LEU E 405 13.48 -30.06 -51.48
CA LEU E 405 13.61 -29.06 -52.56
C LEU E 405 13.19 -29.62 -53.93
N GLN E 406 12.22 -28.97 -54.56
CA GLN E 406 11.92 -29.23 -55.97
C GLN E 406 12.39 -28.00 -56.76
N LEU E 407 13.26 -28.21 -57.75
CA LEU E 407 13.85 -27.06 -58.50
C LEU E 407 13.00 -26.62 -59.70
N GLU F 60 -53.39 12.91 0.31
CA GLU F 60 -51.99 13.47 0.26
C GLU F 60 -50.98 12.38 0.69
N VAL F 61 -50.76 12.16 1.98
CA VAL F 61 -49.71 11.19 2.40
C VAL F 61 -50.08 9.76 1.94
N PRO F 62 -49.29 9.11 1.07
CA PRO F 62 -49.57 7.72 0.65
C PRO F 62 -49.47 6.77 1.83
N LYS F 63 -50.45 5.87 1.95
CA LYS F 63 -50.51 5.02 3.16
C LYS F 63 -49.56 3.82 3.00
N PRO F 64 -49.02 3.30 4.09
CA PRO F 64 -48.05 2.19 3.98
C PRO F 64 -48.72 0.95 3.40
N GLN F 65 -50.00 0.74 3.71
CA GLN F 65 -50.72 -0.38 3.10
C GLN F 65 -50.90 -0.16 1.58
N GLU F 66 -51.17 1.06 1.14
CA GLU F 66 -51.23 1.35 -0.31
C GLU F 66 -49.88 1.05 -0.98
N ILE F 67 -48.80 1.62 -0.44
CA ILE F 67 -47.47 1.44 -1.05
C ILE F 67 -47.08 -0.03 -1.10
N ARG F 68 -47.40 -0.78 -0.05
CA ARG F 68 -47.16 -2.22 -0.03
C ARG F 68 -48.02 -2.96 -1.05
N HIS F 69 -49.31 -2.62 -1.16
CA HIS F 69 -50.18 -3.33 -2.11
C HIS F 69 -49.83 -2.99 -3.54
N ILE F 70 -49.50 -1.75 -3.86
CA ILE F 70 -49.06 -1.47 -5.23
C ILE F 70 -47.69 -2.09 -5.49
N LEU F 71 -46.77 -2.04 -4.52
CA LEU F 71 -45.50 -2.76 -4.72
C LEU F 71 -45.69 -4.28 -4.72
N SER F 72 -46.85 -4.80 -4.35
CA SER F 72 -47.15 -6.23 -4.57
C SER F 72 -47.50 -6.55 -6.02
N ASP F 73 -47.76 -5.55 -6.86
CA ASP F 73 -47.92 -5.79 -8.30
C ASP F 73 -46.56 -5.85 -9.00
N TYR F 74 -45.62 -5.04 -8.50
CA TYR F 74 -44.28 -4.89 -9.08
C TYR F 74 -43.27 -5.87 -8.47
N VAL F 75 -43.20 -5.95 -7.14
CA VAL F 75 -42.24 -6.84 -6.46
C VAL F 75 -42.96 -7.90 -5.62
N ILE F 76 -42.73 -9.14 -5.98
CA ILE F 76 -43.51 -10.27 -5.45
C ILE F 76 -42.78 -10.85 -4.24
N GLY F 77 -43.52 -11.17 -3.18
CA GLY F 77 -42.83 -11.56 -1.94
C GLY F 77 -42.12 -10.35 -1.31
N GLN F 78 -41.12 -10.64 -0.46
CA GLN F 78 -40.29 -9.63 0.21
C GLN F 78 -41.08 -8.70 1.15
N GLU F 79 -42.11 -9.26 1.78
CA GLU F 79 -43.07 -8.45 2.57
C GLU F 79 -42.43 -7.73 3.75
N ARG F 80 -41.42 -8.31 4.37
CA ARG F 80 -40.78 -7.62 5.48
C ARG F 80 -40.18 -6.29 5.03
N ALA F 81 -39.31 -6.32 4.02
CA ALA F 81 -38.77 -5.07 3.50
C ALA F 81 -39.88 -4.18 2.91
N LYS F 82 -40.90 -4.77 2.29
CA LYS F 82 -42.02 -3.95 1.78
C LYS F 82 -42.77 -3.21 2.88
N LYS F 83 -42.98 -3.84 4.04
CA LYS F 83 -43.56 -3.08 5.15
C LYS F 83 -42.54 -2.07 5.68
N ALA F 84 -41.25 -2.43 5.70
CA ALA F 84 -40.22 -1.51 6.19
C ALA F 84 -40.17 -0.21 5.37
N LEU F 85 -40.10 -0.33 4.04
CA LEU F 85 -40.11 0.88 3.21
C LEU F 85 -41.46 1.60 3.25
N ALA F 86 -42.56 0.86 3.41
CA ALA F 86 -43.86 1.51 3.47
C ALA F 86 -43.96 2.40 4.69
N VAL F 87 -43.53 1.88 5.85
CA VAL F 87 -43.49 2.66 7.09
C VAL F 87 -42.50 3.81 6.96
N ALA F 88 -41.29 3.53 6.50
CA ALA F 88 -40.29 4.60 6.39
C ALA F 88 -40.77 5.76 5.50
N VAL F 89 -41.22 5.46 4.28
CA VAL F 89 -41.65 6.58 3.42
C VAL F 89 -42.97 7.19 3.92
N TYR F 90 -43.83 6.38 4.55
CA TYR F 90 -45.04 6.96 5.16
C TYR F 90 -44.65 8.02 6.20
N ASN F 91 -43.71 7.69 7.08
CA ASN F 91 -43.20 8.66 8.05
C ASN F 91 -42.46 9.82 7.38
N HIS F 92 -41.71 9.55 6.30
CA HIS F 92 -41.15 10.67 5.55
C HIS F 92 -42.24 11.61 5.04
N TYR F 93 -43.33 11.09 4.51
CA TYR F 93 -44.31 11.99 3.90
C TYR F 93 -45.19 12.62 4.98
N LYS F 94 -45.33 11.99 6.13
CA LYS F 94 -45.84 12.68 7.33
C LYS F 94 -44.95 13.85 7.75
N ARG F 95 -43.63 13.64 7.77
CA ARG F 95 -42.70 14.71 8.17
C ARG F 95 -42.55 15.80 7.10
N ILE F 96 -42.83 15.48 5.83
CA ILE F 96 -42.97 16.52 4.78
C ILE F 96 -44.25 17.34 4.99
N ASN F 97 -45.39 16.66 5.13
CA ASN F 97 -46.69 17.38 5.09
C ASN F 97 -47.01 18.09 6.41
N SER F 98 -46.64 17.54 7.56
CA SER F 98 -46.81 18.27 8.84
C SER F 98 -45.82 19.44 8.95
N ASN F 99 -45.95 20.22 10.02
CA ASN F 99 -44.81 21.00 10.52
C ASN F 99 -43.63 20.04 10.76
N GLU F 100 -43.89 19.02 11.59
CA GLU F 100 -43.05 17.83 11.84
C GLU F 100 -44.01 16.75 12.42
N THR F 101 -43.68 15.44 12.35
CA THR F 101 -44.57 14.44 13.01
C THR F 101 -44.26 14.25 14.53
N LYS F 102 -43.51 15.18 15.13
CA LYS F 102 -43.41 15.39 16.57
C LYS F 102 -43.05 16.86 16.76
N GLU F 103 -43.44 17.47 17.89
CA GLU F 103 -43.18 18.91 18.09
C GLU F 103 -41.69 19.26 18.15
N ASP F 104 -41.44 20.58 18.11
CA ASP F 104 -40.12 21.21 18.20
C ASP F 104 -39.29 20.80 19.43
N GLU F 105 -37.97 20.97 19.30
CA GLU F 105 -36.94 20.45 20.22
C GLU F 105 -36.97 18.92 20.38
N VAL F 106 -37.61 18.21 19.44
CA VAL F 106 -37.37 16.78 19.27
C VAL F 106 -36.88 16.56 17.85
N GLU F 107 -35.65 16.06 17.70
CA GLU F 107 -35.21 15.64 16.36
C GLU F 107 -35.89 14.30 16.04
N LEU F 108 -36.78 14.31 15.07
CA LEU F 108 -37.36 13.05 14.56
C LEU F 108 -36.30 12.17 13.93
N SER F 109 -36.47 10.87 14.13
CA SER F 109 -35.62 9.88 13.46
C SER F 109 -35.62 10.00 11.92
N LYS F 110 -34.45 9.69 11.34
CA LYS F 110 -34.23 9.81 9.89
C LYS F 110 -35.01 8.81 9.05
N SER F 111 -35.53 7.75 9.67
CA SER F 111 -36.36 6.70 9.03
C SER F 111 -35.81 6.25 7.66
N ASN F 112 -34.50 5.99 7.62
CA ASN F 112 -33.82 5.60 6.38
C ASN F 112 -33.27 4.19 6.56
N ILE F 113 -33.28 3.43 5.46
CA ILE F 113 -33.21 1.98 5.51
C ILE F 113 -31.89 1.50 4.96
N CYS F 114 -31.29 0.56 5.68
CA CYS F 114 -30.24 -0.29 5.14
C CYS F 114 -30.82 -1.69 4.94
N LEU F 115 -30.58 -2.26 3.77
CA LEU F 115 -31.20 -3.53 3.38
C LEU F 115 -30.15 -4.59 3.02
N ILE F 116 -30.45 -5.82 3.43
CA ILE F 116 -29.61 -6.99 3.13
C ILE F 116 -30.32 -7.76 2.02
N GLY F 117 -29.66 -7.90 0.87
CA GLY F 117 -30.34 -8.45 -0.31
C GLY F 117 -29.47 -9.43 -1.09
N PRO F 118 -29.93 -10.70 -1.21
CA PRO F 118 -29.25 -11.71 -2.04
C PRO F 118 -29.24 -11.33 -3.52
N THR F 119 -28.68 -12.21 -4.33
CA THR F 119 -28.71 -12.01 -5.78
C THR F 119 -30.11 -12.28 -6.37
N GLY F 120 -30.41 -11.66 -7.50
CA GLY F 120 -31.73 -11.83 -8.18
C GLY F 120 -32.95 -11.30 -7.43
N SER F 121 -32.78 -10.94 -6.16
CA SER F 121 -33.86 -10.62 -5.22
C SER F 121 -34.50 -9.24 -5.43
N GLY F 122 -34.44 -8.71 -6.64
CA GLY F 122 -35.24 -7.53 -6.96
C GLY F 122 -34.75 -6.21 -6.39
N LYS F 123 -33.53 -6.12 -5.88
CA LYS F 123 -33.10 -4.95 -5.11
C LYS F 123 -33.21 -3.67 -5.93
N THR F 124 -32.71 -3.75 -7.15
CA THR F 124 -32.76 -2.66 -8.12
C THR F 124 -34.19 -2.44 -8.62
N LEU F 125 -34.92 -3.53 -8.88
CA LEU F 125 -36.32 -3.42 -9.30
C LEU F 125 -37.17 -2.76 -8.21
N LEU F 126 -36.93 -3.12 -6.94
CA LEU F 126 -37.51 -2.47 -5.76
C LEU F 126 -37.29 -0.96 -5.84
N ALA F 127 -36.04 -0.52 -5.81
CA ALA F 127 -35.82 0.92 -5.73
C ALA F 127 -36.34 1.66 -6.97
N GLN F 128 -36.20 1.05 -8.15
CA GLN F 128 -36.76 1.65 -9.35
C GLN F 128 -38.29 1.75 -9.25
N THR F 129 -38.94 0.64 -8.90
CA THR F 129 -40.42 0.61 -8.84
C THR F 129 -41.00 1.46 -7.72
N LEU F 130 -40.24 1.80 -6.66
CA LEU F 130 -40.71 2.85 -5.76
C LEU F 130 -40.81 4.21 -6.44
N ALA F 131 -39.80 4.55 -7.25
CA ALA F 131 -39.92 5.78 -8.04
C ALA F 131 -41.06 5.68 -9.06
N ARG F 132 -41.24 4.51 -9.70
CA ARG F 132 -42.37 4.31 -10.65
C ARG F 132 -43.74 4.33 -9.98
N ILE F 133 -43.85 3.93 -8.71
CA ILE F 133 -45.15 3.95 -8.01
C ILE F 133 -45.44 5.35 -7.48
N LEU F 134 -44.51 5.92 -6.70
CA LEU F 134 -44.75 7.22 -6.07
C LEU F 134 -44.63 8.39 -7.06
N ASN F 135 -43.92 8.21 -8.18
CA ASN F 135 -43.72 9.26 -9.21
C ASN F 135 -42.94 10.49 -8.70
N VAL F 136 -42.32 10.34 -7.53
CA VAL F 136 -41.47 11.35 -6.88
C VAL F 136 -40.03 11.25 -7.39
N PRO F 137 -39.21 12.28 -7.15
CA PRO F 137 -37.81 12.30 -7.62
C PRO F 137 -36.98 11.12 -7.14
N PHE F 138 -36.01 10.71 -7.96
CA PHE F 138 -35.23 9.52 -7.62
C PHE F 138 -33.74 9.75 -7.85
N ALA F 139 -32.94 9.20 -6.95
CA ALA F 139 -31.49 9.22 -7.05
C ALA F 139 -30.92 7.79 -7.10
N ILE F 140 -30.06 7.56 -8.10
CA ILE F 140 -29.42 6.25 -8.33
C ILE F 140 -27.91 6.41 -8.09
N ALA F 141 -27.34 5.60 -7.20
CA ALA F 141 -25.87 5.53 -7.12
C ALA F 141 -25.43 4.20 -6.48
N ASP F 142 -24.13 4.08 -6.21
CA ASP F 142 -23.60 2.96 -5.43
C ASP F 142 -22.61 3.55 -4.41
N ALA F 143 -22.33 2.76 -3.39
CA ALA F 143 -21.46 3.24 -2.31
C ALA F 143 -19.99 3.28 -2.73
N THR F 144 -19.51 2.32 -3.52
CA THR F 144 -18.05 2.20 -3.62
C THR F 144 -17.44 3.26 -4.54
N SER F 145 -18.21 3.72 -5.54
CA SER F 145 -17.84 4.90 -6.35
C SER F 145 -17.59 6.15 -5.50
N LEU F 146 -18.18 6.25 -4.31
CA LEU F 146 -17.99 7.41 -3.42
C LEU F 146 -16.87 7.20 -2.37
N THR F 147 -16.18 6.07 -2.40
CA THR F 147 -15.32 5.69 -1.25
C THR F 147 -14.10 6.58 -1.02
N GLU F 148 -13.40 7.03 -2.05
CA GLU F 148 -12.10 7.66 -1.82
C GLU F 148 -12.22 9.15 -1.49
N ALA F 149 -11.25 9.62 -0.72
CA ALA F 149 -11.17 11.05 -0.40
C ALA F 149 -10.81 11.91 -1.63
N GLY F 150 -11.15 13.18 -1.51
CA GLY F 150 -10.85 14.21 -2.54
C GLY F 150 -12.02 14.58 -3.44
N TYR F 151 -13.11 13.80 -3.48
CA TYR F 151 -14.26 14.15 -4.33
C TYR F 151 -15.64 13.91 -3.67
N VAL F 152 -15.67 13.49 -2.40
CA VAL F 152 -16.95 13.10 -1.73
C VAL F 152 -17.98 14.24 -1.75
N GLY F 153 -17.60 15.39 -1.18
CA GLY F 153 -18.51 16.56 -1.07
C GLY F 153 -18.84 17.22 -2.42
N GLU F 154 -18.17 16.85 -3.51
CA GLU F 154 -18.53 17.42 -4.83
C GLU F 154 -19.57 16.57 -5.54
N ASP F 155 -19.45 15.25 -5.48
CA ASP F 155 -20.32 14.44 -6.36
C ASP F 155 -21.70 14.17 -5.77
N VAL F 156 -21.84 14.21 -4.44
CA VAL F 156 -23.18 14.13 -3.85
C VAL F 156 -24.01 15.40 -4.19
N GLU F 157 -23.37 16.49 -4.63
CA GLU F 157 -24.14 17.56 -5.27
C GLU F 157 -24.66 17.16 -6.66
N ASN F 158 -23.97 16.27 -7.38
CA ASN F 158 -24.52 15.81 -8.66
C ASN F 158 -25.70 14.87 -8.45
N ILE F 159 -25.68 14.01 -7.42
CA ILE F 159 -26.89 13.21 -7.19
C ILE F 159 -28.05 14.09 -6.66
N LEU F 160 -27.77 15.12 -5.85
CA LEU F 160 -28.84 16.07 -5.50
C LEU F 160 -29.26 16.92 -6.71
N LEU F 161 -28.37 17.16 -7.68
CA LEU F 161 -28.77 17.81 -8.94
C LEU F 161 -29.68 16.88 -9.76
N LYS F 162 -29.41 15.58 -9.75
CA LYS F 162 -30.35 14.63 -10.36
C LYS F 162 -31.68 14.59 -9.60
N LEU F 163 -31.65 14.69 -8.27
CA LEU F 163 -32.90 14.80 -7.50
C LEU F 163 -33.65 16.08 -7.85
N ILE F 164 -32.97 17.22 -7.85
CA ILE F 164 -33.69 18.48 -8.10
C ILE F 164 -34.13 18.59 -9.57
N GLN F 165 -33.38 18.00 -10.52
CA GLN F 165 -33.84 17.89 -11.91
C GLN F 165 -35.07 16.99 -12.02
N SER F 166 -35.06 15.82 -11.36
CA SER F 166 -36.28 14.97 -11.32
C SER F 166 -37.42 15.59 -10.49
N ALA F 167 -37.13 16.58 -9.62
CA ALA F 167 -38.17 17.42 -8.99
C ALA F 167 -38.63 18.62 -9.84
N ASP F 168 -37.98 18.88 -10.98
CA ASP F 168 -38.15 20.15 -11.73
C ASP F 168 -37.94 21.39 -10.83
N TYR F 169 -36.93 21.31 -9.95
CA TYR F 169 -36.53 22.37 -8.99
C TYR F 169 -37.55 22.69 -7.88
N ASP F 170 -38.48 21.78 -7.62
CA ASP F 170 -39.42 21.96 -6.51
C ASP F 170 -38.82 21.53 -5.14
N VAL F 171 -39.09 22.34 -4.12
CA VAL F 171 -38.65 22.05 -2.74
C VAL F 171 -39.37 20.83 -2.15
N GLU F 172 -40.70 20.83 -2.18
CA GLU F 172 -41.47 19.75 -1.55
C GLU F 172 -41.35 18.45 -2.36
N LYS F 173 -41.29 18.54 -3.70
CA LYS F 173 -41.06 17.29 -4.46
C LYS F 173 -39.62 16.77 -4.30
N ALA F 174 -38.60 17.64 -4.26
CA ALA F 174 -37.27 17.07 -3.98
C ALA F 174 -37.15 16.56 -2.53
N GLU F 175 -37.85 17.15 -1.55
CA GLU F 175 -37.97 16.52 -0.23
C GLU F 175 -38.67 15.15 -0.30
N LYS F 176 -39.69 15.02 -1.15
CA LYS F 176 -40.29 13.69 -1.46
C LYS F 176 -39.33 12.76 -2.22
N GLY F 177 -38.15 13.23 -2.63
CA GLY F 177 -37.19 12.41 -3.38
C GLY F 177 -36.74 11.16 -2.62
N ILE F 178 -36.21 10.21 -3.40
CA ILE F 178 -35.66 8.94 -2.90
C ILE F 178 -34.19 8.90 -3.27
N ILE F 179 -33.33 8.47 -2.34
CA ILE F 179 -31.94 8.17 -2.70
C ILE F 179 -31.74 6.66 -2.55
N TYR F 180 -31.29 6.02 -3.63
CA TYR F 180 -30.89 4.61 -3.62
C TYR F 180 -29.38 4.53 -3.83
N ILE F 181 -28.70 3.92 -2.85
CA ILE F 181 -27.27 3.62 -2.95
C ILE F 181 -27.09 2.10 -2.87
N ASP F 182 -26.50 1.50 -3.90
CA ASP F 182 -26.16 0.08 -3.85
C ASP F 182 -24.73 -0.14 -3.31
N GLN F 183 -24.24 -1.37 -3.40
CA GLN F 183 -22.83 -1.74 -3.11
C GLN F 183 -22.34 -1.49 -1.67
N ILE F 184 -23.24 -1.28 -0.71
CA ILE F 184 -22.79 -0.73 0.58
C ILE F 184 -21.88 -1.67 1.37
N ASP F 185 -22.04 -2.99 1.17
CA ASP F 185 -21.19 -3.94 1.90
C ASP F 185 -19.76 -4.03 1.35
N LYS F 186 -19.43 -3.31 0.28
CA LYS F 186 -18.09 -3.41 -0.34
C LYS F 186 -17.25 -2.15 -0.17
N VAL F 187 -17.66 -1.25 0.74
CA VAL F 187 -16.79 -0.13 1.14
C VAL F 187 -15.82 -0.53 2.25
N ALA F 188 -16.33 -1.12 3.33
CA ALA F 188 -15.49 -1.57 4.46
C ALA F 188 -14.79 -2.91 4.13
N ARG F 189 -13.86 -2.83 3.18
CA ARG F 189 -13.17 -4.02 2.69
C ARG F 189 -12.34 -4.69 3.79
N LYS F 190 -12.05 -3.96 4.86
CA LYS F 190 -11.20 -4.43 5.94
C LYS F 190 -11.99 -4.36 7.25
N SER F 191 -11.59 -5.20 8.23
CA SER F 191 -11.98 -4.93 9.63
C SER F 191 -10.94 -4.09 10.41
N ASP F 199 -4.98 3.90 3.98
CA ASP F 199 -6.41 4.28 3.88
C ASP F 199 -6.84 5.33 4.93
N VAL F 200 -5.90 5.97 5.62
CA VAL F 200 -6.25 7.19 6.39
C VAL F 200 -6.70 8.34 5.46
N SER F 201 -6.35 8.29 4.16
CA SER F 201 -7.01 9.11 3.11
C SER F 201 -7.79 8.23 2.11
N GLY F 202 -8.23 7.04 2.55
CA GLY F 202 -8.93 6.02 1.73
C GLY F 202 -10.45 6.11 1.92
N GLU F 203 -11.04 5.07 2.57
CA GLU F 203 -12.50 5.08 2.83
C GLU F 203 -12.90 6.29 3.66
N GLY F 204 -13.48 7.32 3.03
CA GLY F 204 -13.99 8.51 3.74
C GLY F 204 -15.51 8.58 3.85
N VAL F 205 -16.25 7.48 3.70
CA VAL F 205 -17.71 7.64 3.59
C VAL F 205 -18.37 7.97 4.92
N GLN F 206 -18.01 7.25 5.97
CA GLN F 206 -18.96 7.04 7.07
C GLN F 206 -19.38 8.34 7.75
N GLN F 207 -18.42 9.13 8.14
CA GLN F 207 -18.75 10.41 8.74
C GLN F 207 -19.28 11.44 7.73
N ALA F 208 -18.77 11.46 6.50
CA ALA F 208 -19.20 12.53 5.57
C ALA F 208 -20.66 12.33 5.19
N LEU F 209 -20.99 11.08 4.83
CA LEU F 209 -22.35 10.77 4.45
C LEU F 209 -23.25 10.80 5.68
N LEU F 210 -22.73 10.48 6.86
CA LEU F 210 -23.50 10.71 8.07
C LEU F 210 -23.89 12.19 8.20
N LYS F 211 -22.93 13.11 8.11
CA LYS F 211 -23.29 14.54 8.25
C LYS F 211 -24.16 15.03 7.09
N ILE F 212 -23.95 14.51 5.87
CA ILE F 212 -24.81 14.88 4.73
C ILE F 212 -26.28 14.50 5.02
N LEU F 213 -26.50 13.29 5.53
CA LEU F 213 -27.86 12.86 5.87
C LEU F 213 -28.42 13.63 7.08
N GLU F 214 -27.56 14.03 8.03
CA GLU F 214 -28.00 14.95 9.10
C GLU F 214 -28.47 16.31 8.55
N GLY F 215 -27.67 16.96 7.70
CA GLY F 215 -28.17 18.23 7.13
C GLY F 215 -27.26 18.84 6.06
N THR F 216 -27.86 19.26 4.95
CA THR F 216 -27.13 19.97 3.88
C THR F 216 -28.03 21.05 3.23
N VAL F 217 -29.06 21.48 3.95
CA VAL F 217 -30.02 22.44 3.37
C VAL F 217 -29.37 23.77 3.01
N ALA F 218 -29.71 24.27 1.81
CA ALA F 218 -29.24 25.56 1.26
C ALA F 218 -27.70 25.72 1.22
N SER F 219 -26.92 24.64 1.39
CA SER F 219 -25.46 24.76 1.49
C SER F 219 -24.74 23.63 0.76
N VAL F 220 -23.48 23.90 0.41
CA VAL F 220 -22.58 22.81 -0.01
C VAL F 220 -22.54 21.74 1.11
N PRO F 221 -22.50 20.45 0.78
CA PRO F 221 -22.62 19.41 1.82
C PRO F 221 -21.45 19.38 2.77
N PRO F 222 -21.65 18.93 4.02
CA PRO F 222 -20.58 18.80 5.03
C PRO F 222 -19.37 17.95 4.60
N HIS F 230 -20.14 24.40 -9.02
CA HIS F 230 -21.46 24.29 -9.67
C HIS F 230 -22.57 23.87 -8.64
N GLN F 231 -23.81 24.38 -8.84
CA GLN F 231 -25.04 23.95 -8.09
C GLN F 231 -24.98 24.00 -6.54
N GLU F 232 -24.33 25.02 -5.97
CA GLU F 232 -24.07 25.09 -4.52
C GLU F 232 -25.31 24.96 -3.62
N LEU F 233 -26.45 25.41 -4.10
CA LEU F 233 -27.66 25.79 -3.32
C LEU F 233 -28.94 25.05 -3.77
N ILE F 234 -28.86 24.27 -4.84
CA ILE F 234 -30.07 23.73 -5.49
C ILE F 234 -30.70 22.59 -4.65
N GLN F 235 -29.85 21.86 -3.92
CA GLN F 235 -30.17 20.68 -3.09
C GLN F 235 -31.17 20.95 -1.94
N ILE F 236 -31.61 19.85 -1.30
CA ILE F 236 -32.88 19.77 -0.59
C ILE F 236 -32.70 19.00 0.72
N ASP F 237 -33.74 19.01 1.58
CA ASP F 237 -33.66 18.41 2.94
C ASP F 237 -33.48 16.89 2.95
N THR F 238 -32.33 16.45 3.45
CA THR F 238 -32.03 15.02 3.70
C THR F 238 -32.76 14.42 4.92
N GLY F 239 -33.28 15.25 5.82
CA GLY F 239 -34.15 14.73 6.89
C GLY F 239 -35.50 14.23 6.37
N ASN F 240 -35.88 14.56 5.11
CA ASN F 240 -37.17 14.13 4.54
C ASN F 240 -37.04 13.26 3.29
N ILE F 241 -35.89 13.26 2.61
CA ILE F 241 -35.66 12.25 1.57
C ILE F 241 -35.57 10.87 2.21
N LEU F 242 -36.14 9.86 1.55
CA LEU F 242 -35.89 8.47 1.98
C LEU F 242 -34.58 7.99 1.37
N PHE F 243 -33.62 7.69 2.25
CA PHE F 243 -32.39 7.00 1.85
C PHE F 243 -32.61 5.49 2.00
N ILE F 244 -32.61 4.78 0.89
CA ILE F 244 -32.49 3.31 0.90
C ILE F 244 -31.06 2.98 0.46
N VAL F 245 -30.39 2.16 1.27
CA VAL F 245 -29.07 1.64 0.88
C VAL F 245 -29.07 0.12 0.96
N GLY F 246 -28.40 -0.55 0.02
CA GLY F 246 -28.47 -2.02 -0.05
C GLY F 246 -27.13 -2.71 -0.27
N GLY F 247 -27.02 -3.93 0.27
CA GLY F 247 -25.82 -4.77 0.11
C GLY F 247 -26.09 -6.24 0.43
N ALA F 248 -25.10 -7.10 0.18
CA ALA F 248 -25.34 -8.56 0.25
C ALA F 248 -24.91 -9.19 1.60
N PHE F 249 -23.78 -8.78 2.16
CA PHE F 249 -23.34 -9.14 3.53
C PHE F 249 -23.15 -10.67 3.75
N ASP F 250 -22.21 -11.23 3.00
CA ASP F 250 -22.19 -12.69 2.78
C ASP F 250 -21.84 -13.55 4.01
N GLY F 251 -21.32 -12.95 5.08
CA GLY F 251 -21.15 -13.68 6.36
C GLY F 251 -22.47 -13.82 7.16
N ILE F 252 -23.63 -13.67 6.52
CA ILE F 252 -24.95 -13.73 7.16
C ILE F 252 -25.17 -15.01 8.01
N GLU F 253 -24.90 -16.19 7.44
CA GLU F 253 -24.97 -17.47 8.21
C GLU F 253 -23.72 -17.71 9.06
N GLN F 254 -22.76 -16.79 9.02
CA GLN F 254 -21.60 -16.89 9.90
C GLN F 254 -21.89 -16.08 11.15
N ILE F 255 -21.72 -14.77 11.13
CA ILE F 255 -21.66 -14.02 12.40
C ILE F 255 -22.93 -14.16 13.21
N VAL F 256 -24.09 -14.19 12.56
CA VAL F 256 -25.35 -14.44 13.28
C VAL F 256 -25.35 -15.79 13.99
N LYS F 257 -25.00 -16.85 13.26
CA LYS F 257 -25.04 -18.19 13.88
C LYS F 257 -23.92 -18.31 14.91
N ASN F 258 -22.78 -17.69 14.63
CA ASN F 258 -21.60 -17.71 15.49
C ASN F 258 -21.78 -16.88 16.75
N ARG F 259 -22.58 -15.82 16.69
CA ARG F 259 -23.10 -15.16 17.90
C ARG F 259 -23.90 -16.16 18.74
N MET F 260 -24.69 -17.03 18.10
CA MET F 260 -25.28 -18.20 18.78
C MET F 260 -24.31 -19.41 18.90
N GLY F 261 -23.02 -19.23 18.64
CA GLY F 261 -21.96 -20.26 18.81
C GLY F 261 -21.77 -21.24 17.65
N GLU F 262 -22.46 -21.07 16.53
CA GLU F 262 -22.65 -22.21 15.58
C GLU F 262 -21.38 -22.77 14.92
N LYS F 263 -20.40 -21.92 14.57
CA LYS F 263 -19.11 -22.42 14.00
C LYS F 263 -18.40 -23.46 14.88
N VAL F 264 -18.67 -23.46 16.19
CA VAL F 264 -17.85 -24.19 17.17
C VAL F 264 -17.94 -25.70 16.97
N ILE F 265 -16.84 -26.38 17.33
CA ILE F 265 -16.73 -27.85 17.29
C ILE F 265 -17.73 -28.50 18.28
N GLY F 266 -17.83 -27.95 19.49
CA GLY F 266 -18.96 -28.22 20.42
C GLY F 266 -20.25 -27.48 19.98
N PHE F 267 -21.31 -27.60 20.79
CA PHE F 267 -22.68 -27.38 20.25
C PHE F 267 -23.35 -26.10 20.72
N GLY F 268 -22.65 -25.23 21.46
CA GLY F 268 -23.25 -24.02 22.03
C GLY F 268 -24.37 -24.35 23.01
N THR F 269 -25.59 -24.10 22.58
CA THR F 269 -26.80 -24.68 23.18
C THR F 269 -27.61 -25.22 22.00
N ASP F 270 -28.29 -26.36 22.16
CA ASP F 270 -29.05 -26.85 20.99
C ASP F 270 -30.29 -25.99 20.68
N ASN F 271 -30.71 -25.12 21.61
CA ASN F 271 -31.71 -24.09 21.26
C ASN F 271 -31.24 -23.13 20.15
N ALA F 272 -29.92 -23.06 19.90
CA ALA F 272 -29.41 -22.38 18.70
C ALA F 272 -29.84 -23.06 17.37
N LYS F 273 -30.51 -24.23 17.41
CA LYS F 273 -31.30 -24.69 16.25
C LYS F 273 -32.28 -23.62 15.82
N LEU F 274 -33.04 -23.06 16.80
CA LEU F 274 -34.06 -22.01 16.57
C LEU F 274 -35.20 -22.40 15.60
N LYS F 275 -35.04 -23.45 14.76
CA LYS F 275 -36.08 -24.10 13.89
C LYS F 275 -36.80 -23.24 12.84
N ASP F 276 -36.61 -21.92 12.83
CA ASP F 276 -36.95 -21.04 11.71
C ASP F 276 -35.68 -20.35 11.18
N ASP F 277 -35.38 -20.59 9.89
CA ASP F 277 -34.25 -19.96 9.18
C ASP F 277 -34.36 -18.42 9.13
N GLU F 278 -35.59 -17.88 9.13
CA GLU F 278 -35.76 -16.42 9.24
C GLU F 278 -35.10 -15.89 10.52
N THR F 279 -35.03 -16.67 11.59
CA THR F 279 -34.33 -16.22 12.81
C THR F 279 -32.86 -15.88 12.51
N TYR F 280 -32.20 -16.68 11.66
CA TYR F 280 -30.83 -16.39 11.24
C TYR F 280 -30.73 -15.17 10.32
N LEU F 281 -31.72 -14.91 9.47
CA LEU F 281 -31.67 -13.64 8.71
C LEU F 281 -32.05 -12.42 9.55
N SER F 282 -33.15 -12.52 10.29
CA SER F 282 -33.83 -11.36 10.89
C SER F 282 -33.17 -10.88 12.19
N ARG F 283 -32.59 -11.77 13.02
CA ARG F 283 -31.86 -11.32 14.25
C ARG F 283 -30.43 -10.85 13.93
N VAL F 284 -30.26 -10.13 12.81
CA VAL F 284 -29.03 -9.38 12.57
C VAL F 284 -29.02 -8.15 13.46
N VAL F 285 -27.81 -7.73 13.81
CA VAL F 285 -27.57 -6.54 14.62
C VAL F 285 -26.31 -5.87 14.09
N PRO F 286 -26.09 -4.59 14.42
CA PRO F 286 -24.87 -3.91 13.96
C PRO F 286 -23.55 -4.59 14.33
N GLU F 287 -23.54 -5.47 15.35
CA GLU F 287 -22.35 -6.33 15.62
C GLU F 287 -21.88 -7.09 14.37
N ASP F 288 -22.80 -7.58 13.56
CA ASP F 288 -22.42 -8.31 12.34
C ASP F 288 -21.70 -7.41 11.35
N LEU F 289 -22.16 -6.17 11.23
CA LEU F 289 -21.53 -5.23 10.31
C LEU F 289 -20.26 -4.63 10.91
N LEU F 290 -20.19 -4.54 12.24
CA LEU F 290 -18.92 -4.22 12.90
C LEU F 290 -17.89 -5.33 12.64
N LYS F 291 -18.32 -6.60 12.62
CA LYS F 291 -17.41 -7.67 12.15
C LYS F 291 -17.08 -7.48 10.66
N PHE F 292 -18.05 -7.10 9.84
CA PHE F 292 -17.74 -6.63 8.46
C PHE F 292 -16.98 -5.28 8.40
N GLY F 293 -16.60 -4.67 9.52
CA GLY F 293 -15.75 -3.45 9.48
C GLY F 293 -16.52 -2.15 9.22
N LEU F 294 -17.84 -2.22 9.11
CA LEU F 294 -18.65 -1.00 9.09
C LEU F 294 -18.75 -0.45 10.49
N ILE F 295 -18.79 0.86 10.64
CA ILE F 295 -18.75 1.44 11.99
C ILE F 295 -20.18 1.69 12.47
N PRO F 296 -20.59 1.19 13.65
CA PRO F 296 -22.02 1.16 14.03
C PRO F 296 -22.70 2.53 14.07
N GLU F 297 -22.00 3.61 14.42
CA GLU F 297 -22.59 4.97 14.30
C GLU F 297 -23.06 5.29 12.88
N PHE F 298 -22.31 4.82 11.88
CA PHE F 298 -22.68 5.03 10.49
C PHE F 298 -23.88 4.15 10.08
N ILE F 299 -24.10 3.06 10.80
CA ILE F 299 -25.31 2.26 10.67
C ILE F 299 -26.48 2.97 11.39
N GLY F 300 -26.20 3.55 12.56
CA GLY F 300 -27.25 4.15 13.41
C GLY F 300 -28.06 5.25 12.73
N ARG F 301 -27.43 6.07 11.87
CA ARG F 301 -28.19 7.14 11.16
C ARG F 301 -29.24 6.60 10.17
N LEU F 302 -29.17 5.32 9.82
CA LEU F 302 -30.22 4.63 9.06
C LEU F 302 -30.87 3.61 10.00
N PRO F 303 -31.90 4.04 10.74
CA PRO F 303 -32.43 3.25 11.86
C PRO F 303 -33.16 1.99 11.44
N VAL F 304 -33.47 1.83 10.15
CA VAL F 304 -34.32 0.73 9.70
C VAL F 304 -33.43 -0.31 9.03
N ILE F 305 -33.52 -1.55 9.49
CA ILE F 305 -32.76 -2.64 8.87
C ILE F 305 -33.77 -3.60 8.19
N ALA F 306 -33.73 -3.72 6.87
CA ALA F 306 -34.66 -4.60 6.16
C ALA F 306 -33.92 -5.85 5.65
N THR F 307 -34.42 -7.02 5.98
CA THR F 307 -33.79 -8.24 5.46
C THR F 307 -34.71 -8.79 4.36
N LEU F 308 -34.18 -9.02 3.16
CA LEU F 308 -35.02 -9.71 2.18
C LEU F 308 -35.27 -11.17 2.59
N GLU F 309 -36.45 -11.63 2.20
CA GLU F 309 -36.83 -13.05 2.25
C GLU F 309 -35.90 -13.86 1.34
N GLN F 310 -35.56 -15.05 1.81
CA GLN F 310 -34.78 -15.97 0.99
C GLN F 310 -35.60 -16.51 -0.20
N LEU F 311 -34.87 -16.80 -1.27
CA LEU F 311 -35.46 -17.33 -2.51
C LEU F 311 -36.20 -18.65 -2.27
N ASP F 312 -37.30 -18.85 -2.98
CA ASP F 312 -37.99 -20.15 -2.94
C ASP F 312 -38.72 -20.36 -4.28
N GLU F 313 -38.97 -21.61 -4.62
CA GLU F 313 -39.41 -21.94 -5.99
C GLU F 313 -40.78 -21.38 -6.38
N ALA F 314 -41.71 -21.24 -5.42
CA ALA F 314 -42.98 -20.61 -5.77
C ALA F 314 -42.83 -19.08 -5.87
N ALA F 315 -41.97 -18.48 -5.03
CA ALA F 315 -41.62 -17.08 -5.28
C ALA F 315 -40.98 -16.93 -6.66
N LEU F 316 -40.05 -17.83 -7.03
CA LEU F 316 -39.46 -17.80 -8.38
C LEU F 316 -40.50 -17.96 -9.48
N VAL F 317 -41.41 -18.93 -9.36
CA VAL F 317 -42.51 -19.04 -10.33
C VAL F 317 -43.27 -17.73 -10.43
N SER F 318 -43.65 -17.16 -9.31
CA SER F 318 -44.39 -15.89 -9.38
C SER F 318 -43.52 -14.73 -9.88
N ILE F 319 -42.23 -14.67 -9.59
CA ILE F 319 -41.40 -13.57 -10.17
C ILE F 319 -41.20 -13.80 -11.68
N LEU F 320 -41.15 -15.05 -12.11
CA LEU F 320 -41.18 -15.34 -13.55
C LEU F 320 -42.49 -14.89 -14.19
N THR F 321 -43.64 -15.09 -13.50
CA THR F 321 -44.96 -15.07 -14.16
C THR F 321 -45.84 -13.85 -13.84
N GLU F 322 -45.69 -13.23 -12.66
CA GLU F 322 -46.62 -12.17 -12.26
C GLU F 322 -46.25 -10.75 -12.68
N PRO F 323 -45.02 -10.26 -12.45
CA PRO F 323 -44.82 -8.80 -12.36
C PRO F 323 -44.72 -8.13 -13.74
N LYS F 324 -44.54 -6.82 -13.68
CA LYS F 324 -44.46 -6.01 -14.90
C LYS F 324 -43.38 -6.51 -15.88
N ASN F 325 -42.19 -6.88 -15.37
CA ASN F 325 -41.11 -7.48 -16.19
C ASN F 325 -41.10 -9.03 -16.15
N ALA F 326 -42.27 -9.67 -16.02
CA ALA F 326 -42.38 -11.14 -15.98
C ALA F 326 -41.66 -11.82 -17.16
N LEU F 327 -40.57 -12.50 -16.88
CA LEU F 327 -39.64 -12.91 -17.94
C LEU F 327 -40.28 -13.89 -18.93
N VAL F 328 -41.21 -14.71 -18.46
CA VAL F 328 -41.97 -15.57 -19.39
C VAL F 328 -42.68 -14.72 -20.43
N LYS F 329 -43.31 -13.61 -20.02
CA LYS F 329 -43.97 -12.75 -21.01
C LYS F 329 -42.91 -12.11 -21.92
N GLN F 330 -41.74 -11.74 -21.37
CA GLN F 330 -40.69 -11.17 -22.23
C GLN F 330 -40.28 -12.12 -23.34
N TYR F 331 -39.90 -13.35 -22.96
CA TYR F 331 -39.50 -14.34 -23.96
C TYR F 331 -40.68 -14.80 -24.82
N LYS F 332 -41.88 -14.87 -24.24
CA LYS F 332 -43.07 -15.23 -25.03
C LYS F 332 -43.32 -14.19 -26.12
N ARG F 333 -43.24 -12.91 -25.77
CA ARG F 333 -43.38 -11.91 -26.84
C ARG F 333 -42.13 -11.83 -27.71
N MET F 334 -40.94 -12.19 -27.20
CA MET F 334 -39.77 -12.30 -28.10
C MET F 334 -39.99 -13.34 -29.19
N LEU F 335 -40.51 -14.52 -28.83
CA LEU F 335 -40.79 -15.52 -29.88
C LEU F 335 -42.02 -15.11 -30.72
N GLU F 336 -42.96 -14.39 -30.10
CA GLU F 336 -44.10 -13.81 -30.82
C GLU F 336 -43.71 -12.69 -31.79
N LEU F 337 -42.53 -12.07 -31.66
CA LEU F 337 -42.01 -11.19 -32.75
C LEU F 337 -41.83 -11.96 -34.05
N ASP F 338 -41.46 -13.25 -33.96
CA ASP F 338 -41.35 -14.13 -35.13
C ASP F 338 -42.62 -15.00 -35.29
N ASP F 339 -43.70 -14.67 -34.56
CA ASP F 339 -45.01 -15.37 -34.60
C ASP F 339 -44.92 -16.89 -34.37
N VAL F 340 -43.90 -17.35 -33.63
CA VAL F 340 -43.85 -18.76 -33.23
C VAL F 340 -44.27 -18.84 -31.78
N GLU F 341 -45.18 -19.75 -31.51
CA GLU F 341 -45.73 -19.82 -30.16
C GLU F 341 -44.76 -20.58 -29.23
N LEU F 342 -44.59 -20.09 -28.01
CA LEU F 342 -43.80 -20.82 -27.00
C LEU F 342 -44.78 -21.21 -25.90
N GLU F 343 -45.03 -22.51 -25.74
CA GLU F 343 -45.85 -23.00 -24.62
C GLU F 343 -44.93 -23.51 -23.50
N PHE F 344 -45.52 -23.75 -22.34
CA PHE F 344 -44.74 -24.19 -21.18
C PHE F 344 -45.55 -25.17 -20.33
N GLU F 345 -44.84 -26.04 -19.62
CA GLU F 345 -45.47 -26.83 -18.56
C GLU F 345 -45.10 -26.19 -17.22
N PRO F 346 -46.05 -25.70 -16.43
CA PRO F 346 -45.72 -25.11 -15.12
C PRO F 346 -44.92 -26.03 -14.21
N THR F 347 -45.11 -27.36 -14.29
CA THR F 347 -44.23 -28.28 -13.53
C THR F 347 -42.77 -28.18 -13.97
N ALA F 348 -42.53 -27.95 -15.26
CA ALA F 348 -41.17 -27.66 -15.72
C ALA F 348 -40.67 -26.37 -15.10
N LEU F 349 -41.51 -25.33 -15.05
CA LEU F 349 -41.11 -24.08 -14.39
C LEU F 349 -40.81 -24.28 -12.89
N ILE F 350 -41.56 -25.16 -12.22
CA ILE F 350 -41.28 -25.48 -10.82
C ILE F 350 -39.93 -26.20 -10.67
N GLU F 351 -39.60 -27.13 -11.58
CA GLU F 351 -38.27 -27.76 -11.49
C GLU F 351 -37.16 -26.81 -11.94
N ILE F 352 -37.38 -25.96 -12.94
CA ILE F 352 -36.35 -24.94 -13.27
C ILE F 352 -36.16 -23.96 -12.11
N ALA F 353 -37.23 -23.61 -11.40
CA ALA F 353 -37.04 -22.85 -10.16
C ALA F 353 -36.22 -23.64 -9.12
N LYS F 354 -36.43 -24.96 -9.04
CA LYS F 354 -35.56 -25.78 -8.18
C LYS F 354 -34.09 -25.72 -8.64
N GLU F 355 -33.81 -25.77 -9.93
CA GLU F 355 -32.40 -25.63 -10.34
C GLU F 355 -31.86 -24.21 -10.13
N ALA F 356 -32.69 -23.19 -10.26
CA ALA F 356 -32.23 -21.83 -9.93
C ALA F 356 -31.95 -21.68 -8.42
N ILE F 357 -32.72 -22.37 -7.58
CA ILE F 357 -32.37 -22.46 -6.14
C ILE F 357 -31.02 -23.17 -5.95
N GLU F 358 -30.70 -24.18 -6.77
CA GLU F 358 -29.33 -24.73 -6.75
C GLU F 358 -28.29 -23.77 -7.34
N ARG F 359 -28.66 -22.92 -8.30
CA ARG F 359 -27.71 -21.91 -8.82
C ARG F 359 -27.36 -20.82 -7.81
N LYS F 360 -28.28 -20.50 -6.89
CA LYS F 360 -28.09 -19.46 -5.84
C LYS F 360 -27.94 -18.04 -6.41
N THR F 361 -28.67 -17.78 -7.49
CA THR F 361 -28.55 -16.53 -8.28
C THR F 361 -29.84 -15.71 -8.35
N GLY F 362 -30.90 -16.20 -7.72
CA GLY F 362 -32.22 -15.59 -7.85
C GLY F 362 -32.71 -15.42 -9.29
N ALA F 363 -33.62 -14.46 -9.48
CA ALA F 363 -34.28 -14.27 -10.79
C ALA F 363 -33.28 -13.99 -11.93
N ARG F 364 -32.09 -13.50 -11.59
CA ARG F 364 -31.02 -13.30 -12.58
C ARG F 364 -30.55 -14.65 -13.14
N GLY F 365 -30.36 -15.64 -12.29
CA GLY F 365 -30.06 -16.99 -12.84
C GLY F 365 -31.29 -17.75 -13.30
N LEU F 366 -32.49 -17.39 -12.85
CA LEU F 366 -33.70 -18.01 -13.41
C LEU F 366 -33.73 -17.85 -14.92
N ARG F 367 -33.60 -16.61 -15.40
CA ARG F 367 -33.56 -16.40 -16.87
C ARG F 367 -32.32 -17.04 -17.51
N SER F 368 -31.20 -17.16 -16.77
CA SER F 368 -30.04 -17.86 -17.31
C SER F 368 -30.35 -19.33 -17.62
N ILE F 369 -31.20 -19.96 -16.81
CA ILE F 369 -31.54 -21.35 -17.13
C ILE F 369 -32.55 -21.37 -18.28
N ILE F 370 -33.43 -20.37 -18.32
CA ILE F 370 -34.41 -20.24 -19.41
C ILE F 370 -33.71 -20.15 -20.77
N GLU F 371 -32.76 -19.24 -20.91
CA GLU F 371 -32.00 -19.14 -22.15
C GLU F 371 -31.14 -20.40 -22.42
N GLN F 372 -30.60 -21.03 -21.36
CA GLN F 372 -29.85 -22.28 -21.55
C GLN F 372 -30.68 -23.37 -22.24
N ILE F 373 -32.01 -23.29 -22.11
CA ILE F 373 -32.91 -24.19 -22.85
C ILE F 373 -33.18 -23.63 -24.25
N MET F 374 -33.67 -22.39 -24.33
CA MET F 374 -34.17 -21.95 -25.65
C MET F 374 -33.07 -21.53 -26.64
N LEU F 375 -31.79 -21.68 -26.30
CA LEU F 375 -30.70 -21.23 -27.18
C LEU F 375 -30.79 -21.75 -28.62
N GLU F 376 -30.87 -23.07 -28.81
CA GLU F 376 -30.85 -23.60 -30.18
C GLU F 376 -32.13 -23.28 -30.96
N VAL F 377 -33.26 -23.32 -30.27
CA VAL F 377 -34.53 -23.08 -30.96
C VAL F 377 -34.70 -21.62 -31.31
N MET F 378 -34.29 -20.70 -30.42
CA MET F 378 -34.33 -19.28 -30.76
C MET F 378 -33.30 -18.95 -31.84
N PHE F 379 -32.14 -19.62 -31.81
CA PHE F 379 -31.17 -19.56 -32.91
C PHE F 379 -31.80 -20.00 -34.25
N GLU F 380 -32.53 -21.12 -34.27
CA GLU F 380 -33.17 -21.56 -35.52
C GLU F 380 -34.54 -20.92 -35.79
N ILE F 381 -35.12 -20.14 -34.89
CA ILE F 381 -36.49 -19.67 -35.14
C ILE F 381 -36.67 -18.80 -36.39
N PRO F 382 -35.69 -17.98 -36.84
CA PRO F 382 -35.81 -17.31 -38.15
C PRO F 382 -36.14 -18.26 -39.28
N SER F 383 -35.52 -19.45 -39.29
CA SER F 383 -35.65 -20.41 -40.41
C SER F 383 -36.69 -21.51 -40.15
N ARG F 384 -36.87 -21.94 -38.90
CA ARG F 384 -37.75 -23.10 -38.63
C ARG F 384 -39.22 -22.83 -38.98
N ASP F 385 -39.87 -23.86 -39.53
CA ASP F 385 -41.33 -23.83 -39.70
C ASP F 385 -42.08 -24.36 -38.46
N ASP F 386 -41.36 -24.54 -37.34
CA ASP F 386 -41.94 -25.07 -36.10
C ASP F 386 -43.14 -24.27 -35.59
N ILE F 387 -44.27 -24.95 -35.35
CA ILE F 387 -45.51 -24.22 -35.12
C ILE F 387 -45.58 -23.70 -33.70
N THR F 388 -45.41 -24.57 -32.71
CA THR F 388 -45.13 -24.14 -31.35
C THR F 388 -44.06 -25.04 -30.72
N LYS F 389 -43.38 -24.50 -29.71
CA LYS F 389 -42.33 -25.20 -28.94
C LYS F 389 -42.80 -25.23 -27.49
N CYS F 390 -42.84 -26.40 -26.84
CA CYS F 390 -43.28 -26.41 -25.45
C CYS F 390 -42.07 -26.64 -24.54
N ILE F 391 -41.79 -25.69 -23.66
CA ILE F 391 -40.74 -25.90 -22.66
C ILE F 391 -41.31 -26.79 -21.56
N ILE F 392 -40.79 -28.02 -21.47
CA ILE F 392 -41.37 -29.07 -20.62
C ILE F 392 -40.27 -29.73 -19.80
N THR F 393 -40.65 -30.51 -18.76
CA THR F 393 -39.62 -31.08 -17.87
C THR F 393 -38.56 -31.88 -18.64
N GLU F 394 -38.99 -32.70 -19.60
CA GLU F 394 -38.09 -33.54 -20.41
C GLU F 394 -37.27 -32.73 -21.45
N LYS F 395 -37.49 -31.41 -21.56
CA LYS F 395 -36.67 -30.52 -22.42
C LYS F 395 -35.95 -29.43 -21.63
N ALA F 396 -36.53 -29.00 -20.51
CA ALA F 396 -35.97 -27.98 -19.60
C ALA F 396 -35.19 -28.65 -18.46
N ALA F 397 -35.91 -29.32 -17.56
CA ALA F 397 -35.26 -29.86 -16.35
C ALA F 397 -34.32 -31.03 -16.67
N ARG F 398 -34.66 -31.77 -17.73
CA ARG F 398 -33.93 -32.93 -18.27
C ARG F 398 -33.90 -32.85 -19.80
N GLY F 399 -33.13 -33.78 -20.39
CA GLY F 399 -33.06 -33.97 -21.85
C GLY F 399 -32.20 -32.93 -22.58
N GLU F 400 -31.79 -33.30 -23.81
CA GLU F 400 -30.97 -32.41 -24.67
C GLU F 400 -31.56 -32.25 -26.08
N GLU F 401 -32.86 -32.48 -26.24
CA GLU F 401 -33.61 -32.01 -27.39
C GLU F 401 -34.17 -30.61 -27.14
N GLU F 402 -34.60 -29.97 -28.22
CA GLU F 402 -35.29 -28.67 -28.15
C GLU F 402 -36.72 -28.78 -27.55
N PRO F 403 -37.26 -27.70 -26.97
CA PRO F 403 -38.65 -27.70 -26.45
C PRO F 403 -39.69 -28.20 -27.44
N GLN F 404 -40.65 -28.95 -26.91
CA GLN F 404 -41.43 -29.92 -27.70
C GLN F 404 -42.14 -29.28 -28.90
N LEU F 405 -41.78 -29.71 -30.12
CA LEU F 405 -42.53 -29.24 -31.28
C LEU F 405 -43.96 -29.78 -31.24
N GLN F 406 -44.94 -28.87 -31.27
CA GLN F 406 -46.37 -29.20 -31.38
C GLN F 406 -47.02 -28.25 -32.39
N LEU F 407 -48.28 -28.55 -32.70
CA LEU F 407 -49.11 -27.75 -33.63
C LEU F 407 -49.73 -26.54 -32.92
#